data_6VB9
#
_entry.id   6VB9
#
_cell.length_a   75.065
_cell.length_b   129.065
_cell.length_c   167.825
_cell.angle_alpha   90.000
_cell.angle_beta   90.000
_cell.angle_gamma   90.000
#
_symmetry.space_group_name_H-M   'P 21 21 21'
#
loop_
_entity.id
_entity.type
_entity.pdbx_description
1 polymer 'Isocitrate lyase'
2 non-polymer 'MAGNESIUM ION'
3 non-polymer 'OXALIC ACID'
4 non-polymer 'ACETIC ACID'
5 non-polymer DI(HYDROXYETHYL)ETHER
6 water water
#
_entity_poly.entity_id   1
_entity_poly.type   'polypeptide(L)'
_entity_poly.pdbx_seq_one_letter_code
;GSHMSVVGTPKSAEQIQQEWDTNPRWKDVTRTYSAEDVVALQGSVVEEHTLARRGAEVLWEQLHDLEWVNALGALTGNMA
VQQVRAGLKAIYLSGWQVAGDANLSGHTYPDQSLYPANSVPQVVRRINNALQRADQIAKIEGDTSVENWLAPIVADGEAG
FGGALNVYELQKALIAAGVAGSHWEDQLASEKK(QVA)GHLGGKVLIPTQQHIRTLTSARLAADVADVPTVVIARTDAEA
ATLITSDVDERDQPFITGERTREGFYRTKNGIEPCIARAKAYAPFADLIWMETGTPDLEAARQFSEAVKAEYPDQMLAYN
CSPSFNWKKHLDDATIAKFQKELAAMGFKFQFITLAGFHALNYSMFDLAYGYAQNQMSAYVELQEREFAAEERGYTATKH
QREVGAGYFDRIATTVDPNSSTTALTGSTEEGQFH
;
_entity_poly.pdbx_strand_id   A,B,C,D
#
loop_
_chem_comp.id
_chem_comp.type
_chem_comp.name
_chem_comp.formula
ACY non-polymer 'ACETIC ACID' 'C2 H4 O2'
MG non-polymer 'MAGNESIUM ION' 'Mg 2'
OXD non-polymer 'OXALIC ACID' 'C2 H2 O4'
PEG non-polymer DI(HYDROXYETHYL)ETHER 'C4 H10 O3'
#
# COMPACT_ATOMS: atom_id res chain seq x y z
N MET A 4 1.86 -31.95 -12.83
CA MET A 4 0.91 -32.38 -13.85
C MET A 4 -0.37 -31.54 -13.78
N SER A 5 -0.47 -30.54 -14.65
CA SER A 5 -1.64 -29.69 -14.78
C SER A 5 -1.53 -28.95 -16.09
N VAL A 6 -2.67 -28.70 -16.73
CA VAL A 6 -2.67 -27.98 -17.98
C VAL A 6 -3.23 -26.57 -17.85
N VAL A 7 -3.51 -26.13 -16.62
CA VAL A 7 -4.03 -24.78 -16.40
C VAL A 7 -2.95 -23.76 -16.74
N GLY A 8 -3.29 -22.82 -17.63
CA GLY A 8 -2.38 -21.74 -17.99
C GLY A 8 -1.16 -22.14 -18.79
N THR A 9 -1.18 -23.31 -19.43
CA THR A 9 -0.05 -23.73 -20.25
C THR A 9 0.22 -22.70 -21.33
N PRO A 10 1.46 -22.27 -21.53
CA PRO A 10 1.74 -21.28 -22.58
C PRO A 10 1.50 -21.85 -23.97
N LYS A 11 1.15 -20.97 -24.89
CA LYS A 11 1.06 -21.34 -26.29
C LYS A 11 2.45 -21.70 -26.82
N SER A 12 2.47 -22.30 -28.00
CA SER A 12 3.72 -22.53 -28.69
C SER A 12 3.99 -21.36 -29.63
N ALA A 13 5.27 -21.18 -29.98
CA ALA A 13 5.63 -20.06 -30.84
C ALA A 13 4.84 -20.10 -32.14
N GLU A 14 4.52 -21.29 -32.63
CA GLU A 14 3.83 -21.43 -33.91
C GLU A 14 2.41 -20.88 -33.82
N GLN A 15 1.71 -21.20 -32.74
CA GLN A 15 0.39 -20.59 -32.53
C GLN A 15 0.52 -19.07 -32.47
N ILE A 16 1.47 -18.58 -31.68
CA ILE A 16 1.69 -17.13 -31.60
C ILE A 16 1.99 -16.55 -32.97
N GLN A 17 2.87 -17.22 -33.72
CA GLN A 17 3.20 -16.74 -35.06
C GLN A 17 1.96 -16.69 -35.94
N GLN A 18 1.14 -17.75 -35.89
CA GLN A 18 -0.01 -17.82 -36.76
C GLN A 18 -1.03 -16.73 -36.43
N GLU A 19 -1.26 -16.49 -35.13
CA GLU A 19 -2.12 -15.37 -34.75
C GLU A 19 -1.56 -14.05 -35.27
N TRP A 20 -0.24 -13.85 -35.13
CA TRP A 20 0.39 -12.63 -35.64
C TRP A 20 0.17 -12.47 -37.15
N ASP A 21 0.30 -13.57 -37.89
CA ASP A 21 0.19 -13.49 -39.34
C ASP A 21 -1.25 -13.36 -39.83
N THR A 22 -2.23 -13.87 -39.08
CA THR A 22 -3.59 -14.00 -39.59
C THR A 22 -4.60 -13.08 -38.92
N ASN A 23 -4.42 -12.75 -37.65
CA ASN A 23 -5.35 -11.82 -36.99
C ASN A 23 -5.24 -10.42 -37.60
N PRO A 24 -6.34 -9.84 -38.07
CA PRO A 24 -6.29 -8.45 -38.58
C PRO A 24 -5.90 -7.42 -37.52
N ARG A 25 -6.05 -7.75 -36.23
CA ARG A 25 -5.57 -6.89 -35.16
C ARG A 25 -4.14 -6.43 -35.43
N TRP A 26 -3.30 -7.35 -35.93
CA TRP A 26 -1.86 -7.13 -36.09
C TRP A 26 -1.47 -6.78 -37.51
N LYS A 27 -2.40 -6.26 -38.31
CA LYS A 27 -2.20 -5.99 -39.73
C LYS A 27 -0.88 -5.24 -40.00
N ASP A 28 -0.77 -4.01 -39.52
CA ASP A 28 0.42 -3.23 -39.83
C ASP A 28 1.26 -3.01 -38.58
N VAL A 29 1.51 -4.08 -37.82
CA VAL A 29 2.24 -4.01 -36.56
C VAL A 29 3.59 -4.68 -36.77
N THR A 30 4.66 -3.95 -36.52
CA THR A 30 6.01 -4.51 -36.58
C THR A 30 6.41 -5.04 -35.22
N ARG A 31 6.99 -6.24 -35.19
CA ARG A 31 7.65 -6.76 -34.01
C ARG A 31 9.06 -7.15 -34.42
N THR A 32 10.06 -6.55 -33.77
CA THR A 32 11.46 -6.81 -34.09
C THR A 32 12.05 -7.95 -33.27
N TYR A 33 11.22 -8.63 -32.48
CA TYR A 33 11.58 -9.85 -31.79
C TYR A 33 10.73 -10.99 -32.34
N SER A 34 11.06 -12.20 -31.93
CA SER A 34 10.42 -13.41 -32.46
C SER A 34 9.35 -13.93 -31.50
N ALA A 35 8.46 -14.76 -32.05
CA ALA A 35 7.52 -15.51 -31.21
C ALA A 35 8.26 -16.45 -30.26
N GLU A 36 9.38 -17.00 -30.73
CA GLU A 36 10.23 -17.82 -29.86
C GLU A 36 10.72 -17.02 -28.67
N ASP A 37 11.14 -15.76 -28.91
CA ASP A 37 11.59 -14.91 -27.81
C ASP A 37 10.49 -14.74 -26.78
N VAL A 38 9.26 -14.44 -27.23
CA VAL A 38 8.14 -14.24 -26.32
C VAL A 38 7.91 -15.48 -25.47
N VAL A 39 7.89 -16.66 -26.10
CA VAL A 39 7.63 -17.91 -25.36
C VAL A 39 8.69 -18.15 -24.31
N ALA A 40 9.96 -17.90 -24.66
CA ALA A 40 11.06 -18.12 -23.72
C ALA A 40 10.94 -17.26 -22.47
N LEU A 41 10.14 -16.20 -22.50
CA LEU A 41 9.96 -15.32 -21.36
C LEU A 41 8.74 -15.70 -20.52
N GLN A 42 7.95 -16.69 -20.94
CA GLN A 42 6.67 -16.98 -20.31
C GLN A 42 6.72 -18.02 -19.20
N GLY A 43 7.89 -18.56 -18.86
CA GLY A 43 7.86 -19.62 -17.84
C GLY A 43 6.95 -20.78 -18.26
N SER A 44 6.42 -21.50 -17.28
CA SER A 44 5.54 -22.64 -17.58
C SER A 44 4.05 -22.36 -17.35
N VAL A 45 3.69 -21.22 -16.76
CA VAL A 45 2.31 -20.83 -16.53
C VAL A 45 2.15 -19.38 -16.97
N VAL A 46 1.12 -19.11 -17.77
CA VAL A 46 0.76 -17.76 -18.15
C VAL A 46 -0.57 -17.44 -17.48
N GLU A 47 -0.56 -16.47 -16.57
CA GLU A 47 -1.82 -16.06 -15.97
C GLU A 47 -2.71 -15.45 -17.04
N GLU A 48 -3.99 -15.84 -17.03
CA GLU A 48 -4.97 -15.16 -17.85
C GLU A 48 -5.32 -13.81 -17.22
N HIS A 49 -5.37 -12.78 -18.07
CA HIS A 49 -5.71 -11.41 -17.65
C HIS A 49 -7.05 -11.05 -18.30
N THR A 50 -8.14 -11.42 -17.62
CA THR A 50 -9.47 -11.33 -18.23
C THR A 50 -9.84 -9.91 -18.62
N LEU A 51 -9.72 -8.97 -17.67
CA LEU A 51 -10.16 -7.61 -17.98
C LEU A 51 -9.26 -6.95 -19.01
N ALA A 52 -7.96 -7.24 -18.95
CA ALA A 52 -7.03 -6.69 -19.93
C ALA A 52 -7.37 -7.19 -21.33
N ARG A 53 -7.62 -8.50 -21.47
CA ARG A 53 -7.99 -9.05 -22.76
C ARG A 53 -9.32 -8.47 -23.24
N ARG A 54 -10.35 -8.52 -22.39
CA ARG A 54 -11.67 -8.06 -22.83
C ARG A 54 -11.64 -6.57 -23.18
N GLY A 55 -10.98 -5.76 -22.35
CA GLY A 55 -10.96 -4.34 -22.61
C GLY A 55 -10.18 -3.97 -23.85
N ALA A 56 -9.05 -4.66 -24.09
CA ALA A 56 -8.29 -4.39 -25.31
C ALA A 56 -9.11 -4.75 -26.55
N GLU A 57 -9.80 -5.89 -26.52
CA GLU A 57 -10.62 -6.28 -27.65
C GLU A 57 -11.76 -5.28 -27.87
N VAL A 58 -12.47 -4.93 -26.80
CA VAL A 58 -13.56 -3.95 -26.92
C VAL A 58 -13.04 -2.62 -27.45
N LEU A 59 -11.93 -2.14 -26.90
CA LEU A 59 -11.36 -0.87 -27.35
C LEU A 59 -11.07 -0.90 -28.85
N TRP A 60 -10.37 -1.95 -29.30
CA TRP A 60 -10.03 -2.08 -30.71
C TRP A 60 -11.28 -2.03 -31.59
N GLU A 61 -12.28 -2.84 -31.27
CA GLU A 61 -13.50 -2.84 -32.06
C GLU A 61 -14.19 -1.48 -32.05
N GLN A 62 -14.23 -0.81 -30.89
CA GLN A 62 -14.86 0.50 -30.85
C GLN A 62 -14.12 1.51 -31.74
N LEU A 63 -12.79 1.42 -31.79
CA LEU A 63 -12.02 2.35 -32.59
C LEU A 63 -12.37 2.23 -34.08
N HIS A 64 -12.88 1.06 -34.48
CA HIS A 64 -13.23 0.79 -35.88
C HIS A 64 -14.72 0.83 -36.13
N ASP A 65 -15.55 0.74 -35.10
CA ASP A 65 -17.00 0.73 -35.26
C ASP A 65 -17.64 2.10 -35.04
N LEU A 66 -17.05 2.96 -34.23
CA LEU A 66 -17.66 4.24 -33.93
C LEU A 66 -16.96 5.35 -34.71
N GLU A 67 -17.67 6.47 -34.87
CA GLU A 67 -17.09 7.64 -35.52
C GLU A 67 -15.83 8.10 -34.82
N TRP A 68 -15.86 8.15 -33.48
CA TRP A 68 -14.66 8.18 -32.67
C TRP A 68 -15.00 7.70 -31.25
N VAL A 69 -13.95 7.48 -30.47
CA VAL A 69 -14.07 7.12 -29.06
C VAL A 69 -13.60 8.31 -28.24
N ASN A 70 -14.44 8.80 -27.34
CA ASN A 70 -13.99 9.88 -26.48
C ASN A 70 -14.12 9.46 -25.02
N ALA A 71 -13.44 10.22 -24.17
CA ALA A 71 -13.26 9.83 -22.78
C ALA A 71 -12.89 11.07 -21.99
N LEU A 72 -13.10 10.96 -20.68
CA LEU A 72 -12.71 11.96 -19.70
C LEU A 72 -11.72 11.31 -18.72
N GLY A 73 -10.80 12.12 -18.21
CA GLY A 73 -9.85 11.62 -17.22
C GLY A 73 -10.57 11.24 -15.93
N ALA A 74 -10.24 10.06 -15.39
CA ALA A 74 -10.85 9.58 -14.15
C ALA A 74 -9.75 9.27 -13.15
N LEU A 75 -9.91 9.77 -11.92
CA LEU A 75 -8.93 9.49 -10.87
C LEU A 75 -9.50 8.76 -9.66
N THR A 76 -10.82 8.49 -9.63
CA THR A 76 -11.40 7.62 -8.62
C THR A 76 -12.32 6.63 -9.30
N GLY A 77 -12.61 5.52 -8.62
CA GLY A 77 -13.53 4.53 -9.16
C GLY A 77 -14.91 5.09 -9.42
N ASN A 78 -15.46 5.84 -8.45
CA ASN A 78 -16.79 6.44 -8.63
C ASN A 78 -16.84 7.31 -9.88
N MET A 79 -15.77 8.07 -10.15
CA MET A 79 -15.72 8.91 -11.35
C MET A 79 -15.98 8.10 -12.62
N ALA A 80 -15.26 6.98 -12.77
CA ALA A 80 -15.42 6.16 -13.96
C ALA A 80 -16.82 5.58 -14.06
N VAL A 81 -17.40 5.19 -12.93
CA VAL A 81 -18.77 4.68 -12.93
C VAL A 81 -19.73 5.72 -13.49
N GLN A 82 -19.60 6.96 -13.01
CA GLN A 82 -20.48 8.03 -13.49
C GLN A 82 -20.26 8.32 -14.97
N GLN A 83 -19.04 8.14 -15.47
CA GLN A 83 -18.76 8.34 -16.90
C GLN A 83 -19.47 7.29 -17.76
N VAL A 84 -19.46 6.04 -17.30
CA VAL A 84 -20.12 4.96 -18.03
C VAL A 84 -21.64 5.06 -17.89
N ARG A 85 -22.10 5.42 -16.69
CA ARG A 85 -23.53 5.64 -16.47
C ARG A 85 -24.06 6.76 -17.36
N ALA A 86 -23.25 7.79 -17.62
CA ALA A 86 -23.67 8.89 -18.47
C ALA A 86 -23.49 8.61 -19.95
N GLY A 87 -23.02 7.42 -20.32
CA GLY A 87 -22.99 7.02 -21.71
C GLY A 87 -21.62 6.97 -22.37
N LEU A 88 -20.55 7.37 -21.70
CA LEU A 88 -19.23 7.27 -22.34
C LEU A 88 -18.83 5.80 -22.46
N LYS A 89 -17.96 5.51 -23.43
CA LYS A 89 -17.63 4.12 -23.74
C LYS A 89 -16.17 3.78 -23.48
N ALA A 90 -15.41 4.69 -22.89
CA ALA A 90 -14.04 4.39 -22.52
C ALA A 90 -13.64 5.31 -21.37
N ILE A 91 -12.69 4.85 -20.57
CA ILE A 91 -12.13 5.62 -19.47
C ILE A 91 -10.73 6.07 -19.85
N TYR A 92 -10.41 7.33 -19.55
CA TYR A 92 -9.05 7.82 -19.70
C TYR A 92 -8.43 7.95 -18.31
N LEU A 93 -7.27 7.33 -18.12
CA LEU A 93 -6.58 7.33 -16.82
C LEU A 93 -5.37 8.27 -16.92
N SER A 94 -5.54 9.50 -16.43
CA SER A 94 -4.53 10.54 -16.55
C SER A 94 -3.44 10.37 -15.51
N GLY A 95 -2.18 10.36 -15.96
CA GLY A 95 -1.06 10.38 -15.04
C GLY A 95 -0.88 11.71 -14.35
N TRP A 96 -1.21 12.81 -15.03
CA TRP A 96 -1.26 14.12 -14.38
C TRP A 96 -2.15 14.08 -13.15
N GLN A 97 -3.37 13.55 -13.30
CA GLN A 97 -4.34 13.53 -12.21
C GLN A 97 -3.87 12.62 -11.07
N VAL A 98 -3.22 11.51 -11.42
CA VAL A 98 -2.67 10.63 -10.40
C VAL A 98 -1.60 11.37 -9.58
N ALA A 99 -0.71 12.11 -10.26
CA ALA A 99 0.28 12.93 -9.54
C ALA A 99 -0.39 13.97 -8.66
N GLY A 100 -1.47 14.59 -9.15
CA GLY A 100 -2.13 15.66 -8.40
C GLY A 100 -2.91 15.21 -7.18
N ASP A 101 -3.50 14.01 -7.22
CA ASP A 101 -4.50 13.70 -6.20
C ASP A 101 -4.78 12.22 -6.03
N ALA A 102 -4.00 11.32 -6.66
CA ALA A 102 -4.32 9.90 -6.51
C ALA A 102 -3.10 9.00 -6.69
N ASN A 103 -1.96 9.31 -6.04
CA ASN A 103 -0.80 8.45 -6.16
C ASN A 103 -0.35 7.91 -4.80
N LEU A 104 0.50 6.86 -4.85
CA LEU A 104 0.84 6.02 -3.71
C LEU A 104 1.86 6.66 -2.76
N SER A 105 2.46 7.80 -3.13
CA SER A 105 3.22 8.58 -2.16
C SER A 105 2.32 9.26 -1.15
N GLY A 106 1.05 9.48 -1.48
CA GLY A 106 0.17 10.27 -0.66
C GLY A 106 0.35 11.77 -0.80
N HIS A 107 1.29 12.23 -1.62
CA HIS A 107 1.58 13.66 -1.80
C HIS A 107 0.94 14.21 -3.06
N THR A 108 0.68 15.52 -3.05
CA THR A 108 0.28 16.27 -4.24
C THR A 108 1.51 16.64 -5.05
N TYR A 109 1.55 16.28 -6.33
CA TYR A 109 2.72 16.51 -7.19
C TYR A 109 2.33 17.13 -8.52
N PRO A 110 3.18 18.01 -9.07
CA PRO A 110 3.07 18.37 -10.49
C PRO A 110 3.45 17.19 -11.37
N ASP A 111 3.20 17.35 -12.66
CA ASP A 111 3.19 16.21 -13.58
C ASP A 111 4.61 15.99 -14.11
N GLN A 112 5.45 15.38 -13.26
CA GLN A 112 6.88 15.28 -13.54
C GLN A 112 7.44 13.91 -13.18
N SER A 113 6.59 12.87 -13.16
CA SER A 113 6.99 11.51 -12.86
C SER A 113 7.65 11.41 -11.48
N LEU A 114 7.08 12.12 -10.52
CA LEU A 114 7.58 12.11 -9.16
C LEU A 114 7.01 10.98 -8.32
N TYR A 115 5.84 10.45 -8.67
CA TYR A 115 5.18 9.50 -7.79
C TYR A 115 5.68 8.09 -8.03
N PRO A 116 5.42 7.14 -7.12
CA PRO A 116 5.91 5.76 -7.31
C PRO A 116 5.27 5.08 -8.53
N ALA A 117 6.10 4.31 -9.25
CA ALA A 117 5.77 3.85 -10.60
C ALA A 117 4.63 2.85 -10.66
N ASN A 118 4.22 2.26 -9.54
CA ASN A 118 3.05 1.39 -9.57
C ASN A 118 1.75 2.15 -9.29
N SER A 119 1.76 3.50 -9.35
CA SER A 119 0.58 4.25 -8.92
C SER A 119 -0.55 4.15 -9.95
N VAL A 120 -0.23 4.37 -11.22
CA VAL A 120 -1.26 4.25 -12.26
C VAL A 120 -1.82 2.84 -12.32
N PRO A 121 -1.01 1.76 -12.27
CA PRO A 121 -1.61 0.41 -12.19
C PRO A 121 -2.64 0.23 -11.09
N GLN A 122 -2.34 0.67 -9.86
CA GLN A 122 -3.31 0.64 -8.78
C GLN A 122 -4.60 1.37 -9.14
N VAL A 123 -4.52 2.51 -9.82
CA VAL A 123 -5.77 3.18 -10.16
C VAL A 123 -6.51 2.42 -11.27
N VAL A 124 -5.77 1.78 -12.19
CA VAL A 124 -6.44 0.90 -13.15
C VAL A 124 -7.24 -0.17 -12.42
N ARG A 125 -6.61 -0.86 -11.48
CA ARG A 125 -7.27 -1.93 -10.76
C ARG A 125 -8.47 -1.39 -9.99
N ARG A 126 -8.31 -0.21 -9.40
CA ARG A 126 -9.42 0.43 -8.67
C ARG A 126 -10.60 0.70 -9.60
N ILE A 127 -10.34 1.31 -10.76
CA ILE A 127 -11.41 1.66 -11.67
C ILE A 127 -12.14 0.42 -12.13
N ASN A 128 -11.39 -0.64 -12.46
CA ASN A 128 -12.02 -1.90 -12.84
C ASN A 128 -12.87 -2.46 -11.70
N ASN A 129 -12.39 -2.36 -10.44
CA ASN A 129 -13.18 -2.84 -9.30
C ASN A 129 -14.50 -2.08 -9.18
N ALA A 130 -14.46 -0.76 -9.42
CA ALA A 130 -15.65 0.06 -9.31
C ALA A 130 -16.62 -0.25 -10.43
N LEU A 131 -16.11 -0.42 -11.65
CA LEU A 131 -16.98 -0.82 -12.75
C LEU A 131 -17.53 -2.21 -12.53
N GLN A 132 -16.74 -3.11 -11.93
CA GLN A 132 -17.29 -4.43 -11.66
C GLN A 132 -18.40 -4.36 -10.62
N ARG A 133 -18.26 -3.48 -9.64
CA ARG A 133 -19.32 -3.35 -8.65
C ARG A 133 -20.60 -2.82 -9.29
N ALA A 134 -20.49 -1.80 -10.15
CA ALA A 134 -21.65 -1.29 -10.87
C ALA A 134 -22.29 -2.38 -11.72
N ASP A 135 -21.45 -3.16 -12.39
CA ASP A 135 -21.91 -4.32 -13.14
C ASP A 135 -22.70 -5.29 -12.25
N GLN A 136 -22.12 -5.64 -11.10
CA GLN A 136 -22.78 -6.58 -10.18
C GLN A 136 -24.11 -6.03 -9.68
N ILE A 137 -24.12 -4.75 -9.31
CA ILE A 137 -25.35 -4.15 -8.83
C ILE A 137 -26.40 -4.16 -9.94
N ALA A 138 -26.01 -3.78 -11.16
CA ALA A 138 -26.97 -3.72 -12.26
C ALA A 138 -27.64 -5.06 -12.45
N LYS A 139 -26.87 -6.13 -12.40
CA LYS A 139 -27.44 -7.46 -12.56
C LYS A 139 -28.50 -7.75 -11.52
N ILE A 140 -28.19 -7.56 -10.23
CA ILE A 140 -29.20 -7.91 -9.25
C ILE A 140 -30.38 -6.95 -9.28
N GLU A 141 -30.20 -5.74 -9.81
CA GLU A 141 -31.28 -4.77 -9.96
C GLU A 141 -32.05 -4.93 -11.27
N GLY A 142 -31.62 -5.83 -12.16
CA GLY A 142 -32.25 -5.93 -13.46
C GLY A 142 -32.10 -4.68 -14.30
N ASP A 143 -31.04 -3.89 -14.07
CA ASP A 143 -30.81 -2.64 -14.78
C ASP A 143 -30.06 -2.96 -16.08
N THR A 144 -30.73 -2.75 -17.22
CA THR A 144 -30.12 -2.99 -18.51
C THR A 144 -29.78 -1.68 -19.23
N SER A 145 -29.89 -0.56 -18.53
CA SER A 145 -29.72 0.75 -19.14
C SER A 145 -28.29 1.02 -19.57
N VAL A 146 -27.32 0.24 -19.10
CA VAL A 146 -25.93 0.35 -19.53
C VAL A 146 -25.52 -1.00 -20.08
N GLU A 147 -25.19 -1.05 -21.37
CA GLU A 147 -24.92 -2.32 -22.02
C GLU A 147 -23.55 -2.89 -21.66
N ASN A 148 -22.54 -2.05 -21.42
CA ASN A 148 -21.22 -2.55 -21.02
C ASN A 148 -20.66 -1.66 -19.92
N TRP A 149 -20.70 -2.17 -18.68
CA TRP A 149 -20.13 -1.45 -17.56
C TRP A 149 -18.61 -1.46 -17.58
N LEU A 150 -18.00 -2.54 -18.07
CA LEU A 150 -16.56 -2.64 -18.11
C LEU A 150 -16.04 -1.93 -19.38
N ALA A 151 -16.08 -0.61 -19.32
CA ALA A 151 -15.55 0.18 -20.42
C ALA A 151 -14.02 0.07 -20.45
N PRO A 152 -13.41 0.06 -21.64
CA PRO A 152 -11.94 0.01 -21.73
C PRO A 152 -11.29 1.22 -21.08
N ILE A 153 -10.19 0.96 -20.39
CA ILE A 153 -9.38 1.96 -19.71
C ILE A 153 -8.13 2.21 -20.55
N VAL A 154 -7.87 3.48 -20.87
CA VAL A 154 -6.63 3.87 -21.53
C VAL A 154 -5.80 4.63 -20.49
N ALA A 155 -4.60 4.14 -20.19
CA ALA A 155 -3.84 4.63 -19.05
C ALA A 155 -2.48 5.16 -19.47
N ASP A 156 -1.96 6.03 -18.62
CA ASP A 156 -0.77 6.83 -18.87
C ASP A 156 0.46 6.10 -18.33
N GLY A 157 1.31 5.62 -19.23
CA GLY A 157 2.61 5.06 -18.89
C GLY A 157 3.76 6.05 -18.90
N GLU A 158 3.45 7.34 -19.12
CA GLU A 158 4.38 8.50 -19.03
C GLU A 158 5.62 8.24 -19.87
N ALA A 159 6.82 8.43 -19.34
CA ALA A 159 8.06 8.15 -20.06
C ALA A 159 8.70 6.87 -19.57
N GLY A 160 7.90 5.99 -18.98
CA GLY A 160 8.35 4.68 -18.56
C GLY A 160 9.06 4.61 -17.23
N PHE A 161 9.30 5.75 -16.57
CA PHE A 161 9.97 5.77 -15.27
C PHE A 161 11.36 5.14 -15.31
N GLY A 162 12.03 5.20 -16.46
CA GLY A 162 13.40 4.74 -16.54
C GLY A 162 13.76 4.19 -17.90
N GLY A 163 14.41 3.03 -17.93
CA GLY A 163 14.78 2.38 -19.18
C GLY A 163 13.70 1.46 -19.71
N ALA A 164 14.10 0.65 -20.69
CA ALA A 164 13.19 -0.31 -21.29
C ALA A 164 12.62 -1.28 -20.27
N LEU A 165 13.38 -1.59 -19.22
CA LEU A 165 12.92 -2.56 -18.22
C LEU A 165 11.87 -1.95 -17.31
N ASN A 166 12.03 -0.66 -16.97
CA ASN A 166 10.99 0.02 -16.20
C ASN A 166 9.71 0.14 -17.03
N VAL A 167 9.86 0.42 -18.32
CA VAL A 167 8.71 0.41 -19.24
C VAL A 167 8.05 -0.96 -19.24
N TYR A 168 8.85 -2.01 -19.35
CA TYR A 168 8.28 -3.35 -19.40
C TYR A 168 7.50 -3.66 -18.14
N GLU A 169 8.03 -3.30 -16.97
CA GLU A 169 7.34 -3.61 -15.73
C GLU A 169 6.09 -2.75 -15.55
N LEU A 170 6.11 -1.50 -16.00
CA LEU A 170 4.89 -0.70 -15.89
C LEU A 170 3.80 -1.26 -16.78
N GLN A 171 4.13 -1.67 -18.01
CA GLN A 171 3.14 -2.23 -18.90
C GLN A 171 2.58 -3.54 -18.35
N LYS A 172 3.46 -4.35 -17.75
CA LYS A 172 3.03 -5.61 -17.16
C LYS A 172 2.07 -5.36 -16.00
N ALA A 173 2.38 -4.41 -15.13
CA ALA A 173 1.48 -4.09 -14.02
C ALA A 173 0.17 -3.49 -14.51
N LEU A 174 0.21 -2.66 -15.55
CA LEU A 174 -1.03 -2.11 -16.10
C LEU A 174 -1.92 -3.23 -16.61
N ILE A 175 -1.33 -4.19 -17.33
CA ILE A 175 -2.08 -5.33 -17.84
C ILE A 175 -2.64 -6.16 -16.70
N ALA A 176 -1.83 -6.41 -15.67
CA ALA A 176 -2.31 -7.22 -14.55
C ALA A 176 -3.51 -6.55 -13.88
N ALA A 177 -3.55 -5.22 -13.89
CA ALA A 177 -4.64 -4.47 -13.30
C ALA A 177 -5.86 -4.41 -14.21
N GLY A 178 -5.72 -4.84 -15.47
CA GLY A 178 -6.84 -4.89 -16.40
C GLY A 178 -6.93 -3.76 -17.41
N VAL A 179 -5.81 -3.08 -17.71
CA VAL A 179 -5.87 -1.94 -18.63
C VAL A 179 -6.21 -2.43 -20.03
N ALA A 180 -6.85 -1.55 -20.81
CA ALA A 180 -7.13 -1.85 -22.22
C ALA A 180 -6.11 -1.25 -23.18
N GLY A 181 -5.45 -0.17 -22.80
CA GLY A 181 -4.45 0.46 -23.63
C GLY A 181 -3.58 1.38 -22.82
N SER A 182 -2.36 1.63 -23.31
CA SER A 182 -1.41 2.48 -22.60
C SER A 182 -0.66 3.35 -23.59
N HIS A 183 -0.28 4.55 -23.14
CA HIS A 183 0.44 5.48 -23.99
C HIS A 183 1.80 5.84 -23.39
N TRP A 184 2.72 6.18 -24.28
CA TRP A 184 4.14 6.24 -23.97
C TRP A 184 4.75 7.37 -24.77
N GLU A 185 5.40 8.32 -24.09
CA GLU A 185 5.87 9.57 -24.68
C GLU A 185 7.40 9.60 -24.76
N ASP A 186 7.92 10.35 -25.75
CA ASP A 186 9.35 10.36 -26.06
C ASP A 186 10.10 11.43 -25.25
N GLN A 187 9.86 11.49 -23.95
CA GLN A 187 10.61 12.34 -23.04
C GLN A 187 11.57 11.54 -22.19
N LEU A 188 12.59 12.24 -21.68
CA LEU A 188 13.49 11.67 -20.68
C LEU A 188 12.75 11.51 -19.36
N ALA A 189 12.71 10.30 -18.82
CA ALA A 189 11.86 10.04 -17.65
C ALA A 189 12.23 10.95 -16.49
N SER A 190 13.53 11.13 -16.25
CA SER A 190 14.03 11.93 -15.13
C SER A 190 13.75 13.42 -15.24
N GLU A 191 13.36 13.92 -16.42
CA GLU A 191 12.94 15.32 -16.57
C GLU A 191 11.53 15.43 -17.15
N LYS A 192 10.71 14.40 -16.93
CA LYS A 192 9.38 14.31 -17.53
C LYS A 192 8.51 15.50 -17.17
N LYS A 193 7.74 15.99 -18.14
CA LYS A 193 6.79 17.09 -17.96
C LYS A 193 5.41 16.76 -18.54
N QVA A 194 4.36 17.35 -17.98
CA QVA A 194 3.12 17.52 -18.73
C QVA A 194 3.51 18.19 -20.07
O QVA A 194 4.35 19.05 -20.10
CB QVA A 194 2.10 18.37 -17.96
SG QVA A 194 0.68 18.83 -19.02
C02 QVA A 194 -0.26 16.50 -20.39
C04 QVA A 194 -0.40 17.32 -19.08
C05 QVA A 194 -1.92 17.56 -18.83
C07 QVA A 194 -2.55 18.50 -19.86
O01 QVA A 194 0.99 15.88 -20.57
O03 QVA A 194 -0.75 17.08 -21.57
O06 QVA A 194 -2.61 16.34 -18.84
O08 QVA A 194 -2.01 19.62 -20.10
O09 QVA A 194 -3.59 18.16 -20.51
N GLY A 195 2.87 17.77 -21.16
CA GLY A 195 3.19 18.29 -22.48
C GLY A 195 3.00 19.79 -22.61
N HIS A 196 2.22 20.36 -21.71
CA HIS A 196 1.94 21.78 -21.74
C HIS A 196 2.68 22.53 -20.64
N LEU A 197 3.67 21.89 -20.04
CA LEU A 197 4.65 22.55 -19.20
C LEU A 197 5.93 22.75 -20.02
N GLY A 198 6.73 23.74 -19.62
CA GLY A 198 8.01 23.96 -20.25
C GLY A 198 9.07 23.01 -19.69
N GLY A 199 10.28 23.17 -20.22
CA GLY A 199 11.40 22.41 -19.70
C GLY A 199 11.40 20.96 -20.09
N LYS A 200 10.92 20.62 -21.29
CA LYS A 200 10.80 19.24 -21.72
C LYS A 200 12.06 18.78 -22.45
N VAL A 201 12.40 17.51 -22.29
CA VAL A 201 13.60 16.92 -22.88
C VAL A 201 13.21 15.67 -23.66
N LEU A 202 13.47 15.68 -24.96
CA LEU A 202 13.22 14.52 -25.80
C LEU A 202 14.34 13.48 -25.64
N ILE A 203 13.99 12.23 -25.93
CA ILE A 203 14.97 11.17 -26.10
C ILE A 203 15.15 10.91 -27.59
N PRO A 204 16.18 10.17 -28.00
CA PRO A 204 16.35 9.87 -29.43
C PRO A 204 15.24 9.01 -29.98
N THR A 205 14.90 9.27 -31.25
CA THR A 205 13.81 8.55 -31.91
C THR A 205 13.91 7.04 -31.68
N GLN A 206 15.11 6.48 -31.80
CA GLN A 206 15.27 5.04 -31.60
C GLN A 206 14.98 4.62 -30.17
N GLN A 207 15.36 5.46 -29.20
CA GLN A 207 15.09 5.09 -27.82
C GLN A 207 13.59 5.03 -27.56
N HIS A 208 12.81 5.91 -28.18
CA HIS A 208 11.37 5.77 -27.99
C HIS A 208 10.82 4.55 -28.74
N ILE A 209 11.40 4.21 -29.89
CA ILE A 209 11.03 2.95 -30.55
C ILE A 209 11.34 1.77 -29.64
N ARG A 210 12.46 1.82 -28.93
CA ARG A 210 12.77 0.78 -27.96
C ARG A 210 11.66 0.67 -26.91
N THR A 211 11.17 1.82 -26.44
CA THR A 211 10.09 1.87 -25.47
C THR A 211 8.82 1.23 -26.02
N LEU A 212 8.41 1.62 -27.23
CA LEU A 212 7.20 1.06 -27.84
C LEU A 212 7.35 -0.43 -28.07
N THR A 213 8.57 -0.87 -28.38
CA THR A 213 8.86 -2.29 -28.51
C THR A 213 8.77 -3.01 -27.16
N SER A 214 9.33 -2.40 -26.11
CA SER A 214 9.24 -2.98 -24.78
C SER A 214 7.79 -3.12 -24.32
N ALA A 215 6.96 -2.10 -24.60
CA ALA A 215 5.56 -2.16 -24.20
C ALA A 215 4.79 -3.24 -24.96
N ARG A 216 5.02 -3.35 -26.28
CA ARG A 216 4.41 -4.44 -27.02
C ARG A 216 4.89 -5.80 -26.51
N LEU A 217 6.18 -5.91 -26.15
CA LEU A 217 6.71 -7.20 -25.71
C LEU A 217 6.04 -7.65 -24.41
N ALA A 218 5.82 -6.73 -23.48
CA ALA A 218 5.17 -7.10 -22.21
C ALA A 218 3.73 -7.52 -22.45
N ALA A 219 3.04 -6.86 -23.37
CA ALA A 219 1.69 -7.28 -23.75
C ALA A 219 1.69 -8.67 -24.38
N ASP A 220 2.68 -8.97 -25.24
CA ASP A 220 2.77 -10.28 -25.86
C ASP A 220 3.11 -11.36 -24.83
N VAL A 221 4.03 -11.06 -23.91
CA VAL A 221 4.39 -12.04 -22.88
C VAL A 221 3.22 -12.26 -21.90
N ALA A 222 2.43 -11.21 -21.63
CA ALA A 222 1.21 -11.37 -20.87
C ALA A 222 0.04 -11.86 -21.71
N ASP A 223 0.28 -12.13 -23.00
CA ASP A 223 -0.70 -12.80 -23.88
C ASP A 223 -1.99 -12.00 -24.01
N VAL A 224 -1.86 -10.68 -24.22
CA VAL A 224 -3.04 -9.85 -24.40
C VAL A 224 -2.78 -8.82 -25.50
N PRO A 225 -3.81 -8.47 -26.30
CA PRO A 225 -3.66 -7.52 -27.42
C PRO A 225 -3.76 -6.04 -27.03
N THR A 226 -3.01 -5.65 -26.01
CA THR A 226 -3.07 -4.27 -25.50
C THR A 226 -2.87 -3.22 -26.58
N VAL A 227 -3.71 -2.20 -26.57
CA VAL A 227 -3.56 -1.06 -27.48
C VAL A 227 -2.37 -0.21 -27.02
N VAL A 228 -1.43 0.01 -27.92
CA VAL A 228 -0.20 0.77 -27.63
C VAL A 228 -0.29 2.10 -28.39
N ILE A 229 -0.19 3.20 -27.64
CA ILE A 229 -0.23 4.56 -28.18
C ILE A 229 1.15 5.19 -28.02
N ALA A 230 1.69 5.74 -29.11
CA ALA A 230 2.92 6.52 -29.06
C ALA A 230 2.56 8.00 -29.02
N ARG A 231 3.16 8.73 -28.07
CA ARG A 231 2.99 10.17 -27.91
C ARG A 231 4.33 10.86 -28.20
N THR A 232 4.31 11.96 -28.95
CA THR A 232 5.53 12.74 -29.12
C THR A 232 5.35 14.14 -28.54
N ASP A 233 6.40 14.62 -27.87
CA ASP A 233 6.40 15.94 -27.26
C ASP A 233 7.26 16.95 -28.02
N ALA A 234 7.53 16.70 -29.31
CA ALA A 234 8.50 17.49 -30.06
C ALA A 234 7.93 18.78 -30.63
N GLU A 235 6.65 19.08 -30.41
CA GLU A 235 6.12 20.36 -30.88
C GLU A 235 6.67 21.51 -30.06
N ALA A 236 6.81 21.32 -28.75
CA ALA A 236 7.28 22.38 -27.88
C ALA A 236 8.70 22.16 -27.33
N ALA A 237 9.13 20.92 -27.17
CA ALA A 237 10.45 20.65 -26.59
C ALA A 237 11.56 21.23 -27.46
N THR A 238 12.49 21.94 -26.82
CA THR A 238 13.67 22.44 -27.51
C THR A 238 14.95 21.77 -27.01
N LEU A 239 14.83 20.70 -26.24
CA LEU A 239 15.97 19.95 -25.73
C LEU A 239 15.82 18.47 -26.04
N ILE A 240 16.96 17.81 -26.27
CA ILE A 240 17.03 16.38 -26.55
C ILE A 240 18.31 15.88 -25.89
N THR A 241 18.29 14.62 -25.43
CA THR A 241 19.41 14.10 -24.63
C THR A 241 20.66 13.89 -25.48
N SER A 242 20.50 13.63 -26.78
CA SER A 242 21.64 13.21 -27.60
C SER A 242 21.32 13.40 -29.08
N ASP A 243 22.37 13.58 -29.88
CA ASP A 243 22.24 13.73 -31.33
C ASP A 243 22.62 12.45 -32.08
N VAL A 244 22.58 11.29 -31.40
CA VAL A 244 23.08 10.05 -31.97
C VAL A 244 22.20 9.53 -33.12
N ASP A 245 20.90 9.82 -33.10
CA ASP A 245 19.99 9.30 -34.12
C ASP A 245 19.97 10.26 -35.29
N GLU A 246 20.27 9.74 -36.50
CA GLU A 246 20.34 10.61 -37.67
C GLU A 246 19.00 11.23 -38.02
N ARG A 247 17.89 10.58 -37.62
CA ARG A 247 16.59 11.18 -37.87
C ARG A 247 16.34 12.42 -37.03
N ASP A 248 17.06 12.59 -35.92
CA ASP A 248 16.89 13.79 -35.09
C ASP A 248 17.91 14.89 -35.43
N GLN A 249 19.07 14.50 -35.95
CA GLN A 249 20.10 15.48 -36.30
C GLN A 249 19.62 16.67 -37.13
N PRO A 250 18.71 16.53 -38.12
CA PRO A 250 18.31 17.71 -38.89
C PRO A 250 17.76 18.83 -38.04
N PHE A 251 17.30 18.55 -36.82
CA PHE A 251 16.74 19.57 -35.95
C PHE A 251 17.71 20.00 -34.86
N ILE A 252 18.84 19.31 -34.71
CA ILE A 252 19.87 19.67 -33.74
C ILE A 252 20.55 20.97 -34.17
N THR A 253 20.58 21.93 -33.26
CA THR A 253 21.28 23.16 -33.59
C THR A 253 22.78 23.04 -33.35
N GLY A 254 23.19 22.24 -32.37
CA GLY A 254 24.58 22.11 -31.99
C GLY A 254 24.94 22.74 -30.65
N GLU A 255 24.18 23.71 -30.17
CA GLU A 255 24.43 24.26 -28.84
C GLU A 255 23.95 23.29 -27.77
N ARG A 256 24.54 23.40 -26.58
CA ARG A 256 24.38 22.43 -25.52
C ARG A 256 24.23 23.13 -24.19
N THR A 257 23.54 22.47 -23.26
CA THR A 257 23.32 23.04 -21.93
C THR A 257 24.34 22.50 -20.95
N ARG A 258 24.28 23.06 -19.74
CA ARG A 258 25.16 22.65 -18.66
C ARG A 258 24.93 21.18 -18.29
N GLU A 259 23.70 20.69 -18.45
CA GLU A 259 23.37 19.31 -18.16
C GLU A 259 23.87 18.35 -19.23
N GLY A 260 24.33 18.86 -20.38
CA GLY A 260 24.70 18.03 -21.51
C GLY A 260 23.59 17.82 -22.54
N PHE A 261 22.45 18.48 -22.38
CA PHE A 261 21.38 18.37 -23.37
C PHE A 261 21.71 19.18 -24.63
N TYR A 262 21.12 18.75 -25.76
CA TYR A 262 21.26 19.43 -27.06
C TYR A 262 20.00 20.24 -27.34
N ARG A 263 20.18 21.50 -27.73
CA ARG A 263 19.06 22.29 -28.24
C ARG A 263 18.63 21.75 -29.59
N THR A 264 17.31 21.74 -29.80
CA THR A 264 16.71 21.18 -30.99
C THR A 264 15.55 22.05 -31.43
N LYS A 265 15.31 22.12 -32.74
CA LYS A 265 14.29 23.00 -33.32
C LYS A 265 12.93 22.33 -33.18
N ASN A 266 12.05 22.92 -32.37
CA ASN A 266 10.75 22.31 -32.06
C ASN A 266 9.73 22.62 -33.14
N GLY A 267 8.69 21.80 -33.18
CA GLY A 267 7.48 22.15 -33.90
C GLY A 267 6.88 20.95 -34.60
N ILE A 268 6.08 21.24 -35.64
CA ILE A 268 5.28 20.16 -36.21
C ILE A 268 6.14 19.24 -37.08
N GLU A 269 7.23 19.75 -37.69
CA GLU A 269 8.02 18.88 -38.57
C GLU A 269 8.74 17.78 -37.81
N PRO A 270 9.39 18.03 -36.67
CA PRO A 270 9.92 16.88 -35.91
C PRO A 270 8.82 15.95 -35.43
N CYS A 271 7.63 16.47 -35.15
CA CYS A 271 6.50 15.62 -34.76
C CYS A 271 6.10 14.69 -35.90
N ILE A 272 5.97 15.24 -37.11
CA ILE A 272 5.63 14.44 -38.29
C ILE A 272 6.68 13.35 -38.51
N ALA A 273 7.97 13.72 -38.50
CA ALA A 273 9.01 12.71 -38.71
C ALA A 273 8.97 11.64 -37.63
N ARG A 274 8.87 12.06 -36.36
CA ARG A 274 8.82 11.08 -35.28
C ARG A 274 7.59 10.20 -35.40
N ALA A 275 6.44 10.80 -35.72
CA ALA A 275 5.21 10.01 -35.87
C ALA A 275 5.39 8.96 -36.95
N LYS A 276 5.95 9.34 -38.10
CA LYS A 276 6.24 8.36 -39.14
C LYS A 276 7.16 7.27 -38.65
N ALA A 277 8.14 7.62 -37.82
CA ALA A 277 9.04 6.59 -37.32
C ALA A 277 8.37 5.68 -36.29
N TYR A 278 7.41 6.22 -35.54
CA TYR A 278 6.73 5.41 -34.52
C TYR A 278 5.62 4.54 -35.11
N ALA A 279 5.06 4.95 -36.26
CA ALA A 279 3.86 4.31 -36.81
C ALA A 279 3.92 2.78 -36.86
N PRO A 280 5.01 2.12 -37.26
CA PRO A 280 5.01 0.65 -37.24
C PRO A 280 4.95 0.05 -35.86
N PHE A 281 5.10 0.85 -34.80
CA PHE A 281 5.12 0.34 -33.44
C PHE A 281 3.99 0.91 -32.58
N ALA A 282 2.99 1.54 -33.17
CA ALA A 282 1.94 2.19 -32.39
C ALA A 282 0.58 1.97 -33.04
N ASP A 283 -0.39 1.61 -32.23
CA ASP A 283 -1.75 1.45 -32.73
C ASP A 283 -2.42 2.80 -32.93
N LEU A 284 -2.03 3.79 -32.14
CA LEU A 284 -2.43 5.18 -32.35
C LEU A 284 -1.23 6.06 -32.09
N ILE A 285 -1.23 7.25 -32.69
CA ILE A 285 -0.15 8.21 -32.54
C ILE A 285 -0.74 9.52 -32.07
N TRP A 286 -0.05 10.18 -31.14
CA TRP A 286 -0.52 11.37 -30.46
C TRP A 286 0.60 12.41 -30.48
N MET A 287 0.32 13.59 -31.04
CA MET A 287 1.26 14.70 -30.90
C MET A 287 0.64 15.75 -29.98
N GLU A 288 1.38 16.11 -28.93
CA GLU A 288 0.96 17.22 -28.09
C GLU A 288 1.13 18.53 -28.86
N THR A 289 0.17 19.44 -28.69
CA THR A 289 0.18 20.75 -29.34
C THR A 289 -0.04 21.83 -28.30
N GLY A 290 0.25 23.09 -28.68
CA GLY A 290 0.14 24.21 -27.75
C GLY A 290 -1.22 24.89 -27.68
N THR A 291 -2.12 24.59 -28.62
CA THR A 291 -3.43 25.22 -28.68
C THR A 291 -4.41 24.23 -29.27
N PRO A 292 -5.71 24.39 -28.98
CA PRO A 292 -6.73 23.64 -29.72
C PRO A 292 -6.94 24.23 -31.10
N ASP A 293 -6.28 23.66 -32.11
CA ASP A 293 -6.29 24.26 -33.44
C ASP A 293 -6.54 23.16 -34.46
N LEU A 294 -7.72 23.21 -35.11
CA LEU A 294 -8.08 22.19 -36.09
C LEU A 294 -7.11 22.20 -37.27
N GLU A 295 -6.64 23.38 -37.67
CA GLU A 295 -5.78 23.46 -38.86
C GLU A 295 -4.46 22.73 -38.62
N ALA A 296 -3.86 22.90 -37.43
CA ALA A 296 -2.61 22.20 -37.13
C ALA A 296 -2.85 20.70 -37.02
N ALA A 297 -4.00 20.30 -36.46
CA ALA A 297 -4.33 18.89 -36.40
C ALA A 297 -4.47 18.30 -37.80
N ARG A 298 -5.12 19.04 -38.71
CA ARG A 298 -5.22 18.58 -40.09
C ARG A 298 -3.83 18.42 -40.70
N GLN A 299 -2.96 19.40 -40.49
CA GLN A 299 -1.61 19.32 -41.03
C GLN A 299 -0.90 18.05 -40.59
N PHE A 300 -0.99 17.73 -39.29
CA PHE A 300 -0.34 16.52 -38.78
C PHE A 300 -0.99 15.25 -39.36
N SER A 301 -2.33 15.22 -39.37
CA SER A 301 -3.02 14.05 -39.90
C SER A 301 -2.70 13.83 -41.37
N GLU A 302 -2.85 14.87 -42.20
CA GLU A 302 -2.56 14.74 -43.62
C GLU A 302 -1.14 14.22 -43.84
N ALA A 303 -0.17 14.77 -43.11
CA ALA A 303 1.22 14.39 -43.31
C ALA A 303 1.46 12.94 -42.91
N VAL A 304 0.96 12.51 -41.76
CA VAL A 304 1.14 11.13 -41.31
C VAL A 304 0.41 10.17 -42.25
N LYS A 305 -0.86 10.49 -42.56
CA LYS A 305 -1.65 9.55 -43.37
C LYS A 305 -1.15 9.47 -44.81
N ALA A 306 -0.48 10.52 -45.31
CA ALA A 306 0.10 10.44 -46.64
C ALA A 306 1.08 9.28 -46.77
N GLU A 307 1.58 8.74 -45.67
CA GLU A 307 2.43 7.55 -45.74
C GLU A 307 1.79 6.32 -45.12
N TYR A 308 1.06 6.48 -44.01
CA TYR A 308 0.30 5.39 -43.40
C TYR A 308 -1.16 5.82 -43.37
N PRO A 309 -1.89 5.61 -44.46
CA PRO A 309 -3.28 6.11 -44.53
C PRO A 309 -4.18 5.51 -43.47
N ASP A 310 -3.89 4.29 -43.02
CA ASP A 310 -4.71 3.57 -42.05
C ASP A 310 -4.24 3.78 -40.62
N GLN A 311 -3.40 4.77 -40.38
CA GLN A 311 -2.86 5.01 -39.06
C GLN A 311 -3.84 5.84 -38.24
N MET A 312 -4.28 5.31 -37.10
CA MET A 312 -5.21 6.06 -36.26
C MET A 312 -4.46 7.00 -35.34
N LEU A 313 -5.09 8.13 -35.01
CA LEU A 313 -4.48 9.19 -34.21
C LEU A 313 -5.30 9.48 -32.96
N ALA A 314 -4.64 10.07 -31.98
CA ALA A 314 -5.28 10.45 -30.73
C ALA A 314 -5.02 11.93 -30.47
N TYR A 315 -5.97 12.57 -29.78
CA TYR A 315 -5.86 14.01 -29.58
C TYR A 315 -6.25 14.36 -28.15
N ASN A 316 -5.42 15.18 -27.52
CA ASN A 316 -5.61 15.58 -26.13
C ASN A 316 -6.40 16.89 -26.10
N CYS A 317 -7.68 16.80 -25.76
CA CYS A 317 -8.51 17.99 -25.62
C CYS A 317 -8.22 18.58 -24.24
N SER A 318 -7.12 19.35 -24.15
CA SER A 318 -6.49 19.58 -22.86
C SER A 318 -7.13 20.74 -22.12
N PRO A 319 -7.44 20.58 -20.83
CA PRO A 319 -7.83 21.75 -20.02
C PRO A 319 -6.68 22.73 -19.79
N SER A 320 -5.45 22.38 -20.18
CA SER A 320 -4.36 23.34 -20.15
C SER A 320 -4.46 24.35 -21.28
N PHE A 321 -5.49 24.25 -22.11
CA PHE A 321 -5.83 25.30 -23.06
C PHE A 321 -6.87 26.22 -22.45
N ASN A 322 -6.78 27.52 -22.76
CA ASN A 322 -7.85 28.47 -22.45
C ASN A 322 -8.78 28.44 -23.65
N TRP A 323 -9.85 27.64 -23.57
CA TRP A 323 -10.58 27.27 -24.78
C TRP A 323 -11.23 28.48 -25.45
N LYS A 324 -11.99 29.28 -24.69
CA LYS A 324 -12.68 30.39 -25.34
C LYS A 324 -11.74 31.56 -25.64
N LYS A 325 -10.51 31.54 -25.14
CA LYS A 325 -9.50 32.48 -25.64
C LYS A 325 -9.06 32.14 -27.07
N HIS A 326 -9.20 30.88 -27.49
CA HIS A 326 -8.71 30.48 -28.79
C HIS A 326 -9.79 30.17 -29.82
N LEU A 327 -11.01 29.83 -29.39
CA LEU A 327 -12.07 29.46 -30.31
C LEU A 327 -13.37 30.11 -29.87
N ASP A 328 -14.26 30.31 -30.83
CA ASP A 328 -15.63 30.71 -30.54
C ASP A 328 -16.48 29.47 -30.29
N ASP A 329 -17.68 29.69 -29.74
CA ASP A 329 -18.51 28.57 -29.33
C ASP A 329 -18.85 27.67 -30.51
N ALA A 330 -18.96 28.23 -31.73
CA ALA A 330 -19.26 27.41 -32.90
C ALA A 330 -18.13 26.41 -33.17
N THR A 331 -16.88 26.88 -33.12
CA THR A 331 -15.75 25.97 -33.35
C THR A 331 -15.63 24.94 -32.24
N ILE A 332 -15.85 25.36 -30.99
CA ILE A 332 -15.78 24.44 -29.87
C ILE A 332 -16.82 23.32 -30.02
N ALA A 333 -18.02 23.67 -30.52
CA ALA A 333 -19.10 22.70 -30.62
C ALA A 333 -18.81 21.63 -31.67
N LYS A 334 -18.07 21.96 -32.71
CA LYS A 334 -17.77 21.00 -33.78
C LYS A 334 -16.40 20.35 -33.61
N PHE A 335 -15.62 20.75 -32.60
CA PHE A 335 -14.21 20.42 -32.52
C PHE A 335 -13.96 18.91 -32.65
N GLN A 336 -14.58 18.10 -31.79
CA GLN A 336 -14.29 16.66 -31.78
C GLN A 336 -14.82 15.97 -33.03
N LYS A 337 -15.98 16.41 -33.54
CA LYS A 337 -16.48 15.89 -34.80
C LYS A 337 -15.49 16.14 -35.92
N GLU A 338 -15.01 17.38 -36.03
CA GLU A 338 -14.04 17.72 -37.07
C GLU A 338 -12.78 16.88 -36.94
N LEU A 339 -12.31 16.65 -35.71
CA LEU A 339 -11.09 15.87 -35.50
C LEU A 339 -11.31 14.42 -35.92
N ALA A 340 -12.49 13.85 -35.66
CA ALA A 340 -12.75 12.46 -36.03
C ALA A 340 -12.69 12.28 -37.55
N ALA A 341 -13.23 13.24 -38.30
CA ALA A 341 -13.15 13.20 -39.76
C ALA A 341 -11.70 13.22 -40.27
N MET A 342 -10.74 13.62 -39.44
CA MET A 342 -9.34 13.63 -39.85
C MET A 342 -8.56 12.44 -39.35
N GLY A 343 -9.23 11.46 -38.75
CA GLY A 343 -8.58 10.28 -38.23
C GLY A 343 -8.22 10.30 -36.76
N PHE A 344 -8.67 11.29 -36.00
CA PHE A 344 -8.40 11.31 -34.57
C PHE A 344 -9.50 10.51 -33.90
N LYS A 345 -9.24 9.21 -33.74
CA LYS A 345 -10.26 8.27 -33.30
C LYS A 345 -10.31 8.06 -31.78
N PHE A 346 -9.32 8.55 -31.03
CA PHE A 346 -9.37 8.54 -29.57
C PHE A 346 -9.09 9.96 -29.08
N GLN A 347 -10.08 10.56 -28.44
CA GLN A 347 -10.02 11.94 -27.99
C GLN A 347 -10.42 11.98 -26.53
N PHE A 348 -9.74 12.82 -25.73
CA PHE A 348 -9.91 12.74 -24.28
C PHE A 348 -9.60 14.09 -23.65
N ILE A 349 -10.35 14.41 -22.59
CA ILE A 349 -10.09 15.58 -21.76
C ILE A 349 -9.33 15.09 -20.53
N THR A 350 -8.00 15.27 -20.56
CA THR A 350 -7.11 14.65 -19.58
C THR A 350 -7.50 14.99 -18.15
N LEU A 351 -7.67 16.27 -17.87
CA LEU A 351 -7.82 16.75 -16.49
C LEU A 351 -9.28 16.99 -16.13
N ALA A 352 -10.20 16.31 -16.82
CA ALA A 352 -11.62 16.49 -16.55
C ALA A 352 -11.98 16.15 -15.12
N GLY A 353 -11.39 15.08 -14.59
CA GLY A 353 -11.65 14.70 -13.21
C GLY A 353 -11.14 15.72 -12.21
N PHE A 354 -9.91 16.21 -12.42
CA PHE A 354 -9.36 17.19 -11.48
C PHE A 354 -10.24 18.44 -11.42
N HIS A 355 -10.70 18.93 -12.58
CA HIS A 355 -11.48 20.16 -12.58
C HIS A 355 -12.91 19.95 -12.10
N ALA A 356 -13.54 18.85 -12.49
CA ALA A 356 -14.86 18.55 -11.95
C ALA A 356 -14.83 18.39 -10.43
N LEU A 357 -13.83 17.67 -9.91
CA LEU A 357 -13.73 17.48 -8.47
C LEU A 357 -13.44 18.78 -7.75
N ASN A 358 -12.45 19.54 -8.24
CA ASN A 358 -12.01 20.72 -7.52
C ASN A 358 -13.07 21.81 -7.55
N TYR A 359 -13.71 22.01 -8.69
CA TYR A 359 -14.69 23.10 -8.77
C TYR A 359 -15.93 22.76 -7.96
N SER A 360 -16.42 21.52 -8.07
CA SER A 360 -17.65 21.17 -7.38
C SER A 360 -17.47 21.29 -5.87
N MET A 361 -16.30 20.90 -5.35
CA MET A 361 -16.11 21.01 -3.90
C MET A 361 -15.92 22.46 -3.47
N PHE A 362 -15.18 23.27 -4.24
CA PHE A 362 -15.10 24.69 -3.92
C PHE A 362 -16.48 25.33 -3.93
N ASP A 363 -17.25 25.08 -4.99
CA ASP A 363 -18.59 25.63 -5.09
C ASP A 363 -19.46 25.20 -3.92
N LEU A 364 -19.45 23.90 -3.59
CA LEU A 364 -20.24 23.43 -2.44
C LEU A 364 -19.75 24.08 -1.15
N ALA A 365 -18.46 23.99 -0.87
CA ALA A 365 -17.96 24.50 0.41
C ALA A 365 -18.18 26.01 0.54
N TYR A 366 -18.03 26.75 -0.55
CA TYR A 366 -18.25 28.20 -0.49
C TYR A 366 -19.70 28.51 -0.11
N GLY A 367 -20.66 27.90 -0.81
CA GLY A 367 -22.06 28.07 -0.42
C GLY A 367 -22.33 27.63 1.01
N TYR A 368 -21.67 26.54 1.42
CA TYR A 368 -21.89 25.99 2.76
C TYR A 368 -21.37 26.91 3.84
N ALA A 369 -20.19 27.52 3.63
CA ALA A 369 -19.73 28.52 4.57
C ALA A 369 -20.71 29.68 4.69
N GLN A 370 -21.48 29.97 3.64
CA GLN A 370 -22.37 31.13 3.64
C GLN A 370 -23.76 30.80 4.18
N ASN A 371 -24.40 29.72 3.70
CA ASN A 371 -25.77 29.37 4.07
CA ASN A 371 -25.76 29.41 4.15
C ASN A 371 -25.92 27.97 4.63
N GLN A 372 -24.81 27.32 5.00
CA GLN A 372 -24.85 25.98 5.59
C GLN A 372 -25.74 25.00 4.82
N MET A 373 -26.80 24.52 5.46
CA MET A 373 -27.54 23.40 4.86
C MET A 373 -28.20 23.79 3.54
N SER A 374 -28.55 25.07 3.36
CA SER A 374 -29.19 25.47 2.10
C SER A 374 -28.31 25.12 0.90
N ALA A 375 -27.00 25.33 1.02
CA ALA A 375 -26.11 25.02 -0.10
C ALA A 375 -26.13 23.53 -0.41
N TYR A 376 -26.14 22.68 0.61
CA TYR A 376 -26.15 21.25 0.31
C TYR A 376 -27.48 20.82 -0.30
N VAL A 377 -28.59 21.38 0.20
CA VAL A 377 -29.89 20.97 -0.34
C VAL A 377 -29.99 21.32 -1.82
N GLU A 378 -29.37 22.42 -2.26
CA GLU A 378 -29.33 22.71 -3.69
C GLU A 378 -28.68 21.58 -4.47
N LEU A 379 -27.63 20.99 -3.92
CA LEU A 379 -26.98 19.87 -4.58
C LEU A 379 -27.91 18.66 -4.64
N GLN A 380 -28.48 18.27 -3.49
CA GLN A 380 -29.38 17.10 -3.46
C GLN A 380 -30.53 17.26 -4.47
N GLU A 381 -31.08 18.47 -4.58
CA GLU A 381 -32.20 18.68 -5.50
C GLU A 381 -31.75 18.54 -6.94
N ARG A 382 -30.53 19.00 -7.26
CA ARG A 382 -30.01 18.79 -8.60
C ARG A 382 -29.79 17.30 -8.85
N GLU A 383 -29.36 16.57 -7.82
CA GLU A 383 -29.23 15.12 -7.94
C GLU A 383 -30.59 14.47 -8.24
N PHE A 384 -31.61 14.83 -7.47
CA PHE A 384 -32.96 14.34 -7.75
C PHE A 384 -33.39 14.67 -9.18
N ALA A 385 -33.17 15.93 -9.59
CA ALA A 385 -33.54 16.35 -10.94
C ALA A 385 -32.75 15.58 -12.01
N ALA A 386 -31.55 15.14 -11.70
CA ALA A 386 -30.75 14.41 -12.69
C ALA A 386 -31.20 12.97 -12.88
N GLU A 387 -32.15 12.48 -12.09
CA GLU A 387 -32.55 11.07 -12.23
C GLU A 387 -33.22 10.83 -13.57
N GLU A 388 -33.93 11.83 -14.09
CA GLU A 388 -34.51 11.76 -15.43
C GLU A 388 -33.46 11.40 -16.48
N ARG A 389 -32.26 11.98 -16.36
CA ARG A 389 -31.16 11.72 -17.29
C ARG A 389 -30.43 10.40 -17.01
N GLY A 390 -30.77 9.68 -15.94
CA GLY A 390 -30.14 8.42 -15.62
C GLY A 390 -29.26 8.41 -14.38
N TYR A 391 -29.09 9.54 -13.71
CA TYR A 391 -28.30 9.57 -12.47
C TYR A 391 -28.93 8.68 -11.40
N THR A 392 -28.08 7.92 -10.71
CA THR A 392 -28.54 6.98 -9.70
C THR A 392 -27.91 7.17 -8.32
N ALA A 393 -26.85 7.99 -8.20
CA ALA A 393 -26.09 8.03 -6.95
C ALA A 393 -26.76 8.83 -5.85
N THR A 394 -27.93 9.44 -6.11
CA THR A 394 -28.65 10.06 -5.01
C THR A 394 -28.97 9.04 -3.93
N LYS A 395 -29.30 7.82 -4.36
CA LYS A 395 -29.44 6.68 -3.46
C LYS A 395 -28.03 6.12 -3.27
N HIS A 396 -27.29 6.74 -2.35
CA HIS A 396 -25.87 6.39 -2.24
C HIS A 396 -25.66 4.97 -1.71
N GLN A 397 -26.60 4.45 -0.90
CA GLN A 397 -26.39 3.13 -0.27
C GLN A 397 -26.38 2.03 -1.33
N ARG A 398 -27.42 1.98 -2.17
CA ARG A 398 -27.41 1.01 -3.26
C ARG A 398 -26.30 1.33 -4.25
N GLU A 399 -26.00 2.61 -4.49
CA GLU A 399 -25.02 2.98 -5.50
C GLU A 399 -23.69 2.30 -5.24
N VAL A 400 -23.41 2.05 -3.96
CA VAL A 400 -22.12 1.58 -3.52
CA VAL A 400 -22.11 1.58 -3.53
C VAL A 400 -22.14 0.11 -3.13
N GLY A 401 -23.29 -0.57 -3.30
CA GLY A 401 -23.38 -2.02 -3.18
C GLY A 401 -24.06 -2.57 -1.94
N ALA A 402 -24.78 -1.75 -1.18
CA ALA A 402 -25.47 -2.25 0.02
C ALA A 402 -26.44 -3.37 -0.33
N GLY A 403 -27.13 -3.23 -1.47
CA GLY A 403 -28.04 -4.28 -1.90
C GLY A 403 -27.34 -5.50 -2.43
N TYR A 404 -26.19 -5.30 -3.07
CA TYR A 404 -25.36 -6.42 -3.51
C TYR A 404 -24.82 -7.20 -2.34
N PHE A 405 -24.38 -6.51 -1.30
CA PHE A 405 -23.86 -7.26 -0.15
C PHE A 405 -24.99 -7.85 0.69
N ASP A 406 -26.17 -7.23 0.66
CA ASP A 406 -27.34 -7.87 1.25
C ASP A 406 -27.62 -9.20 0.57
N ARG A 407 -27.41 -9.26 -0.75
CA ARG A 407 -27.64 -10.50 -1.49
CA ARG A 407 -27.63 -10.50 -1.50
C ARG A 407 -26.62 -11.57 -1.12
N ILE A 408 -25.35 -11.18 -0.95
CA ILE A 408 -24.36 -12.12 -0.42
C ILE A 408 -24.80 -12.59 0.96
N ALA A 409 -25.16 -11.64 1.83
CA ALA A 409 -25.51 -12.00 3.20
C ALA A 409 -26.68 -12.98 3.25
N THR A 410 -27.75 -12.73 2.49
CA THR A 410 -28.90 -13.63 2.50
C THR A 410 -28.61 -14.92 1.74
N THR A 411 -27.61 -14.93 0.86
CA THR A 411 -27.17 -16.20 0.26
C THR A 411 -26.50 -17.08 1.31
N VAL A 412 -25.64 -16.49 2.13
CA VAL A 412 -24.99 -17.22 3.20
C VAL A 412 -25.99 -17.61 4.27
N ASP A 413 -26.88 -16.68 4.65
CA ASP A 413 -27.84 -16.90 5.73
C ASP A 413 -29.15 -16.21 5.36
N PRO A 414 -30.07 -16.94 4.70
CA PRO A 414 -31.35 -16.30 4.29
C PRO A 414 -32.16 -15.73 5.45
N ASN A 415 -31.93 -16.16 6.69
CA ASN A 415 -32.64 -15.66 7.86
C ASN A 415 -31.91 -14.54 8.58
N SER A 416 -30.83 -14.02 8.00
CA SER A 416 -30.01 -13.03 8.69
C SER A 416 -30.85 -11.86 9.17
N SER A 417 -30.66 -11.48 10.43
CA SER A 417 -31.37 -10.34 10.97
C SER A 417 -30.54 -9.05 10.90
N THR A 418 -29.41 -9.05 10.18
CA THR A 418 -28.55 -7.88 10.16
C THR A 418 -28.28 -7.37 8.74
N THR A 419 -29.23 -7.54 7.81
CA THR A 419 -29.08 -6.94 6.50
C THR A 419 -29.33 -5.43 6.56
N ALA A 420 -28.90 -4.73 5.51
CA ALA A 420 -28.65 -3.29 5.52
C ALA A 420 -29.78 -2.43 4.95
N LEU A 421 -30.35 -2.80 3.80
CA LEU A 421 -31.27 -1.86 3.14
C LEU A 421 -32.65 -1.84 3.79
N THR A 422 -33.09 -2.97 4.35
CA THR A 422 -34.38 -3.03 5.05
C THR A 422 -34.32 -2.21 6.32
N GLY A 423 -35.22 -1.24 6.47
CA GLY A 423 -35.14 -0.33 7.59
C GLY A 423 -34.22 0.86 7.39
N SER A 424 -33.55 0.97 6.25
CA SER A 424 -32.69 2.12 6.02
C SER A 424 -33.52 3.38 5.74
N THR A 425 -32.93 4.54 6.02
CA THR A 425 -33.59 5.77 5.60
C THR A 425 -33.68 5.89 4.08
N GLU A 426 -32.79 5.21 3.34
CA GLU A 426 -32.87 5.24 1.89
C GLU A 426 -34.15 4.57 1.40
N GLU A 427 -34.48 3.41 1.96
CA GLU A 427 -35.73 2.71 1.62
CA GLU A 427 -35.72 2.76 1.54
C GLU A 427 -36.95 3.55 2.03
N GLY A 428 -36.84 4.28 3.13
CA GLY A 428 -37.97 5.01 3.66
C GLY A 428 -38.11 6.48 3.27
N GLN A 429 -37.09 7.06 2.64
CA GLN A 429 -37.12 8.48 2.29
C GLN A 429 -36.80 8.77 0.83
N PHE A 430 -36.36 7.78 0.06
CA PHE A 430 -36.00 7.99 -1.33
C PHE A 430 -36.85 7.07 -2.22
N MET B 4 21.73 7.33 23.93
CA MET B 4 22.58 8.43 24.40
C MET B 4 22.19 9.74 23.70
N SER B 5 20.93 10.14 23.86
CA SER B 5 20.38 11.36 23.26
C SER B 5 19.11 11.72 24.01
N VAL B 6 18.83 13.02 24.11
CA VAL B 6 17.64 13.48 24.81
C VAL B 6 16.46 13.69 23.89
N VAL B 7 16.60 13.38 22.59
CA VAL B 7 15.50 13.63 21.66
C VAL B 7 14.32 12.72 22.00
N GLY B 8 13.15 13.32 22.17
CA GLY B 8 11.94 12.54 22.40
C GLY B 8 11.95 11.76 23.69
N THR B 9 12.61 12.29 24.72
CA THR B 9 12.63 11.65 26.02
C THR B 9 11.24 11.76 26.64
N PRO B 10 10.63 10.65 27.05
CA PRO B 10 9.29 10.74 27.59
C PRO B 10 9.21 11.68 28.79
N LYS B 11 8.07 12.32 28.94
CA LYS B 11 7.80 13.06 30.17
C LYS B 11 7.73 12.07 31.35
N SER B 12 7.88 12.60 32.56
CA SER B 12 7.68 11.80 33.75
C SER B 12 6.20 11.70 34.06
N ALA B 13 5.86 10.71 34.91
CA ALA B 13 4.48 10.56 35.37
C ALA B 13 4.01 11.81 36.11
N GLU B 14 4.86 12.40 36.94
CA GLU B 14 4.48 13.62 37.65
C GLU B 14 4.17 14.75 36.66
N GLN B 15 4.96 14.88 35.59
CA GLN B 15 4.64 15.89 34.57
C GLN B 15 3.28 15.62 33.93
N ILE B 16 3.01 14.36 33.57
CA ILE B 16 1.71 14.03 32.99
C ILE B 16 0.60 14.34 33.98
N GLN B 17 0.79 13.98 35.25
CA GLN B 17 -0.24 14.21 36.25
C GLN B 17 -0.53 15.70 36.38
N GLN B 18 0.51 16.54 36.40
CA GLN B 18 0.27 17.97 36.54
C GLN B 18 -0.58 18.51 35.40
N GLU B 19 -0.26 18.12 34.16
CA GLU B 19 -1.07 18.56 33.02
C GLU B 19 -2.51 18.10 33.15
N TRP B 20 -2.72 16.83 33.50
CA TRP B 20 -4.08 16.33 33.72
C TRP B 20 -4.78 17.12 34.81
N ASP B 21 -4.05 17.47 35.87
CA ASP B 21 -4.64 18.16 37.00
C ASP B 21 -4.89 19.62 36.73
N THR B 22 -4.04 20.28 35.94
CA THR B 22 -4.09 21.73 35.85
C THR B 22 -4.50 22.28 34.49
N ASN B 23 -4.36 21.50 33.41
CA ASN B 23 -4.74 22.04 32.09
C ASN B 23 -6.25 22.00 31.92
N PRO B 24 -6.88 23.13 31.56
CA PRO B 24 -8.34 23.13 31.39
C PRO B 24 -8.86 22.18 30.30
N ARG B 25 -8.00 21.72 29.38
CA ARG B 25 -8.42 20.76 28.36
C ARG B 25 -8.97 19.48 28.99
N TRP B 26 -8.46 19.09 30.15
CA TRP B 26 -8.85 17.86 30.83
C TRP B 26 -9.88 18.09 31.94
N LYS B 27 -10.58 19.23 31.92
CA LYS B 27 -11.47 19.62 33.01
C LYS B 27 -12.44 18.49 33.38
N ASP B 28 -13.20 18.00 32.41
CA ASP B 28 -14.23 17.03 32.73
C ASP B 28 -13.94 15.67 32.11
N VAL B 29 -12.67 15.28 32.14
CA VAL B 29 -12.21 14.05 31.51
C VAL B 29 -11.88 13.03 32.60
N THR B 30 -12.55 11.88 32.55
CA THR B 30 -12.23 10.75 33.41
C THR B 30 -11.21 9.85 32.73
N ARG B 31 -10.15 9.50 33.46
CA ARG B 31 -9.22 8.47 33.04
C ARG B 31 -9.19 7.43 34.15
N THR B 32 -9.61 6.20 33.84
CA THR B 32 -9.61 5.15 34.85
C THR B 32 -8.26 4.46 35.01
N TYR B 33 -7.29 4.81 34.18
CA TYR B 33 -5.90 4.38 34.34
C TYR B 33 -5.08 5.54 34.90
N SER B 34 -3.80 5.30 35.12
CA SER B 34 -2.96 6.25 35.82
C SER B 34 -1.92 6.84 34.88
N ALA B 35 -1.36 7.99 35.30
CA ALA B 35 -0.23 8.57 34.58
C ALA B 35 0.94 7.60 34.49
N GLU B 36 1.16 6.80 35.54
CA GLU B 36 2.21 5.81 35.49
C GLU B 36 1.93 4.73 34.46
N ASP B 37 0.66 4.30 34.35
CA ASP B 37 0.31 3.34 33.31
C ASP B 37 0.67 3.89 31.92
N VAL B 38 0.50 5.20 31.72
CA VAL B 38 0.82 5.80 30.43
C VAL B 38 2.32 5.71 30.15
N VAL B 39 3.15 6.15 31.11
CA VAL B 39 4.60 6.08 30.91
C VAL B 39 5.05 4.65 30.73
N ALA B 40 4.42 3.72 31.45
CA ALA B 40 4.79 2.31 31.34
C ALA B 40 4.70 1.79 29.90
N LEU B 41 3.81 2.36 29.10
CA LEU B 41 3.61 1.94 27.72
C LEU B 41 4.43 2.73 26.70
N GLN B 42 5.25 3.68 27.15
CA GLN B 42 5.86 4.62 26.22
C GLN B 42 7.24 4.21 25.73
N GLY B 43 7.81 3.13 26.25
CA GLY B 43 9.17 2.89 25.76
C GLY B 43 10.08 4.00 26.26
N SER B 44 11.27 4.10 25.64
CA SER B 44 12.22 5.10 26.06
C SER B 44 12.29 6.31 25.14
N VAL B 45 11.48 6.34 24.07
CA VAL B 45 11.43 7.45 23.14
C VAL B 45 9.98 7.65 22.69
N VAL B 46 9.51 8.89 22.76
CA VAL B 46 8.16 9.24 22.32
C VAL B 46 8.30 10.12 21.08
N GLU B 47 7.83 9.61 19.94
CA GLU B 47 7.80 10.39 18.71
C GLU B 47 6.84 11.57 18.84
N GLU B 48 7.29 12.72 18.34
CA GLU B 48 6.41 13.87 18.29
C GLU B 48 5.50 13.77 17.07
N HIS B 49 4.23 14.09 17.27
CA HIS B 49 3.20 14.07 16.23
C HIS B 49 2.70 15.49 15.99
N THR B 50 3.51 16.28 15.27
CA THR B 50 3.27 17.71 15.09
C THR B 50 1.85 18.00 14.59
N LEU B 51 1.45 17.35 13.49
CA LEU B 51 0.15 17.72 12.91
C LEU B 51 -1.02 17.29 13.81
N ALA B 52 -0.87 16.17 14.51
CA ALA B 52 -1.93 15.71 15.41
C ALA B 52 -2.04 16.62 16.63
N ARG B 53 -0.89 17.07 17.15
CA ARG B 53 -0.88 18.03 18.24
C ARG B 53 -1.51 19.36 17.81
N ARG B 54 -0.92 20.00 16.81
CA ARG B 54 -1.46 21.28 16.33
C ARG B 54 -2.94 21.17 15.97
N GLY B 55 -3.33 20.08 15.29
CA GLY B 55 -4.72 19.94 14.90
C GLY B 55 -5.67 19.86 16.09
N ALA B 56 -5.33 19.02 17.07
CA ALA B 56 -6.17 18.88 18.26
C ALA B 56 -6.27 20.20 19.02
N GLU B 57 -5.17 20.91 19.16
CA GLU B 57 -5.19 22.20 19.87
C GLU B 57 -6.06 23.22 19.14
N VAL B 58 -5.88 23.36 17.82
CA VAL B 58 -6.71 24.28 17.05
C VAL B 58 -8.18 23.87 17.14
N LEU B 59 -8.44 22.56 17.00
CA LEU B 59 -9.82 22.10 17.01
C LEU B 59 -10.50 22.45 18.34
N TRP B 60 -9.82 22.17 19.45
CA TRP B 60 -10.39 22.46 20.76
C TRP B 60 -10.66 23.96 20.92
N GLU B 61 -9.68 24.79 20.54
CA GLU B 61 -9.90 26.23 20.55
C GLU B 61 -11.12 26.61 19.72
N GLN B 62 -11.20 26.13 18.48
CA GLN B 62 -12.28 26.56 17.60
C GLN B 62 -13.65 26.16 18.14
N LEU B 63 -13.71 25.01 18.82
CA LEU B 63 -14.95 24.57 19.45
C LEU B 63 -15.39 25.48 20.59
N HIS B 64 -14.50 26.31 21.11
CA HIS B 64 -14.85 27.27 22.14
C HIS B 64 -14.95 28.70 21.64
N ASP B 65 -14.22 29.05 20.57
CA ASP B 65 -14.24 30.40 20.04
C ASP B 65 -15.39 30.64 19.08
N LEU B 66 -15.68 29.68 18.21
CA LEU B 66 -16.63 29.90 17.14
C LEU B 66 -18.04 29.53 17.58
N GLU B 67 -19.03 30.13 16.92
CA GLU B 67 -20.43 29.82 17.24
C GLU B 67 -20.72 28.34 17.00
N TRP B 68 -20.16 27.78 15.93
CA TRP B 68 -20.02 26.33 15.81
C TRP B 68 -19.00 26.03 14.72
N VAL B 69 -18.50 24.80 14.75
CA VAL B 69 -17.50 24.33 13.80
C VAL B 69 -18.19 23.37 12.86
N ASN B 70 -18.24 23.73 11.59
CA ASN B 70 -18.91 22.90 10.60
C ASN B 70 -17.92 22.43 9.54
N ALA B 71 -18.19 21.26 8.97
CA ALA B 71 -17.28 20.60 8.07
C ALA B 71 -18.06 19.87 7.01
N LEU B 72 -17.34 19.47 5.96
CA LEU B 72 -17.86 18.62 4.89
C LEU B 72 -16.97 17.38 4.77
N GLY B 73 -17.57 16.24 4.43
CA GLY B 73 -16.78 15.05 4.20
C GLY B 73 -15.83 15.16 3.02
N ALA B 74 -14.57 14.80 3.22
CA ALA B 74 -13.54 14.86 2.20
C ALA B 74 -12.92 13.48 2.03
N LEU B 75 -12.83 13.01 0.78
CA LEU B 75 -12.24 11.71 0.51
C LEU B 75 -11.00 11.76 -0.40
N THR B 76 -10.61 12.93 -0.89
CA THR B 76 -9.31 13.12 -1.52
C THR B 76 -8.65 14.36 -0.94
N GLY B 77 -7.36 14.49 -1.23
CA GLY B 77 -6.62 15.66 -0.75
C GLY B 77 -7.11 16.96 -1.36
N ASN B 78 -7.26 17.00 -2.69
CA ASN B 78 -7.78 18.19 -3.36
C ASN B 78 -9.13 18.62 -2.80
N MET B 79 -9.93 17.66 -2.32
CA MET B 79 -11.22 18.00 -1.73
C MET B 79 -11.03 18.84 -0.48
N ALA B 80 -10.12 18.43 0.40
CA ALA B 80 -9.88 19.20 1.61
C ALA B 80 -9.29 20.57 1.27
N VAL B 81 -8.41 20.64 0.27
CA VAL B 81 -7.85 21.93 -0.15
C VAL B 81 -8.97 22.90 -0.54
N GLN B 82 -9.94 22.44 -1.35
CA GLN B 82 -11.01 23.34 -1.78
C GLN B 82 -11.92 23.71 -0.62
N GLN B 83 -12.13 22.82 0.33
CA GLN B 83 -12.94 23.15 1.50
C GLN B 83 -12.30 24.28 2.30
N VAL B 84 -10.97 24.24 2.46
CA VAL B 84 -10.28 25.28 3.20
C VAL B 84 -10.22 26.57 2.37
N ARG B 85 -9.94 26.46 1.07
CA ARG B 85 -9.89 27.63 0.20
C ARG B 85 -11.19 28.43 0.26
N ALA B 86 -12.31 27.74 0.41
CA ALA B 86 -13.63 28.34 0.40
C ALA B 86 -14.05 28.87 1.77
N GLY B 87 -13.24 28.67 2.81
CA GLY B 87 -13.47 29.29 4.10
C GLY B 87 -13.72 28.34 5.25
N LEU B 88 -13.83 27.03 5.00
CA LEU B 88 -14.14 26.11 6.08
C LEU B 88 -12.91 25.92 6.97
N LYS B 89 -13.16 25.63 8.24
CA LYS B 89 -12.11 25.61 9.25
C LYS B 89 -11.88 24.24 9.85
N ALA B 90 -12.52 23.21 9.30
CA ALA B 90 -12.32 21.84 9.75
C ALA B 90 -12.63 20.93 8.57
N ILE B 91 -12.07 19.73 8.58
CA ILE B 91 -12.36 18.73 7.58
C ILE B 91 -12.97 17.52 8.25
N TYR B 92 -14.02 16.98 7.65
CA TYR B 92 -14.61 15.73 8.12
C TYR B 92 -14.15 14.58 7.22
N LEU B 93 -13.68 13.51 7.83
CA LEU B 93 -13.20 12.36 7.07
C LEU B 93 -14.14 11.20 7.35
N SER B 94 -14.95 10.88 6.35
CA SER B 94 -16.05 9.96 6.50
C SER B 94 -15.59 8.54 6.21
N GLY B 95 -15.87 7.63 7.15
CA GLY B 95 -15.59 6.22 6.91
C GLY B 95 -16.43 5.66 5.78
N TRP B 96 -17.69 6.12 5.66
CA TRP B 96 -18.57 5.72 4.57
C TRP B 96 -17.94 6.02 3.22
N GLN B 97 -17.43 7.25 3.05
CA GLN B 97 -16.83 7.64 1.77
C GLN B 97 -15.59 6.82 1.46
N VAL B 98 -14.80 6.48 2.49
CA VAL B 98 -13.63 5.64 2.28
C VAL B 98 -14.05 4.26 1.81
N ALA B 99 -15.09 3.70 2.42
CA ALA B 99 -15.65 2.43 1.96
C ALA B 99 -16.07 2.51 0.49
N GLY B 100 -16.75 3.59 0.11
CA GLY B 100 -17.31 3.69 -1.23
C GLY B 100 -16.32 3.99 -2.33
N ASP B 101 -15.23 4.68 -2.02
CA ASP B 101 -14.38 5.19 -3.10
C ASP B 101 -12.93 5.46 -2.71
N ALA B 102 -12.50 5.11 -1.50
CA ALA B 102 -11.12 5.46 -1.13
C ALA B 102 -10.49 4.57 -0.07
N ASN B 103 -10.57 3.25 -0.22
CA ASN B 103 -10.00 2.38 0.79
C ASN B 103 -8.90 1.50 0.20
N LEU B 104 -8.09 0.93 1.09
CA LEU B 104 -6.88 0.22 0.68
C LEU B 104 -7.15 -1.13 0.01
N SER B 105 -8.38 -1.64 0.03
CA SER B 105 -8.67 -2.86 -0.73
C SER B 105 -8.78 -2.61 -2.23
N GLY B 106 -8.97 -1.36 -2.65
CA GLY B 106 -9.30 -1.06 -4.03
C GLY B 106 -10.74 -1.26 -4.42
N HIS B 107 -11.58 -1.85 -3.56
CA HIS B 107 -12.95 -2.17 -3.91
C HIS B 107 -13.94 -1.10 -3.43
N THR B 108 -15.08 -1.06 -4.11
CA THR B 108 -16.23 -0.28 -3.70
C THR B 108 -17.04 -1.05 -2.64
N TYR B 109 -17.26 -0.43 -1.48
CA TYR B 109 -17.96 -1.13 -0.41
C TYR B 109 -19.11 -0.31 0.16
N PRO B 110 -20.17 -0.99 0.61
CA PRO B 110 -21.12 -0.34 1.51
C PRO B 110 -20.51 -0.18 2.90
N ASP B 111 -21.20 0.61 3.73
CA ASP B 111 -20.61 1.15 4.96
C ASP B 111 -20.78 0.16 6.12
N GLN B 112 -19.97 -0.91 6.07
CA GLN B 112 -20.09 -2.05 6.98
C GLN B 112 -18.73 -2.54 7.51
N SER B 113 -17.77 -1.65 7.66
CA SER B 113 -16.41 -2.00 8.11
C SER B 113 -15.84 -3.18 7.34
N LEU B 114 -15.91 -3.10 6.02
CA LEU B 114 -15.38 -4.17 5.18
C LEU B 114 -13.96 -3.91 4.73
N TYR B 115 -13.50 -2.66 4.81
CA TYR B 115 -12.21 -2.30 4.22
C TYR B 115 -11.09 -2.46 5.24
N PRO B 116 -9.83 -2.48 4.79
CA PRO B 116 -8.71 -2.68 5.73
C PRO B 116 -8.61 -1.54 6.73
N ALA B 117 -8.30 -1.89 7.99
CA ALA B 117 -8.48 -0.96 9.09
C ALA B 117 -7.49 0.21 9.08
N ASN B 118 -6.44 0.16 8.27
CA ASN B 118 -5.56 1.33 8.14
C ASN B 118 -5.98 2.29 7.01
N SER B 119 -7.16 2.09 6.41
CA SER B 119 -7.56 2.91 5.26
C SER B 119 -7.78 4.38 5.65
N VAL B 120 -8.55 4.62 6.72
CA VAL B 120 -8.80 6.01 7.14
C VAL B 120 -7.52 6.72 7.56
N PRO B 121 -6.61 6.12 8.34
CA PRO B 121 -5.32 6.79 8.58
C PRO B 121 -4.61 7.23 7.30
N GLN B 122 -4.57 6.36 6.29
CA GLN B 122 -3.95 6.73 5.02
C GLN B 122 -4.61 7.97 4.43
N VAL B 123 -5.94 8.10 4.56
CA VAL B 123 -6.58 9.29 4.01
C VAL B 123 -6.33 10.51 4.89
N VAL B 124 -6.20 10.32 6.22
CA VAL B 124 -5.77 11.43 7.07
C VAL B 124 -4.42 11.95 6.60
N ARG B 125 -3.44 11.04 6.48
CA ARG B 125 -2.10 11.40 6.03
C ARG B 125 -2.15 12.10 4.67
N ARG B 126 -3.04 11.63 3.79
CA ARG B 126 -3.15 12.22 2.46
C ARG B 126 -3.70 13.63 2.53
N ILE B 127 -4.79 13.81 3.29
CA ILE B 127 -5.38 15.13 3.40
C ILE B 127 -4.36 16.11 3.95
N ASN B 128 -3.62 15.70 4.99
CA ASN B 128 -2.59 16.55 5.58
C ASN B 128 -1.52 16.89 4.55
N ASN B 129 -1.03 15.88 3.81
CA ASN B 129 -0.08 16.16 2.73
C ASN B 129 -0.61 17.20 1.77
N ALA B 130 -1.89 17.08 1.39
CA ALA B 130 -2.46 17.98 0.40
C ALA B 130 -2.58 19.39 0.95
N LEU B 131 -2.96 19.52 2.23
CA LEU B 131 -3.05 20.85 2.84
C LEU B 131 -1.67 21.47 2.99
N GLN B 132 -0.66 20.67 3.31
CA GLN B 132 0.70 21.17 3.43
C GLN B 132 1.20 21.71 2.10
N ARG B 133 0.84 21.06 1.00
CA ARG B 133 1.30 21.53 -0.31
C ARG B 133 0.64 22.85 -0.66
N ALA B 134 -0.65 23.00 -0.35
CA ALA B 134 -1.32 24.28 -0.53
C ALA B 134 -0.66 25.34 0.35
N ASP B 135 -0.30 24.96 1.58
CA ASP B 135 0.40 25.88 2.48
C ASP B 135 1.75 26.30 1.91
N GLN B 136 2.55 25.33 1.44
CA GLN B 136 3.83 25.65 0.80
C GLN B 136 3.65 26.56 -0.41
N ILE B 137 2.63 26.29 -1.23
CA ILE B 137 2.42 27.09 -2.43
C ILE B 137 2.04 28.51 -2.05
N ALA B 138 1.09 28.65 -1.11
CA ALA B 138 0.66 29.98 -0.66
C ALA B 138 1.85 30.80 -0.20
N LYS B 139 2.76 30.21 0.56
CA LYS B 139 3.92 30.95 1.05
C LYS B 139 4.74 31.53 -0.10
N ILE B 140 5.18 30.70 -1.04
CA ILE B 140 6.00 31.25 -2.12
C ILE B 140 5.20 32.15 -3.04
N GLU B 141 3.87 32.02 -3.07
CA GLU B 141 3.05 32.92 -3.84
C GLU B 141 2.74 34.23 -3.12
N GLY B 142 3.09 34.34 -1.84
CA GLY B 142 2.67 35.52 -1.10
C GLY B 142 1.18 35.57 -0.85
N ASP B 143 0.51 34.42 -0.87
CA ASP B 143 -0.94 34.34 -0.71
C ASP B 143 -1.25 34.20 0.78
N THR B 144 -1.90 35.21 1.35
CA THR B 144 -2.30 35.21 2.74
C THR B 144 -3.81 35.16 2.91
N SER B 145 -4.53 34.85 1.81
CA SER B 145 -5.98 34.83 1.86
C SER B 145 -6.51 33.76 2.80
N VAL B 146 -5.74 32.70 3.05
CA VAL B 146 -6.14 31.65 3.98
C VAL B 146 -5.27 31.76 5.23
N GLU B 147 -5.91 31.90 6.39
CA GLU B 147 -5.17 32.06 7.63
C GLU B 147 -4.50 30.77 8.08
N ASN B 148 -5.24 29.65 8.04
CA ASN B 148 -4.71 28.36 8.49
C ASN B 148 -5.04 27.29 7.46
N TRP B 149 -4.04 26.90 6.67
CA TRP B 149 -4.26 25.85 5.69
C TRP B 149 -4.43 24.48 6.36
N LEU B 150 -3.76 24.25 7.47
CA LEU B 150 -3.82 22.97 8.17
C LEU B 150 -5.04 22.92 9.09
N ALA B 151 -6.21 22.91 8.47
CA ALA B 151 -7.45 22.76 9.21
C ALA B 151 -7.44 21.44 9.98
N PRO B 152 -7.95 21.42 11.21
CA PRO B 152 -8.04 20.16 11.96
C PRO B 152 -8.92 19.14 11.25
N ILE B 153 -8.52 17.87 11.33
CA ILE B 153 -9.23 16.75 10.70
C ILE B 153 -9.91 15.92 11.78
N VAL B 154 -11.22 15.71 11.63
CA VAL B 154 -12.00 14.81 12.49
C VAL B 154 -12.30 13.56 11.68
N ALA B 155 -11.84 12.40 12.15
CA ALA B 155 -11.90 11.17 11.36
C ALA B 155 -12.72 10.06 12.00
N ASP B 156 -13.18 9.15 11.15
CA ASP B 156 -14.07 8.06 11.52
C ASP B 156 -13.28 6.86 12.02
N GLY B 157 -13.46 6.50 13.30
CA GLY B 157 -12.93 5.26 13.81
C GLY B 157 -13.90 4.10 13.80
N GLU B 158 -15.13 4.33 13.33
CA GLU B 158 -16.19 3.33 13.16
C GLU B 158 -16.42 2.60 14.48
N ALA B 159 -16.47 1.28 14.51
CA ALA B 159 -16.62 0.53 15.75
C ALA B 159 -15.31 -0.12 16.17
N GLY B 160 -14.19 0.44 15.72
CA GLY B 160 -12.88 0.00 16.15
C GLY B 160 -12.31 -1.19 15.42
N PHE B 161 -13.06 -1.82 14.51
CA PHE B 161 -12.59 -3.01 13.78
C PHE B 161 -12.16 -4.14 14.71
N GLY B 162 -12.90 -4.34 15.79
CA GLY B 162 -12.61 -5.43 16.70
C GLY B 162 -12.77 -5.05 18.14
N GLY B 163 -11.80 -5.42 18.98
CA GLY B 163 -11.83 -5.14 20.39
C GLY B 163 -11.03 -3.91 20.78
N ALA B 164 -10.74 -3.79 22.08
CA ALA B 164 -10.09 -2.60 22.61
C ALA B 164 -8.69 -2.40 22.02
N LEU B 165 -8.03 -3.47 21.60
CA LEU B 165 -6.70 -3.34 21.04
C LEU B 165 -6.71 -2.97 19.57
N ASN B 166 -7.76 -3.37 18.84
CA ASN B 166 -7.96 -2.81 17.51
C ASN B 166 -8.27 -1.33 17.59
N VAL B 167 -9.11 -0.92 18.55
CA VAL B 167 -9.40 0.49 18.77
C VAL B 167 -8.13 1.25 19.05
N TYR B 168 -7.29 0.71 19.94
CA TYR B 168 -6.04 1.36 20.31
C TYR B 168 -5.17 1.57 19.09
N GLU B 169 -5.01 0.52 18.27
CA GLU B 169 -4.13 0.63 17.11
C GLU B 169 -4.69 1.60 16.06
N LEU B 170 -6.02 1.69 15.92
CA LEU B 170 -6.56 2.62 14.93
C LEU B 170 -6.35 4.06 15.39
N GLN B 171 -6.60 4.34 16.67
CA GLN B 171 -6.35 5.68 17.21
C GLN B 171 -4.87 6.05 17.06
N LYS B 172 -3.96 5.12 17.38
CA LYS B 172 -2.54 5.41 17.23
C LYS B 172 -2.17 5.69 15.78
N ALA B 173 -2.76 4.92 14.84
CA ALA B 173 -2.48 5.17 13.42
C ALA B 173 -3.07 6.50 12.97
N LEU B 174 -4.26 6.85 13.46
CA LEU B 174 -4.87 8.13 13.09
C LEU B 174 -4.02 9.28 13.58
N ILE B 175 -3.49 9.16 14.80
CA ILE B 175 -2.64 10.20 15.35
C ILE B 175 -1.35 10.34 14.54
N ALA B 176 -0.74 9.22 14.16
CA ALA B 176 0.52 9.30 13.43
C ALA B 176 0.33 10.00 12.10
N ALA B 177 -0.85 9.82 11.49
CA ALA B 177 -1.20 10.49 10.25
C ALA B 177 -1.56 11.97 10.45
N GLY B 178 -1.74 12.40 11.68
CA GLY B 178 -1.94 13.80 11.98
C GLY B 178 -3.38 14.20 12.23
N VAL B 179 -4.22 13.29 12.70
CA VAL B 179 -5.62 13.61 12.93
C VAL B 179 -5.77 14.53 14.13
N ALA B 180 -6.88 15.29 14.14
CA ALA B 180 -7.21 16.15 15.27
C ALA B 180 -8.27 15.55 16.20
N GLY B 181 -9.24 14.82 15.67
CA GLY B 181 -10.23 14.15 16.48
C GLY B 181 -10.70 12.89 15.79
N SER B 182 -11.32 12.01 16.57
CA SER B 182 -11.79 10.73 16.06
C SER B 182 -13.07 10.34 16.77
N HIS B 183 -13.99 9.71 16.05
CA HIS B 183 -15.24 9.32 16.69
C HIS B 183 -15.41 7.81 16.67
N TRP B 184 -16.14 7.32 17.67
CA TRP B 184 -16.25 5.89 17.95
C TRP B 184 -17.70 5.58 18.33
N GLU B 185 -18.26 4.55 17.70
CA GLU B 185 -19.68 4.21 17.84
C GLU B 185 -19.88 2.91 18.59
N ASP B 186 -21.04 2.78 19.23
CA ASP B 186 -21.34 1.61 20.06
C ASP B 186 -22.05 0.52 19.26
N GLN B 187 -21.48 0.16 18.12
CA GLN B 187 -21.97 -0.94 17.33
C GLN B 187 -21.03 -2.13 17.45
N LEU B 188 -21.58 -3.32 17.17
CA LEU B 188 -20.79 -4.52 17.01
C LEU B 188 -19.97 -4.44 15.73
N ALA B 189 -18.64 -4.53 15.83
CA ALA B 189 -17.80 -4.29 14.66
C ALA B 189 -18.13 -5.24 13.52
N SER B 190 -18.33 -6.53 13.84
CA SER B 190 -18.62 -7.52 12.79
C SER B 190 -19.97 -7.29 12.11
N GLU B 191 -20.85 -6.47 12.69
CA GLU B 191 -22.12 -6.13 12.04
C GLU B 191 -22.29 -4.63 11.85
N LYS B 192 -21.19 -3.88 11.77
CA LYS B 192 -21.23 -2.42 11.71
C LYS B 192 -22.05 -1.94 10.52
N LYS B 193 -22.83 -0.87 10.72
CA LYS B 193 -23.61 -0.24 9.65
C LYS B 193 -23.51 1.29 9.69
N QVA B 194 -23.68 1.92 8.53
CA QVA B 194 -24.02 3.34 8.47
C QVA B 194 -25.17 3.53 9.44
O QVA B 194 -26.05 2.71 9.54
CB QVA B 194 -24.40 3.77 7.05
SG QVA B 194 -24.98 5.50 7.03
C02 QVA B 194 -23.38 7.16 8.75
C04 QVA B 194 -23.55 6.65 7.30
C05 QVA B 194 -23.57 7.89 6.35
C07 QVA B 194 -24.82 8.76 6.55
O01 QVA B 194 -23.02 6.20 9.70
O03 QVA B 194 -24.32 8.08 9.23
O06 QVA B 194 -22.45 8.68 6.64
O08 QVA B 194 -24.71 9.95 6.95
O09 QVA B 194 -25.97 8.29 6.33
N GLY B 195 -25.15 4.62 10.18
CA GLY B 195 -26.24 4.92 11.11
C GLY B 195 -27.64 4.94 10.49
N HIS B 196 -27.71 5.16 9.18
CA HIS B 196 -29.00 5.23 8.49
C HIS B 196 -29.28 4.01 7.63
N LEU B 197 -28.49 2.95 7.79
CA LEU B 197 -28.86 1.63 7.31
C LEU B 197 -29.50 0.85 8.45
N GLY B 198 -30.20 -0.23 8.08
CA GLY B 198 -30.77 -1.13 9.05
C GLY B 198 -29.79 -2.21 9.46
N GLY B 199 -30.27 -3.10 10.33
CA GLY B 199 -29.47 -4.24 10.76
C GLY B 199 -28.34 -3.90 11.71
N LYS B 200 -28.53 -2.86 12.52
CA LYS B 200 -27.50 -2.42 13.45
C LYS B 200 -27.60 -3.20 14.75
N VAL B 201 -26.44 -3.52 15.31
CA VAL B 201 -26.36 -4.26 16.57
C VAL B 201 -25.58 -3.41 17.56
N LEU B 202 -26.22 -3.03 18.66
CA LEU B 202 -25.47 -2.33 19.69
C LEU B 202 -24.60 -3.30 20.48
N ILE B 203 -23.59 -2.74 21.16
CA ILE B 203 -22.80 -3.48 22.13
C ILE B 203 -23.15 -2.90 23.50
N PRO B 204 -22.82 -3.57 24.60
CA PRO B 204 -23.21 -3.05 25.91
C PRO B 204 -22.53 -1.72 26.23
N THR B 205 -23.22 -0.91 27.04
CA THR B 205 -22.70 0.40 27.45
C THR B 205 -21.24 0.32 27.90
N GLN B 206 -20.94 -0.61 28.81
CA GLN B 206 -19.58 -0.68 29.35
C GLN B 206 -18.56 -1.03 28.28
N GLN B 207 -18.94 -1.83 27.28
CA GLN B 207 -18.01 -2.15 26.22
C GLN B 207 -17.65 -0.91 25.42
N HIS B 208 -18.58 0.04 25.27
CA HIS B 208 -18.21 1.26 24.55
C HIS B 208 -17.41 2.20 25.44
N ILE B 209 -17.64 2.16 26.75
CA ILE B 209 -16.75 2.89 27.66
C ILE B 209 -15.33 2.34 27.55
N ARG B 210 -15.19 1.02 27.37
CA ARG B 210 -13.88 0.44 27.16
C ARG B 210 -13.26 0.97 25.86
N THR B 211 -14.05 1.04 24.79
CA THR B 211 -13.54 1.59 23.54
C THR B 211 -13.09 3.03 23.72
N LEU B 212 -13.92 3.84 24.37
CA LEU B 212 -13.59 5.26 24.57
C LEU B 212 -12.35 5.42 25.45
N THR B 213 -12.23 4.57 26.49
CA THR B 213 -11.04 4.55 27.33
C THR B 213 -9.82 4.13 26.53
N SER B 214 -9.99 3.13 25.67
CA SER B 214 -8.90 2.71 24.79
C SER B 214 -8.46 3.85 23.86
N ALA B 215 -9.42 4.64 23.37
CA ALA B 215 -9.07 5.72 22.45
C ALA B 215 -8.32 6.84 23.15
N ARG B 216 -8.70 7.14 24.41
CA ARG B 216 -7.96 8.13 25.17
C ARG B 216 -6.58 7.64 25.52
N LEU B 217 -6.45 6.35 25.88
CA LEU B 217 -5.16 5.80 26.26
C LEU B 217 -4.14 5.96 25.12
N ALA B 218 -4.55 5.65 23.90
CA ALA B 218 -3.62 5.74 22.77
C ALA B 218 -3.15 7.19 22.56
N ALA B 219 -4.07 8.15 22.68
CA ALA B 219 -3.69 9.54 22.55
C ALA B 219 -2.74 9.96 23.67
N ASP B 220 -2.98 9.46 24.89
CA ASP B 220 -2.10 9.71 26.02
C ASP B 220 -0.71 9.12 25.79
N VAL B 221 -0.65 7.88 25.28
CA VAL B 221 0.64 7.24 25.05
C VAL B 221 1.39 7.94 23.91
N ALA B 222 0.66 8.45 22.92
CA ALA B 222 1.25 9.23 21.85
C ALA B 222 1.39 10.71 22.22
N ASP B 223 1.03 11.09 23.45
CA ASP B 223 1.34 12.41 24.00
C ASP B 223 0.71 13.55 23.19
N VAL B 224 -0.54 13.37 22.76
CA VAL B 224 -1.26 14.42 22.05
C VAL B 224 -2.71 14.48 22.55
N PRO B 225 -3.30 15.67 22.66
CA PRO B 225 -4.65 15.82 23.24
C PRO B 225 -5.77 15.63 22.23
N THR B 226 -5.75 14.48 21.54
CA THR B 226 -6.74 14.18 20.50
C THR B 226 -8.17 14.33 21.02
N VAL B 227 -9.01 15.00 20.23
CA VAL B 227 -10.42 15.15 20.58
C VAL B 227 -11.12 13.81 20.38
N VAL B 228 -11.85 13.35 21.40
CA VAL B 228 -12.51 12.05 21.35
C VAL B 228 -14.02 12.26 21.35
N ILE B 229 -14.67 11.74 20.31
CA ILE B 229 -16.12 11.87 20.13
C ILE B 229 -16.74 10.49 20.32
N ALA B 230 -17.87 10.45 21.03
CA ALA B 230 -18.61 9.22 21.27
C ALA B 230 -19.92 9.26 20.49
N ARG B 231 -20.17 8.25 19.68
CA ARG B 231 -21.37 8.17 18.87
C ARG B 231 -22.24 7.03 19.37
N THR B 232 -23.55 7.27 19.48
CA THR B 232 -24.47 6.20 19.83
C THR B 232 -25.45 5.95 18.70
N ASP B 233 -25.64 4.67 18.38
CA ASP B 233 -26.56 4.29 17.32
C ASP B 233 -27.88 3.77 17.87
N ALA B 234 -28.22 4.13 19.10
CA ALA B 234 -29.35 3.54 19.81
C ALA B 234 -30.70 4.13 19.41
N GLU B 235 -30.72 5.25 18.67
CA GLU B 235 -32.00 5.77 18.19
C GLU B 235 -32.73 4.75 17.34
N ALA B 236 -32.01 4.07 16.45
CA ALA B 236 -32.65 3.18 15.48
C ALA B 236 -32.36 1.71 15.70
N ALA B 237 -31.23 1.35 16.33
CA ALA B 237 -30.86 -0.04 16.48
C ALA B 237 -31.87 -0.80 17.35
N THR B 238 -32.34 -1.96 16.87
CA THR B 238 -33.25 -2.79 17.64
C THR B 238 -32.60 -4.08 18.14
N LEU B 239 -31.29 -4.21 18.03
CA LEU B 239 -30.57 -5.39 18.48
C LEU B 239 -29.38 -4.97 19.33
N ILE B 240 -29.04 -5.82 20.30
CA ILE B 240 -27.84 -5.66 21.11
C ILE B 240 -27.25 -7.04 21.34
N THR B 241 -25.91 -7.10 21.45
CA THR B 241 -25.24 -8.39 21.55
C THR B 241 -25.54 -9.10 22.87
N SER B 242 -25.77 -8.33 23.94
CA SER B 242 -25.81 -8.93 25.27
C SER B 242 -26.67 -8.07 26.18
N ASP B 243 -27.23 -8.71 27.22
CA ASP B 243 -27.94 -8.03 28.28
C ASP B 243 -27.15 -8.03 29.58
N VAL B 244 -25.83 -8.12 29.48
CA VAL B 244 -24.97 -8.21 30.65
C VAL B 244 -24.95 -6.89 31.43
N ASP B 245 -25.13 -5.75 30.77
CA ASP B 245 -25.02 -4.45 31.43
C ASP B 245 -26.39 -4.01 31.96
N GLU B 246 -26.46 -3.75 33.27
CA GLU B 246 -27.72 -3.35 33.90
C GLU B 246 -28.25 -2.03 33.35
N ARG B 247 -27.39 -1.22 32.74
CA ARG B 247 -27.84 0.05 32.16
C ARG B 247 -28.60 -0.16 30.86
N ASP B 248 -28.43 -1.30 30.22
CA ASP B 248 -29.14 -1.63 28.99
C ASP B 248 -30.34 -2.51 29.22
N GLN B 249 -30.41 -3.17 30.38
CA GLN B 249 -31.53 -4.06 30.66
C GLN B 249 -32.89 -3.37 30.63
N PRO B 250 -33.06 -2.11 31.05
CA PRO B 250 -34.39 -1.47 30.90
C PRO B 250 -35.00 -1.59 29.51
N PHE B 251 -34.19 -1.74 28.47
CA PHE B 251 -34.72 -1.75 27.11
C PHE B 251 -34.77 -3.14 26.47
N ILE B 252 -34.15 -4.14 27.10
CA ILE B 252 -34.18 -5.50 26.56
C ILE B 252 -35.58 -6.07 26.66
N THR B 253 -36.08 -6.63 25.55
CA THR B 253 -37.46 -7.13 25.56
C THR B 253 -37.58 -8.60 25.93
N GLY B 254 -36.48 -9.36 25.89
CA GLY B 254 -36.49 -10.79 26.14
C GLY B 254 -36.47 -11.65 24.88
N GLU B 255 -37.00 -11.16 23.77
CA GLU B 255 -36.94 -11.89 22.51
C GLU B 255 -35.53 -11.90 21.93
N ARG B 256 -35.23 -12.96 21.19
CA ARG B 256 -33.90 -13.16 20.61
C ARG B 256 -34.04 -13.53 19.14
N THR B 257 -32.98 -13.24 18.37
CA THR B 257 -32.89 -13.68 16.99
C THR B 257 -32.21 -15.04 16.92
N ARG B 258 -32.27 -15.65 15.73
CA ARG B 258 -31.63 -16.94 15.52
C ARG B 258 -30.12 -16.87 15.72
N GLU B 259 -29.50 -15.72 15.42
CA GLU B 259 -28.08 -15.57 15.73
C GLU B 259 -27.81 -15.43 17.22
N GLY B 260 -28.83 -15.17 18.04
CA GLY B 260 -28.64 -14.96 19.46
C GLY B 260 -28.58 -13.52 19.90
N PHE B 261 -28.83 -12.56 19.00
CA PHE B 261 -28.91 -11.17 19.42
C PHE B 261 -30.20 -10.93 20.21
N TYR B 262 -30.15 -9.96 21.12
CA TYR B 262 -31.28 -9.58 21.95
C TYR B 262 -32.00 -8.40 21.31
N ARG B 263 -33.30 -8.52 21.12
CA ARG B 263 -34.08 -7.38 20.67
CA ARG B 263 -34.09 -7.39 20.69
C ARG B 263 -34.16 -6.36 21.81
N THR B 264 -34.14 -5.09 21.44
CA THR B 264 -34.08 -4.00 22.40
C THR B 264 -34.90 -2.83 21.88
N LYS B 265 -35.51 -2.08 22.80
CA LYS B 265 -36.40 -0.98 22.43
CA LYS B 265 -36.40 -0.98 22.43
C LYS B 265 -35.57 0.27 22.13
N ASN B 266 -35.62 0.71 20.89
CA ASN B 266 -34.84 1.84 20.39
C ASN B 266 -35.57 3.16 20.61
N GLY B 267 -34.81 4.25 20.62
CA GLY B 267 -35.37 5.58 20.55
C GLY B 267 -34.46 6.59 21.23
N ILE B 268 -35.06 7.74 21.59
CA ILE B 268 -34.29 8.79 22.24
C ILE B 268 -33.91 8.40 23.67
N GLU B 269 -34.73 7.57 24.32
CA GLU B 269 -34.47 7.23 25.72
C GLU B 269 -33.16 6.47 25.91
N PRO B 270 -32.89 5.36 25.18
CA PRO B 270 -31.57 4.73 25.34
C PRO B 270 -30.42 5.64 24.93
N CYS B 271 -30.64 6.54 23.97
CA CYS B 271 -29.58 7.45 23.55
C CYS B 271 -29.17 8.39 24.66
N ILE B 272 -30.16 8.92 25.40
CA ILE B 272 -29.88 9.82 26.51
C ILE B 272 -29.14 9.10 27.64
N ALA B 273 -29.60 7.89 28.00
CA ALA B 273 -28.90 7.12 29.02
C ALA B 273 -27.48 6.78 28.59
N ARG B 274 -27.29 6.48 27.31
CA ARG B 274 -25.94 6.15 26.84
C ARG B 274 -25.05 7.39 26.78
N ALA B 275 -25.62 8.53 26.35
CA ALA B 275 -24.83 9.77 26.33
C ALA B 275 -24.34 10.14 27.72
N LYS B 276 -25.19 9.96 28.74
CA LYS B 276 -24.77 10.25 30.10
C LYS B 276 -23.71 9.28 30.57
N ALA B 277 -23.82 8.01 30.18
CA ALA B 277 -22.76 7.07 30.52
C ALA B 277 -21.45 7.42 29.83
N TYR B 278 -21.51 7.93 28.59
CA TYR B 278 -20.29 8.20 27.83
C TYR B 278 -19.63 9.51 28.21
N ALA B 279 -20.42 10.51 28.63
CA ALA B 279 -19.97 11.88 28.88
C ALA B 279 -18.63 12.00 29.59
N PRO B 280 -18.36 11.24 30.67
CA PRO B 280 -17.04 11.36 31.30
C PRO B 280 -15.89 10.93 30.42
N PHE B 281 -16.15 10.23 29.31
CA PHE B 281 -15.12 9.66 28.47
C PHE B 281 -15.12 10.22 27.05
N ALA B 282 -15.86 11.30 26.82
CA ALA B 282 -16.05 11.85 25.49
C ALA B 282 -15.96 13.37 25.52
N ASP B 283 -15.19 13.94 24.59
CA ASP B 283 -15.13 15.39 24.44
C ASP B 283 -16.36 15.94 23.73
N LEU B 284 -17.00 15.12 22.90
CA LEU B 284 -18.23 15.46 22.20
C LEU B 284 -19.08 14.21 22.10
N ILE B 285 -20.39 14.38 22.11
CA ILE B 285 -21.32 13.27 22.06
C ILE B 285 -22.24 13.44 20.87
N TRP B 286 -22.43 12.36 20.12
CA TRP B 286 -23.18 12.36 18.86
C TRP B 286 -24.20 11.22 18.92
N MET B 287 -25.47 11.55 18.71
CA MET B 287 -26.50 10.54 18.52
C MET B 287 -26.98 10.60 17.08
N GLU B 288 -26.94 9.47 16.39
CA GLU B 288 -27.55 9.38 15.07
C GLU B 288 -29.06 9.50 15.20
N THR B 289 -29.70 10.14 14.21
CA THR B 289 -31.15 10.29 14.16
C THR B 289 -31.69 9.82 12.81
N GLY B 290 -32.99 9.50 12.79
CA GLY B 290 -33.61 9.03 11.56
C GLY B 290 -34.13 10.12 10.64
N THR B 291 -34.31 11.32 11.17
CA THR B 291 -34.76 12.47 10.42
C THR B 291 -33.96 13.68 10.88
N PRO B 292 -33.92 14.74 10.09
CA PRO B 292 -33.36 16.01 10.59
C PRO B 292 -34.43 16.82 11.32
N ASP B 293 -34.40 16.79 12.65
CA ASP B 293 -35.51 17.26 13.48
C ASP B 293 -34.93 18.08 14.62
N LEU B 294 -35.15 19.39 14.57
CA LEU B 294 -34.67 20.30 15.60
C LEU B 294 -35.28 20.01 16.97
N GLU B 295 -36.54 19.55 17.02
CA GLU B 295 -37.16 19.29 18.32
C GLU B 295 -36.55 18.07 18.99
N ALA B 296 -36.38 16.97 18.25
CA ALA B 296 -35.69 15.80 18.80
C ALA B 296 -34.26 16.14 19.21
N ALA B 297 -33.57 16.93 18.40
CA ALA B 297 -32.23 17.38 18.77
C ALA B 297 -32.27 18.14 20.09
N ARG B 298 -33.21 19.07 20.22
CA ARG B 298 -33.34 19.88 21.44
C ARG B 298 -33.56 19.00 22.66
N GLN B 299 -34.48 18.05 22.55
CA GLN B 299 -34.79 17.17 23.66
C GLN B 299 -33.55 16.40 24.11
N PHE B 300 -32.72 15.96 23.16
CA PHE B 300 -31.52 15.20 23.49
C PHE B 300 -30.52 16.08 24.22
N SER B 301 -30.26 17.27 23.69
CA SER B 301 -29.29 18.17 24.32
C SER B 301 -29.72 18.55 25.73
N GLU B 302 -30.99 18.94 25.89
CA GLU B 302 -31.46 19.36 27.21
C GLU B 302 -31.32 18.24 28.23
N ALA B 303 -31.71 17.01 27.86
CA ALA B 303 -31.62 15.90 28.81
C ALA B 303 -30.17 15.62 29.19
N VAL B 304 -29.25 15.70 28.22
CA VAL B 304 -27.85 15.43 28.52
C VAL B 304 -27.24 16.56 29.33
N LYS B 305 -27.47 17.80 28.90
CA LYS B 305 -26.91 18.94 29.61
C LYS B 305 -27.55 19.13 30.98
N ALA B 306 -28.76 18.59 31.19
CA ALA B 306 -29.35 18.55 32.52
C ALA B 306 -28.40 17.96 33.54
N GLU B 307 -27.56 17.02 33.13
CA GLU B 307 -26.59 16.44 34.05
C GLU B 307 -25.16 16.86 33.78
N TYR B 308 -24.79 17.12 32.52
CA TYR B 308 -23.47 17.63 32.17
C TYR B 308 -23.66 18.93 31.40
N PRO B 309 -23.75 20.06 32.09
CA PRO B 309 -24.12 21.30 31.40
C PRO B 309 -23.11 21.73 30.36
N ASP B 310 -21.83 21.43 30.56
CA ASP B 310 -20.78 21.82 29.63
C ASP B 310 -20.54 20.82 28.49
N GLN B 311 -21.21 19.67 28.49
CA GLN B 311 -20.95 18.64 27.50
C GLN B 311 -21.27 19.11 26.08
N MET B 312 -20.24 19.24 25.24
CA MET B 312 -20.46 19.60 23.84
C MET B 312 -21.02 18.42 23.06
N LEU B 313 -21.84 18.72 22.05
CA LEU B 313 -22.49 17.73 21.22
C LEU B 313 -22.02 17.84 19.77
N ALA B 314 -22.26 16.78 19.00
CA ALA B 314 -21.99 16.79 17.57
C ALA B 314 -23.22 16.28 16.84
N TYR B 315 -23.46 16.81 15.64
CA TYR B 315 -24.62 16.45 14.85
C TYR B 315 -24.23 16.15 13.41
N ASN B 316 -24.79 15.06 12.88
CA ASN B 316 -24.57 14.63 11.50
C ASN B 316 -25.70 15.17 10.62
N CYS B 317 -25.40 16.16 9.78
CA CYS B 317 -26.35 16.64 8.77
C CYS B 317 -26.25 15.72 7.57
N SER B 318 -26.94 14.58 7.69
CA SER B 318 -26.65 13.44 6.83
C SER B 318 -27.33 13.62 5.47
N PRO B 319 -26.60 13.40 4.37
CA PRO B 319 -27.26 13.25 3.06
C PRO B 319 -28.10 11.99 2.97
N SER B 320 -28.12 11.13 3.99
CA SER B 320 -29.06 10.01 3.96
C SER B 320 -30.48 10.42 4.29
N PHE B 321 -30.69 11.69 4.66
CA PHE B 321 -32.03 12.27 4.72
C PHE B 321 -32.40 12.91 3.38
N ASN B 322 -33.65 12.74 2.98
CA ASN B 322 -34.27 13.55 1.93
C ASN B 322 -34.69 14.86 2.59
N TRP B 323 -33.87 15.90 2.44
CA TRP B 323 -34.00 17.10 3.28
C TRP B 323 -35.32 17.84 3.03
N LYS B 324 -35.62 18.19 1.78
CA LYS B 324 -36.85 18.94 1.55
C LYS B 324 -38.10 18.09 1.71
N LYS B 325 -37.97 16.77 1.77
CA LYS B 325 -39.12 15.93 2.08
C LYS B 325 -39.60 16.17 3.50
N HIS B 326 -38.68 16.54 4.40
CA HIS B 326 -39.01 16.74 5.80
C HIS B 326 -39.10 18.19 6.23
N LEU B 327 -38.39 19.11 5.57
CA LEU B 327 -38.28 20.47 6.07
C LEU B 327 -38.53 21.48 4.97
N ASP B 328 -39.05 22.66 5.35
CA ASP B 328 -39.18 23.76 4.42
C ASP B 328 -37.85 24.53 4.35
N ASP B 329 -37.71 25.36 3.30
CA ASP B 329 -36.46 26.05 3.06
C ASP B 329 -36.04 26.89 4.26
N ALA B 330 -37.02 27.47 4.98
CA ALA B 330 -36.69 28.29 6.14
C ALA B 330 -36.04 27.46 7.25
N THR B 331 -36.62 26.28 7.55
CA THR B 331 -36.03 25.41 8.58
C THR B 331 -34.65 24.94 8.15
N ILE B 332 -34.50 24.58 6.88
CA ILE B 332 -33.20 24.18 6.34
C ILE B 332 -32.19 25.31 6.51
N ALA B 333 -32.59 26.54 6.17
CA ALA B 333 -31.64 27.65 6.22
C ALA B 333 -31.17 27.93 7.65
N LYS B 334 -32.02 27.70 8.64
CA LYS B 334 -31.64 27.97 10.03
C LYS B 334 -31.13 26.74 10.78
N PHE B 335 -31.15 25.56 10.15
CA PHE B 335 -30.88 24.30 10.86
C PHE B 335 -29.61 24.35 11.71
N GLN B 336 -28.46 24.65 11.08
CA GLN B 336 -27.19 24.60 11.81
C GLN B 336 -27.09 25.66 12.91
N LYS B 337 -27.55 26.90 12.65
CA LYS B 337 -27.54 27.89 13.72
C LYS B 337 -28.35 27.43 14.90
N GLU B 338 -29.53 26.91 14.63
CA GLU B 338 -30.39 26.47 15.70
C GLU B 338 -29.71 25.39 16.52
N LEU B 339 -29.14 24.40 15.84
CA LEU B 339 -28.39 23.37 16.56
C LEU B 339 -27.27 23.98 17.38
N ALA B 340 -26.57 24.99 16.84
CA ALA B 340 -25.44 25.55 17.57
C ALA B 340 -25.87 26.13 18.90
N ALA B 341 -27.06 26.72 18.95
CA ALA B 341 -27.57 27.27 20.21
C ALA B 341 -27.92 26.18 21.20
N MET B 342 -28.12 24.94 20.75
CA MET B 342 -28.41 23.83 21.65
C MET B 342 -27.15 23.16 22.19
N GLY B 343 -25.98 23.48 21.66
CA GLY B 343 -24.75 22.84 22.08
C GLY B 343 -24.11 21.94 21.06
N PHE B 344 -24.62 21.88 19.82
CA PHE B 344 -24.04 21.06 18.77
C PHE B 344 -22.91 21.86 18.13
N LYS B 345 -21.72 21.74 18.71
CA LYS B 345 -20.60 22.56 18.32
C LYS B 345 -19.81 21.99 17.14
N PHE B 346 -19.98 20.71 16.80
CA PHE B 346 -19.41 20.14 15.59
C PHE B 346 -20.52 19.58 14.73
N GLN B 347 -20.66 20.13 13.53
CA GLN B 347 -21.70 19.70 12.60
C GLN B 347 -21.07 19.47 11.22
N PHE B 348 -21.49 18.40 10.55
CA PHE B 348 -20.77 17.95 9.38
C PHE B 348 -21.74 17.27 8.43
N ILE B 349 -21.50 17.46 7.12
CA ILE B 349 -22.23 16.74 6.08
C ILE B 349 -21.34 15.57 5.64
N THR B 350 -21.68 14.37 6.14
CA THR B 350 -20.79 13.21 6.02
C THR B 350 -20.43 12.89 4.57
N LEU B 351 -21.43 12.82 3.69
CA LEU B 351 -21.24 12.29 2.34
C LEU B 351 -21.17 13.39 1.30
N ALA B 352 -20.76 14.59 1.72
CA ALA B 352 -20.69 15.72 0.79
C ALA B 352 -19.75 15.42 -0.37
N GLY B 353 -18.59 14.84 -0.07
CA GLY B 353 -17.62 14.55 -1.12
C GLY B 353 -18.15 13.53 -2.11
N PHE B 354 -18.75 12.44 -1.61
CA PHE B 354 -19.31 11.43 -2.51
C PHE B 354 -20.31 12.06 -3.47
N HIS B 355 -21.22 12.90 -2.96
CA HIS B 355 -22.27 13.41 -3.84
C HIS B 355 -21.74 14.49 -4.78
N ALA B 356 -20.89 15.38 -4.28
CA ALA B 356 -20.26 16.37 -5.14
C ALA B 356 -19.46 15.70 -6.25
N LEU B 357 -18.62 14.72 -5.89
CA LEU B 357 -17.81 14.05 -6.91
C LEU B 357 -18.69 13.29 -7.89
N ASN B 358 -19.69 12.55 -7.39
CA ASN B 358 -20.48 11.73 -8.28
C ASN B 358 -21.37 12.59 -9.17
N TYR B 359 -22.03 13.60 -8.59
CA TYR B 359 -22.93 14.41 -9.41
C TYR B 359 -22.14 15.23 -10.44
N SER B 360 -21.02 15.83 -10.02
CA SER B 360 -20.29 16.68 -10.97
C SER B 360 -19.75 15.88 -12.13
N MET B 361 -19.32 14.63 -11.89
CA MET B 361 -18.81 13.84 -13.01
C MET B 361 -19.93 13.36 -13.92
N PHE B 362 -21.06 12.92 -13.34
CA PHE B 362 -22.19 12.54 -14.19
C PHE B 362 -22.63 13.72 -15.06
N ASP B 363 -22.81 14.89 -14.44
CA ASP B 363 -23.28 16.07 -15.17
C ASP B 363 -22.34 16.37 -16.33
N LEU B 364 -21.03 16.48 -16.04
CA LEU B 364 -20.06 16.77 -17.09
C LEU B 364 -20.07 15.69 -18.16
N ALA B 365 -20.05 14.43 -17.75
CA ALA B 365 -19.94 13.34 -18.71
C ALA B 365 -21.21 13.23 -19.56
N TYR B 366 -22.38 13.44 -18.95
CA TYR B 366 -23.62 13.45 -19.71
C TYR B 366 -23.60 14.56 -20.76
N GLY B 367 -23.17 15.76 -20.36
CA GLY B 367 -23.03 16.82 -21.34
C GLY B 367 -22.04 16.48 -22.43
N TYR B 368 -20.89 15.94 -22.03
CA TYR B 368 -19.83 15.59 -22.99
C TYR B 368 -20.30 14.52 -23.98
N ALA B 369 -21.08 13.55 -23.49
CA ALA B 369 -21.69 12.56 -24.36
C ALA B 369 -22.55 13.21 -25.43
N GLN B 370 -23.31 14.24 -25.08
CA GLN B 370 -24.20 14.89 -26.05
C GLN B 370 -23.46 15.91 -26.92
N ASN B 371 -22.61 16.75 -26.30
CA ASN B 371 -22.10 17.95 -26.97
C ASN B 371 -20.58 18.12 -26.93
N GLN B 372 -19.84 17.10 -26.47
CA GLN B 372 -18.39 17.14 -26.35
C GLN B 372 -17.85 18.43 -25.75
N MET B 373 -17.00 19.18 -26.48
CA MET B 373 -16.20 20.21 -25.83
C MET B 373 -17.03 21.36 -25.28
N SER B 374 -18.21 21.62 -25.85
CA SER B 374 -19.09 22.64 -25.29
C SER B 374 -19.35 22.38 -23.81
N ALA B 375 -19.56 21.12 -23.43
CA ALA B 375 -19.85 20.81 -22.03
C ALA B 375 -18.65 21.10 -21.14
N TYR B 376 -17.42 20.77 -21.59
CA TYR B 376 -16.27 21.06 -20.75
C TYR B 376 -16.00 22.54 -20.66
N VAL B 377 -16.17 23.27 -21.77
CA VAL B 377 -15.91 24.71 -21.75
C VAL B 377 -16.89 25.39 -20.82
N GLU B 378 -18.11 24.83 -20.67
CA GLU B 378 -19.05 25.38 -19.69
C GLU B 378 -18.49 25.30 -18.29
N LEU B 379 -17.90 24.15 -17.93
CA LEU B 379 -17.22 24.03 -16.64
C LEU B 379 -16.03 24.98 -16.54
N GLN B 380 -15.16 25.00 -17.56
CA GLN B 380 -13.97 25.84 -17.45
C GLN B 380 -14.35 27.30 -17.27
N GLU B 381 -15.40 27.76 -17.97
CA GLU B 381 -15.86 29.14 -17.81
C GLU B 381 -16.43 29.38 -16.42
N ARG B 382 -17.15 28.40 -15.85
CA ARG B 382 -17.58 28.52 -14.45
C ARG B 382 -16.37 28.65 -13.53
N GLU B 383 -15.29 27.93 -13.82
CA GLU B 383 -14.07 28.03 -13.01
C GLU B 383 -13.46 29.42 -13.08
N PHE B 384 -13.28 29.95 -14.30
CA PHE B 384 -12.86 31.34 -14.45
C PHE B 384 -13.73 32.28 -13.63
N ALA B 385 -15.05 32.09 -13.69
CA ALA B 385 -15.96 32.96 -12.96
C ALA B 385 -15.79 32.83 -11.46
N ALA B 386 -15.50 31.62 -10.99
CA ALA B 386 -15.33 31.39 -9.56
C ALA B 386 -14.08 32.06 -8.99
N GLU B 387 -13.15 32.52 -9.82
CA GLU B 387 -11.95 33.17 -9.31
C GLU B 387 -12.29 34.44 -8.52
N GLU B 388 -13.38 35.12 -8.89
CA GLU B 388 -13.88 36.23 -8.09
C GLU B 388 -14.09 35.82 -6.65
N ARG B 389 -14.56 34.58 -6.44
CA ARG B 389 -14.89 34.03 -5.12
C ARG B 389 -13.69 33.42 -4.41
N GLY B 390 -12.51 33.41 -5.02
CA GLY B 390 -11.31 32.90 -4.39
C GLY B 390 -10.76 31.63 -5.01
N TYR B 391 -11.45 31.05 -5.98
CA TYR B 391 -11.04 29.79 -6.59
C TYR B 391 -9.73 29.99 -7.34
N THR B 392 -8.82 29.01 -7.21
CA THR B 392 -7.52 29.09 -7.83
C THR B 392 -7.18 27.93 -8.75
N ALA B 393 -8.01 26.89 -8.83
CA ALA B 393 -7.57 25.64 -9.45
C ALA B 393 -7.74 25.64 -10.97
N THR B 394 -8.34 26.67 -11.56
CA THR B 394 -8.30 26.80 -13.01
C THR B 394 -6.86 26.77 -13.51
N LYS B 395 -5.95 27.37 -12.75
CA LYS B 395 -4.52 27.24 -13.03
C LYS B 395 -4.05 25.97 -12.34
N HIS B 396 -4.28 24.84 -13.01
CA HIS B 396 -4.07 23.56 -12.32
C HIS B 396 -2.59 23.27 -12.08
N GLN B 397 -1.68 23.84 -12.88
CA GLN B 397 -0.27 23.52 -12.76
C GLN B 397 0.30 24.05 -11.44
N ARG B 398 0.13 25.35 -11.18
CA ARG B 398 0.56 25.90 -9.90
C ARG B 398 -0.26 25.32 -8.74
N GLU B 399 -1.53 24.98 -8.98
CA GLU B 399 -2.38 24.48 -7.90
C GLU B 399 -1.80 23.22 -7.28
N VAL B 400 -1.16 22.40 -8.11
CA VAL B 400 -0.63 21.10 -7.72
CA VAL B 400 -0.65 21.12 -7.64
C VAL B 400 0.84 21.18 -7.33
N GLY B 401 1.47 22.34 -7.54
CA GLY B 401 2.80 22.59 -7.05
C GLY B 401 3.88 22.74 -8.07
N ALA B 402 3.52 23.02 -9.33
CA ALA B 402 4.56 23.21 -10.34
C ALA B 402 5.47 24.38 -9.97
N GLY B 403 4.91 25.44 -9.39
CA GLY B 403 5.74 26.55 -8.98
C GLY B 403 6.62 26.19 -7.80
N TYR B 404 6.11 25.37 -6.89
CA TYR B 404 6.86 25.02 -5.69
C TYR B 404 8.03 24.13 -6.03
N PHE B 405 7.83 23.18 -6.95
CA PHE B 405 8.92 22.32 -7.35
C PHE B 405 9.91 23.06 -8.24
N ASP B 406 9.44 24.06 -9.00
CA ASP B 406 10.37 24.93 -9.70
C ASP B 406 11.30 25.63 -8.70
N ARG B 407 10.75 26.10 -7.59
CA ARG B 407 11.58 26.74 -6.58
C ARG B 407 12.57 25.75 -5.97
N ILE B 408 12.15 24.49 -5.79
CA ILE B 408 13.12 23.49 -5.34
C ILE B 408 14.20 23.29 -6.40
N ALA B 409 13.80 23.19 -7.66
CA ALA B 409 14.77 22.95 -8.73
C ALA B 409 15.79 24.09 -8.84
N THR B 410 15.35 25.35 -8.72
CA THR B 410 16.30 26.45 -8.84
C THR B 410 17.01 26.78 -7.54
N THR B 411 16.56 26.23 -6.41
CA THR B 411 17.39 26.22 -5.21
C THR B 411 18.57 25.26 -5.38
N VAL B 412 18.33 24.08 -5.96
CA VAL B 412 19.42 23.15 -6.22
C VAL B 412 20.35 23.69 -7.31
N ASP B 413 19.78 24.21 -8.42
CA ASP B 413 20.56 24.70 -9.54
C ASP B 413 19.82 25.88 -10.15
N PRO B 414 20.19 27.11 -9.80
CA PRO B 414 19.42 28.27 -10.28
C PRO B 414 19.34 28.38 -11.79
N ASN B 415 20.31 27.84 -12.53
CA ASN B 415 20.28 27.93 -13.98
C ASN B 415 19.79 26.65 -14.64
N SER B 416 19.10 25.79 -13.89
CA SER B 416 18.54 24.58 -14.48
C SER B 416 17.76 24.93 -15.74
N SER B 417 17.97 24.17 -16.82
CA SER B 417 17.19 24.41 -18.02
C SER B 417 15.94 23.55 -18.13
N THR B 418 15.52 22.91 -17.03
CA THR B 418 14.37 22.02 -17.12
C THR B 418 13.29 22.37 -16.10
N THR B 419 13.10 23.66 -15.79
CA THR B 419 11.99 24.08 -14.94
C THR B 419 10.68 24.05 -15.73
N ALA B 420 9.57 24.15 -15.00
CA ALA B 420 8.28 23.73 -15.56
C ALA B 420 7.37 24.88 -15.96
N LEU B 421 7.25 25.93 -15.15
CA LEU B 421 6.21 26.93 -15.43
C LEU B 421 6.60 27.88 -16.55
N THR B 422 7.90 28.19 -16.68
CA THR B 422 8.35 29.05 -17.76
C THR B 422 8.18 28.32 -19.09
N GLY B 423 7.43 28.91 -20.02
CA GLY B 423 7.16 28.28 -21.28
C GLY B 423 5.91 27.43 -21.33
N SER B 424 5.20 27.30 -20.22
CA SER B 424 3.97 26.51 -20.11
C SER B 424 2.79 27.24 -20.74
N THR B 425 1.80 26.46 -21.20
CA THR B 425 0.58 27.10 -21.69
C THR B 425 -0.16 27.83 -20.57
N GLU B 426 0.03 27.42 -19.31
CA GLU B 426 -0.64 28.11 -18.22
C GLU B 426 -0.12 29.54 -18.09
N GLU B 427 1.21 29.70 -18.16
CA GLU B 427 1.80 31.03 -18.19
C GLU B 427 1.34 31.80 -19.42
N GLY B 428 1.20 31.12 -20.57
CA GLY B 428 0.87 31.83 -21.77
C GLY B 428 -0.60 32.17 -21.96
N GLN B 429 -1.50 31.46 -21.27
CA GLN B 429 -2.92 31.56 -21.59
C GLN B 429 -3.87 31.84 -20.43
N PHE B 430 -3.36 31.96 -19.20
CA PHE B 430 -4.24 32.05 -18.02
C PHE B 430 -3.98 33.27 -17.11
N MET C 4 -19.09 -5.81 -25.47
CA MET C 4 -19.70 -6.70 -26.45
C MET C 4 -18.74 -7.83 -26.85
N SER C 5 -18.23 -8.55 -25.85
CA SER C 5 -17.24 -9.60 -26.05
C SER C 5 -17.70 -10.88 -25.34
N VAL C 6 -17.14 -12.01 -25.77
CA VAL C 6 -17.41 -13.29 -25.12
C VAL C 6 -16.44 -13.57 -23.97
N VAL C 7 -15.39 -12.75 -23.80
CA VAL C 7 -14.35 -13.04 -22.81
C VAL C 7 -14.97 -13.01 -21.41
N GLY C 8 -14.70 -14.06 -20.64
CA GLY C 8 -15.15 -14.12 -19.25
C GLY C 8 -16.63 -14.26 -19.03
N THR C 9 -17.39 -14.73 -20.02
CA THR C 9 -18.82 -14.94 -19.82
C THR C 9 -19.07 -15.96 -18.71
N PRO C 10 -19.95 -15.69 -17.76
CA PRO C 10 -20.21 -16.66 -16.70
C PRO C 10 -20.96 -17.87 -17.24
N LYS C 11 -20.82 -18.97 -16.51
CA LYS C 11 -21.53 -20.19 -16.82
C LYS C 11 -23.01 -20.05 -16.46
N SER C 12 -23.81 -20.95 -16.98
CA SER C 12 -25.21 -21.06 -16.62
C SER C 12 -25.34 -21.76 -15.27
N ALA C 13 -26.50 -21.58 -14.64
CA ALA C 13 -26.77 -22.32 -13.41
C ALA C 13 -26.68 -23.81 -13.63
N GLU C 14 -27.32 -24.30 -14.70
CA GLU C 14 -27.30 -25.73 -14.98
C GLU C 14 -25.89 -26.26 -15.09
N GLN C 15 -25.00 -25.47 -15.70
CA GLN C 15 -23.62 -25.91 -15.89
C GLN C 15 -22.91 -26.10 -14.55
N ILE C 16 -23.06 -25.11 -13.67
CA ILE C 16 -22.45 -25.22 -12.34
C ILE C 16 -23.09 -26.36 -11.57
N GLN C 17 -24.41 -26.47 -11.62
CA GLN C 17 -25.12 -27.54 -10.92
C GLN C 17 -24.58 -28.90 -11.35
N GLN C 18 -24.45 -29.09 -12.67
CA GLN C 18 -23.93 -30.36 -13.19
C GLN C 18 -22.53 -30.63 -12.67
N GLU C 19 -21.70 -29.59 -12.54
CA GLU C 19 -20.36 -29.78 -12.01
C GLU C 19 -20.43 -30.25 -10.55
N TRP C 20 -21.27 -29.61 -9.74
CA TRP C 20 -21.42 -30.05 -8.35
C TRP C 20 -21.91 -31.49 -8.27
N ASP C 21 -22.76 -31.92 -9.21
CA ASP C 21 -23.33 -33.26 -9.18
C ASP C 21 -22.33 -34.33 -9.60
N THR C 22 -21.53 -34.05 -10.63
CA THR C 22 -20.70 -35.06 -11.26
C THR C 22 -19.23 -35.03 -10.85
N ASN C 23 -18.68 -33.86 -10.54
CA ASN C 23 -17.25 -33.76 -10.25
C ASN C 23 -16.93 -34.42 -8.90
N PRO C 24 -16.04 -35.41 -8.85
CA PRO C 24 -15.69 -36.03 -7.56
C PRO C 24 -15.15 -35.03 -6.55
N ARG C 25 -14.62 -33.90 -7.01
CA ARG C 25 -14.11 -32.85 -6.13
C ARG C 25 -15.13 -32.47 -5.07
N TRP C 26 -16.42 -32.47 -5.42
CA TRP C 26 -17.51 -32.07 -4.54
C TRP C 26 -18.26 -33.26 -3.93
N LYS C 27 -17.61 -34.42 -3.83
CA LYS C 27 -18.23 -35.64 -3.32
C LYS C 27 -19.10 -35.40 -2.10
N ASP C 28 -18.51 -34.99 -0.98
CA ASP C 28 -19.35 -34.79 0.21
C ASP C 28 -19.26 -33.34 0.67
N VAL C 29 -19.44 -32.42 -0.28
CA VAL C 29 -19.45 -30.99 -0.03
C VAL C 29 -20.90 -30.53 -0.03
N THR C 30 -21.36 -30.00 1.10
CA THR C 30 -22.70 -29.44 1.19
C THR C 30 -22.66 -27.93 0.91
N ARG C 31 -23.51 -27.49 0.00
CA ARG C 31 -23.75 -26.07 -0.21
C ARG C 31 -25.20 -25.79 0.16
N THR C 32 -25.40 -24.92 1.15
CA THR C 32 -26.78 -24.58 1.50
C THR C 32 -27.40 -23.56 0.55
N TYR C 33 -26.64 -23.00 -0.37
CA TYR C 33 -27.17 -22.09 -1.38
C TYR C 33 -27.22 -22.80 -2.72
N SER C 34 -27.85 -22.16 -3.70
CA SER C 34 -28.08 -22.76 -5.00
C SER C 34 -27.07 -22.26 -6.03
N ALA C 35 -26.99 -23.01 -7.15
CA ALA C 35 -26.17 -22.55 -8.26
C ALA C 35 -26.65 -21.21 -8.79
N GLU C 36 -27.98 -21.04 -8.85
CA GLU C 36 -28.53 -19.80 -9.36
C GLU C 36 -28.19 -18.62 -8.44
N ASP C 37 -28.02 -18.89 -7.13
CA ASP C 37 -27.49 -17.87 -6.24
C ASP C 37 -26.07 -17.48 -6.64
N VAL C 38 -25.26 -18.44 -7.07
CA VAL C 38 -23.89 -18.11 -7.45
C VAL C 38 -23.88 -17.23 -8.70
N VAL C 39 -24.67 -17.62 -9.71
CA VAL C 39 -24.71 -16.83 -10.94
C VAL C 39 -25.20 -15.42 -10.66
N ALA C 40 -26.17 -15.28 -9.75
CA ALA C 40 -26.73 -13.95 -9.47
C ALA C 40 -25.68 -12.98 -8.94
N LEU C 41 -24.59 -13.49 -8.38
CA LEU C 41 -23.58 -12.64 -7.77
C LEU C 41 -22.38 -12.37 -8.70
N GLN C 42 -22.36 -12.97 -9.89
CA GLN C 42 -21.18 -12.92 -10.76
C GLN C 42 -21.18 -11.77 -11.75
N GLY C 43 -22.22 -10.95 -11.79
CA GLY C 43 -22.23 -9.91 -12.81
C GLY C 43 -22.27 -10.48 -14.21
N SER C 44 -21.71 -9.76 -15.17
CA SER C 44 -21.68 -10.23 -16.54
C SER C 44 -20.29 -10.66 -16.98
N VAL C 45 -19.28 -10.51 -16.13
CA VAL C 45 -17.91 -10.92 -16.44
C VAL C 45 -17.33 -11.60 -15.21
N VAL C 46 -16.74 -12.77 -15.39
CA VAL C 46 -16.06 -13.49 -14.33
C VAL C 46 -14.58 -13.49 -14.64
N GLU C 47 -13.78 -12.86 -13.79
CA GLU C 47 -12.33 -12.86 -13.97
C GLU C 47 -11.76 -14.25 -13.75
N GLU C 48 -10.89 -14.69 -14.66
CA GLU C 48 -10.16 -15.93 -14.43
C GLU C 48 -9.09 -15.69 -13.36
N HIS C 49 -8.92 -16.67 -12.49
CA HIS C 49 -7.86 -16.64 -11.47
C HIS C 49 -6.98 -17.87 -11.69
N THR C 50 -6.07 -17.77 -12.67
CA THR C 50 -5.23 -18.89 -13.09
C THR C 50 -4.49 -19.55 -11.92
N LEU C 51 -3.79 -18.76 -11.11
CA LEU C 51 -2.97 -19.38 -10.07
C LEU C 51 -3.82 -19.99 -8.96
N ALA C 52 -4.98 -19.39 -8.66
CA ALA C 52 -5.86 -19.98 -7.67
C ALA C 52 -6.46 -21.29 -8.18
N ARG C 53 -6.80 -21.34 -9.47
CA ARG C 53 -7.35 -22.58 -10.03
C ARG C 53 -6.30 -23.69 -10.02
N ARG C 54 -5.13 -23.40 -10.60
CA ARG C 54 -4.07 -24.39 -10.67
C ARG C 54 -3.61 -24.81 -9.28
N GLY C 55 -3.42 -23.85 -8.38
CA GLY C 55 -3.01 -24.18 -7.03
C GLY C 55 -4.02 -25.07 -6.31
N ALA C 56 -5.31 -24.75 -6.44
CA ALA C 56 -6.32 -25.53 -5.74
C ALA C 56 -6.43 -26.94 -6.34
N GLU C 57 -6.38 -27.04 -7.67
CA GLU C 57 -6.43 -28.35 -8.30
C GLU C 57 -5.18 -29.18 -7.98
N VAL C 58 -3.99 -28.57 -8.05
CA VAL C 58 -2.78 -29.31 -7.67
C VAL C 58 -2.84 -29.75 -6.21
N LEU C 59 -3.31 -28.87 -5.34
CA LEU C 59 -3.38 -29.20 -3.92
C LEU C 59 -4.32 -30.37 -3.67
N TRP C 60 -5.50 -30.35 -4.30
CA TRP C 60 -6.46 -31.44 -4.15
C TRP C 60 -5.83 -32.78 -4.56
N GLU C 61 -5.15 -32.81 -5.71
CA GLU C 61 -4.52 -34.04 -6.16
C GLU C 61 -3.47 -34.53 -5.18
N GLN C 62 -2.52 -33.67 -4.82
CA GLN C 62 -1.47 -34.08 -3.89
C GLN C 62 -2.04 -34.61 -2.58
N LEU C 63 -3.17 -34.07 -2.12
CA LEU C 63 -3.77 -34.55 -0.88
C LEU C 63 -4.21 -36.00 -1.01
N HIS C 64 -4.55 -36.43 -2.22
CA HIS C 64 -4.97 -37.80 -2.50
C HIS C 64 -3.86 -38.68 -3.07
N ASP C 65 -2.92 -38.12 -3.84
CA ASP C 65 -1.86 -38.94 -4.42
C ASP C 65 -0.72 -39.19 -3.44
N LEU C 66 -0.31 -38.18 -2.68
CA LEU C 66 0.83 -38.36 -1.79
C LEU C 66 0.39 -39.01 -0.48
N GLU C 67 1.37 -39.46 0.29
CA GLU C 67 1.03 -40.09 1.56
C GLU C 67 0.61 -39.03 2.58
N TRP C 68 1.27 -37.87 2.57
CA TRP C 68 0.71 -36.64 3.12
C TRP C 68 1.38 -35.45 2.43
N VAL C 69 0.92 -34.25 2.77
CA VAL C 69 1.44 -33.00 2.24
C VAL C 69 1.95 -32.21 3.44
N ASN C 70 3.23 -31.87 3.46
CA ASN C 70 3.69 -31.03 4.55
C ASN C 70 4.27 -29.72 3.99
N ALA C 71 4.52 -28.80 4.90
CA ALA C 71 4.86 -27.44 4.49
C ALA C 71 5.41 -26.72 5.70
N LEU C 72 6.07 -25.60 5.44
CA LEU C 72 6.56 -24.68 6.46
C LEU C 72 5.97 -23.31 6.19
N GLY C 73 5.77 -22.54 7.27
CA GLY C 73 5.35 -21.16 7.13
C GLY C 73 6.37 -20.34 6.37
N ALA C 74 5.88 -19.51 5.44
CA ALA C 74 6.72 -18.60 4.67
C ALA C 74 6.15 -17.20 4.82
N LEU C 75 7.00 -16.24 5.19
CA LEU C 75 6.59 -14.86 5.31
C LEU C 75 7.23 -13.92 4.29
N THR C 76 8.19 -14.39 3.51
CA THR C 76 8.68 -13.64 2.35
C THR C 76 8.67 -14.54 1.12
N GLY C 77 8.83 -13.89 -0.04
CA GLY C 77 8.85 -14.64 -1.30
C GLY C 77 10.07 -15.54 -1.42
N ASN C 78 11.24 -15.04 -1.07
CA ASN C 78 12.46 -15.85 -1.14
C ASN C 78 12.34 -17.09 -0.24
N MET C 79 11.68 -16.97 0.91
CA MET C 79 11.46 -18.13 1.77
C MET C 79 10.71 -19.23 1.03
N ALA C 80 9.62 -18.86 0.36
CA ALA C 80 8.84 -19.84 -0.40
C ALA C 80 9.68 -20.47 -1.49
N VAL C 81 10.48 -19.65 -2.19
CA VAL C 81 11.35 -20.16 -3.25
C VAL C 81 12.30 -21.22 -2.70
N GLN C 82 12.90 -20.96 -1.55
CA GLN C 82 13.83 -21.93 -0.98
C GLN C 82 13.12 -23.21 -0.58
N GLN C 83 11.89 -23.11 -0.07
CA GLN C 83 11.14 -24.29 0.31
C GLN C 83 10.87 -25.18 -0.90
N VAL C 84 10.45 -24.60 -2.02
CA VAL C 84 10.26 -25.39 -3.23
C VAL C 84 11.59 -25.91 -3.75
N ARG C 85 12.62 -25.06 -3.80
CA ARG C 85 13.94 -25.51 -4.22
C ARG C 85 14.41 -26.73 -3.42
N ALA C 86 14.06 -26.80 -2.14
CA ALA C 86 14.50 -27.90 -1.29
C ALA C 86 13.59 -29.13 -1.37
N GLY C 87 12.61 -29.15 -2.27
CA GLY C 87 11.77 -30.32 -2.48
C GLY C 87 10.35 -30.25 -1.95
N LEU C 88 10.02 -29.26 -1.12
CA LEU C 88 8.67 -29.18 -0.57
C LEU C 88 7.65 -28.90 -1.67
N LYS C 89 6.43 -29.39 -1.48
CA LYS C 89 5.42 -29.37 -2.53
C LYS C 89 4.22 -28.50 -2.16
N ALA C 90 4.26 -27.79 -1.03
CA ALA C 90 3.22 -26.85 -0.67
C ALA C 90 3.81 -25.80 0.26
N ILE C 91 3.21 -24.62 0.26
CA ILE C 91 3.65 -23.54 1.13
C ILE C 91 2.51 -23.21 2.10
N TYR C 92 2.87 -23.02 3.38
CA TYR C 92 1.94 -22.55 4.39
C TYR C 92 2.15 -21.06 4.63
N LEU C 93 1.06 -20.29 4.62
CA LEU C 93 1.11 -18.85 4.87
C LEU C 93 0.44 -18.54 6.21
N SER C 94 1.28 -18.39 7.24
CA SER C 94 0.86 -18.19 8.63
C SER C 94 0.46 -16.75 8.90
N GLY C 95 -0.70 -16.58 9.56
CA GLY C 95 -1.13 -15.24 9.94
C GLY C 95 -0.36 -14.73 11.14
N TRP C 96 0.05 -15.64 12.03
CA TRP C 96 0.94 -15.28 13.12
C TRP C 96 2.19 -14.58 12.59
N GLN C 97 2.87 -15.22 11.62
CA GLN C 97 4.09 -14.63 11.08
C GLN C 97 3.81 -13.30 10.39
N VAL C 98 2.67 -13.19 9.71
CA VAL C 98 2.28 -11.93 9.07
C VAL C 98 2.10 -10.86 10.15
N ALA C 99 1.40 -11.20 11.24
CA ALA C 99 1.30 -10.27 12.36
C ALA C 99 2.67 -9.87 12.89
N GLY C 100 3.58 -10.83 13.05
CA GLY C 100 4.86 -10.55 13.67
C GLY C 100 5.86 -9.81 12.80
N ASP C 101 5.84 -10.00 11.49
CA ASP C 101 6.91 -9.44 10.69
C ASP C 101 6.56 -9.14 9.24
N ALA C 102 5.28 -9.20 8.83
CA ALA C 102 4.98 -8.98 7.43
C ALA C 102 3.54 -8.50 7.16
N ASN C 103 3.05 -7.51 7.90
CA ASN C 103 1.70 -7.04 7.66
C ASN C 103 1.70 -5.58 7.21
N LEU C 104 0.59 -5.15 6.64
CA LEU C 104 0.53 -3.88 5.93
C LEU C 104 0.47 -2.67 6.86
N SER C 105 0.37 -2.87 8.19
CA SER C 105 0.46 -1.74 9.09
C SER C 105 1.89 -1.26 9.30
N GLY C 106 2.88 -2.10 9.00
CA GLY C 106 4.25 -1.82 9.34
C GLY C 106 4.63 -2.17 10.75
N HIS C 107 3.68 -2.55 11.61
CA HIS C 107 3.97 -2.80 13.02
C HIS C 107 4.20 -4.29 13.30
N THR C 108 4.95 -4.54 14.38
CA THR C 108 5.07 -5.88 14.97
C THR C 108 3.90 -6.08 15.93
N TYR C 109 3.23 -7.23 15.81
CA TYR C 109 1.98 -7.49 16.51
C TYR C 109 1.96 -8.92 17.03
N PRO C 110 1.34 -9.13 18.20
CA PRO C 110 0.96 -10.49 18.59
C PRO C 110 -0.19 -10.99 17.72
N ASP C 111 -0.43 -12.30 17.82
CA ASP C 111 -1.35 -12.99 16.92
C ASP C 111 -2.80 -12.77 17.38
N GLN C 112 -3.31 -11.57 17.14
CA GLN C 112 -4.63 -11.26 17.68
C GLN C 112 -5.51 -10.50 16.68
N SER C 113 -5.34 -10.79 15.38
CA SER C 113 -6.10 -10.13 14.32
C SER C 113 -5.99 -8.61 14.41
N LEU C 114 -4.79 -8.12 14.67
CA LEU C 114 -4.57 -6.70 14.81
C LEU C 114 -4.28 -6.02 13.47
N TYR C 115 -3.75 -6.76 12.50
CA TYR C 115 -3.27 -6.15 11.26
C TYR C 115 -4.38 -5.95 10.24
N PRO C 116 -4.15 -5.11 9.23
CA PRO C 116 -5.20 -4.87 8.22
C PRO C 116 -5.51 -6.16 7.47
N ALA C 117 -6.81 -6.36 7.22
CA ALA C 117 -7.34 -7.62 6.73
C ALA C 117 -6.87 -8.00 5.33
N ASN C 118 -6.24 -7.10 4.58
CA ASN C 118 -5.70 -7.51 3.28
C ASN C 118 -4.22 -7.90 3.35
N SER C 119 -3.65 -8.05 4.54
CA SER C 119 -2.22 -8.37 4.63
C SER C 119 -1.92 -9.78 4.10
N VAL C 120 -2.73 -10.79 4.45
CA VAL C 120 -2.37 -12.14 4.02
C VAL C 120 -2.54 -12.25 2.50
N PRO C 121 -3.62 -11.73 1.89
CA PRO C 121 -3.66 -11.67 0.42
C PRO C 121 -2.40 -11.08 -0.21
N GLN C 122 -1.89 -9.98 0.33
CA GLN C 122 -0.70 -9.37 -0.26
C GLN C 122 0.50 -10.34 -0.22
N VAL C 123 0.64 -11.11 0.85
CA VAL C 123 1.75 -12.05 0.93
C VAL C 123 1.50 -13.27 0.04
N VAL C 124 0.24 -13.69 -0.11
CA VAL C 124 -0.06 -14.73 -1.10
C VAL C 124 0.41 -14.28 -2.49
N ARG C 125 0.05 -13.04 -2.87
CA ARG C 125 0.47 -12.50 -4.15
C ARG C 125 2.00 -12.43 -4.25
N ARG C 126 2.67 -12.05 -3.16
CA ARG C 126 4.13 -11.94 -3.16
C ARG C 126 4.78 -13.31 -3.41
N ILE C 127 4.33 -14.31 -2.67
CA ILE C 127 4.89 -15.65 -2.81
C ILE C 127 4.71 -16.17 -4.23
N ASN C 128 3.52 -15.97 -4.80
CA ASN C 128 3.30 -16.41 -6.17
C ASN C 128 4.23 -15.67 -7.15
N ASN C 129 4.38 -14.34 -6.98
CA ASN C 129 5.33 -13.58 -7.79
C ASN C 129 6.74 -14.17 -7.67
N ALA C 130 7.17 -14.47 -6.45
CA ALA C 130 8.51 -15.02 -6.24
C ALA C 130 8.66 -16.38 -6.91
N LEU C 131 7.69 -17.27 -6.70
CA LEU C 131 7.74 -18.58 -7.35
C LEU C 131 7.68 -18.43 -8.86
N GLN C 132 6.91 -17.46 -9.35
CA GLN C 132 6.88 -17.22 -10.79
C GLN C 132 8.24 -16.76 -11.31
N ARG C 133 8.98 -15.97 -10.52
CA ARG C 133 10.30 -15.52 -10.97
C ARG C 133 11.26 -16.69 -11.07
N ALA C 134 11.28 -17.53 -10.03
CA ALA C 134 12.07 -18.76 -10.08
C ALA C 134 11.68 -19.62 -11.29
N ASP C 135 10.38 -19.79 -11.53
CA ASP C 135 9.94 -20.55 -12.69
C ASP C 135 10.44 -19.94 -14.00
N GLN C 136 10.45 -18.61 -14.10
CA GLN C 136 10.93 -17.95 -15.31
C GLN C 136 12.43 -18.15 -15.47
N ILE C 137 13.18 -18.07 -14.37
CA ILE C 137 14.63 -18.23 -14.45
C ILE C 137 14.99 -19.66 -14.83
N ALA C 138 14.38 -20.64 -14.16
CA ALA C 138 14.67 -22.04 -14.47
C ALA C 138 14.46 -22.30 -15.95
N LYS C 139 13.41 -21.70 -16.53
CA LYS C 139 13.12 -21.93 -17.95
C LYS C 139 14.23 -21.40 -18.85
N ILE C 140 14.82 -20.25 -18.53
CA ILE C 140 15.88 -19.76 -19.44
C ILE C 140 17.21 -20.43 -19.15
N GLU C 141 17.42 -20.89 -17.91
CA GLU C 141 18.61 -21.65 -17.54
C GLU C 141 18.50 -23.13 -17.91
N GLY C 142 17.38 -23.56 -18.51
CA GLY C 142 17.18 -24.97 -18.81
C GLY C 142 17.23 -25.85 -17.59
N ASP C 143 16.80 -25.33 -16.45
CA ASP C 143 16.87 -26.05 -15.19
C ASP C 143 15.56 -26.80 -14.98
N THR C 144 15.63 -28.14 -15.02
CA THR C 144 14.46 -28.97 -14.78
C THR C 144 14.52 -29.66 -13.43
N SER C 145 15.36 -29.17 -12.51
CA SER C 145 15.53 -29.85 -11.23
C SER C 145 14.28 -29.74 -10.34
N VAL C 146 13.40 -28.76 -10.59
CA VAL C 146 12.16 -28.62 -9.84
C VAL C 146 11.01 -28.82 -10.81
N GLU C 147 10.11 -29.74 -10.47
CA GLU C 147 9.03 -30.06 -11.40
C GLU C 147 7.89 -29.05 -11.31
N ASN C 148 7.60 -28.53 -10.12
CA ASN C 148 6.51 -27.58 -9.98
C ASN C 148 6.98 -26.41 -9.11
N TRP C 149 7.32 -25.30 -9.76
CA TRP C 149 7.69 -24.12 -8.98
C TRP C 149 6.47 -23.50 -8.31
N LEU C 150 5.30 -23.57 -8.96
CA LEU C 150 4.08 -22.96 -8.43
C LEU C 150 3.43 -23.91 -7.44
N ALA C 151 4.12 -24.11 -6.32
CA ALA C 151 3.57 -24.93 -5.26
C ALA C 151 2.28 -24.29 -4.73
N PRO C 152 1.30 -25.10 -4.35
CA PRO C 152 0.05 -24.51 -3.84
C PRO C 152 0.28 -23.86 -2.48
N ILE C 153 -0.37 -22.70 -2.29
CA ILE C 153 -0.30 -21.96 -1.04
C ILE C 153 -1.56 -22.22 -0.23
N VAL C 154 -1.38 -22.56 1.04
CA VAL C 154 -2.46 -22.65 2.03
C VAL C 154 -2.31 -21.46 2.97
N ALA C 155 -3.32 -20.60 3.04
CA ALA C 155 -3.18 -19.33 3.74
C ALA C 155 -4.17 -19.20 4.89
N ASP C 156 -3.81 -18.33 5.84
CA ASP C 156 -4.53 -18.16 7.09
C ASP C 156 -5.62 -17.09 6.96
N GLY C 157 -6.89 -17.52 7.06
CA GLY C 157 -8.05 -16.64 7.12
C GLY C 157 -8.44 -16.19 8.51
N GLU C 158 -7.78 -16.70 9.53
CA GLU C 158 -7.95 -16.29 10.93
C GLU C 158 -9.41 -16.47 11.31
N ALA C 159 -10.04 -15.50 11.95
CA ALA C 159 -11.45 -15.55 12.28
C ALA C 159 -12.28 -14.66 11.36
N GLY C 160 -11.77 -14.38 10.16
CA GLY C 160 -12.52 -13.63 9.18
C GLY C 160 -12.57 -12.12 9.36
N PHE C 161 -11.97 -11.58 10.42
CA PHE C 161 -11.92 -10.14 10.65
C PHE C 161 -13.32 -9.50 10.72
N GLY C 162 -14.30 -10.22 11.24
CA GLY C 162 -15.63 -9.67 11.37
C GLY C 162 -16.72 -10.67 11.07
N GLY C 163 -17.72 -10.27 10.28
CA GLY C 163 -18.83 -11.13 9.96
C GLY C 163 -18.64 -11.92 8.68
N ALA C 164 -19.75 -12.51 8.22
CA ALA C 164 -19.70 -13.36 7.05
C ALA C 164 -19.22 -12.61 5.81
N LEU C 165 -19.47 -11.29 5.75
CA LEU C 165 -19.05 -10.49 4.61
C LEU C 165 -17.55 -10.18 4.66
N ASN C 166 -17.02 -9.95 5.86
CA ASN C 166 -15.56 -9.82 5.97
C ASN C 166 -14.88 -11.12 5.60
N VAL C 167 -15.42 -12.25 6.06
CA VAL C 167 -14.93 -13.56 5.60
C VAL C 167 -14.96 -13.63 4.09
N TYR C 168 -16.10 -13.24 3.50
CA TYR C 168 -16.26 -13.37 2.06
C TYR C 168 -15.19 -12.56 1.34
N GLU C 169 -15.02 -11.30 1.74
CA GLU C 169 -14.04 -10.44 1.08
C GLU C 169 -12.62 -10.96 1.26
N LEU C 170 -12.31 -11.53 2.44
CA LEU C 170 -10.95 -12.05 2.63
C LEU C 170 -10.69 -13.22 1.71
N GLN C 171 -11.64 -14.16 1.62
CA GLN C 171 -11.51 -15.30 0.70
C GLN C 171 -11.39 -14.84 -0.75
N LYS C 172 -12.22 -13.85 -1.14
CA LYS C 172 -12.14 -13.31 -2.50
C LYS C 172 -10.75 -12.73 -2.78
N ALA C 173 -10.19 -11.99 -1.82
CA ALA C 173 -8.87 -11.42 -2.02
C ALA C 173 -7.79 -12.50 -2.03
N LEU C 174 -7.94 -13.55 -1.21
CA LEU C 174 -6.96 -14.62 -1.22
C LEU C 174 -6.93 -15.30 -2.59
N ILE C 175 -8.10 -15.50 -3.17
CA ILE C 175 -8.21 -16.13 -4.49
C ILE C 175 -7.64 -15.21 -5.57
N ALA C 176 -7.93 -13.92 -5.50
CA ALA C 176 -7.38 -13.02 -6.51
C ALA C 176 -5.86 -13.06 -6.52
N ALA C 177 -5.25 -13.29 -5.34
CA ALA C 177 -3.80 -13.32 -5.22
C ALA C 177 -3.23 -14.68 -5.57
N GLY C 178 -4.08 -15.69 -5.76
CA GLY C 178 -3.65 -16.99 -6.22
C GLY C 178 -3.54 -18.04 -5.14
N VAL C 179 -4.36 -17.94 -4.08
CA VAL C 179 -4.32 -18.94 -3.01
C VAL C 179 -4.86 -20.27 -3.51
N ALA C 180 -4.37 -21.36 -2.93
CA ALA C 180 -4.87 -22.70 -3.21
C ALA C 180 -5.87 -23.19 -2.18
N GLY C 181 -5.63 -22.90 -0.91
CA GLY C 181 -6.57 -23.27 0.13
C GLY C 181 -6.46 -22.25 1.24
N SER C 182 -7.53 -22.16 2.04
CA SER C 182 -7.57 -21.20 3.14
C SER C 182 -8.19 -21.86 4.36
N HIS C 183 -7.80 -21.40 5.55
CA HIS C 183 -8.34 -21.99 6.77
C HIS C 183 -9.01 -20.95 7.66
N TRP C 184 -10.05 -21.39 8.36
CA TRP C 184 -10.99 -20.52 9.06
C TRP C 184 -11.30 -21.13 10.42
N GLU C 185 -11.13 -20.34 11.49
CA GLU C 185 -11.23 -20.85 12.85
C GLU C 185 -12.46 -20.30 13.58
N ASP C 186 -12.96 -21.08 14.54
CA ASP C 186 -14.24 -20.75 15.19
C ASP C 186 -14.05 -19.87 16.43
N GLN C 187 -13.26 -18.81 16.30
CA GLN C 187 -13.07 -17.84 17.37
C GLN C 187 -13.81 -16.54 17.04
N LEU C 188 -14.10 -15.78 18.08
CA LEU C 188 -14.60 -14.41 17.92
C LEU C 188 -13.48 -13.52 17.37
N ALA C 189 -13.72 -12.91 16.20
CA ALA C 189 -12.68 -12.14 15.52
C ALA C 189 -12.10 -11.04 16.43
N SER C 190 -12.97 -10.29 17.12
CA SER C 190 -12.51 -9.19 17.99
C SER C 190 -11.64 -9.64 19.15
N GLU C 191 -11.59 -10.95 19.46
CA GLU C 191 -10.76 -11.46 20.53
C GLU C 191 -9.84 -12.57 20.05
N LYS C 192 -9.59 -12.64 18.74
CA LYS C 192 -8.85 -13.74 18.15
C LYS C 192 -7.49 -13.90 18.84
N LYS C 193 -7.09 -15.15 19.01
CA LYS C 193 -5.77 -15.51 19.57
C LYS C 193 -5.11 -16.60 18.74
N QVA C 194 -3.78 -16.65 18.79
CA QVA C 194 -3.07 -17.86 18.44
C QVA C 194 -3.68 -18.99 19.30
O QVA C 194 -4.00 -18.79 20.43
CB QVA C 194 -1.56 -17.71 18.70
SG QVA C 194 -0.68 -19.29 18.44
C02 QVA C 194 -1.65 -20.70 16.16
C04 QVA C 194 -0.59 -19.69 16.63
C05 QVA C 194 0.80 -20.16 16.13
C07 QVA C 194 1.28 -21.44 16.78
O01 QVA C 194 -1.49 -22.04 16.60
O03 QVA C 194 -2.95 -20.17 16.13
O06 QVA C 194 0.75 -20.49 14.76
O08 QVA C 194 1.64 -22.43 16.08
O09 QVA C 194 1.32 -21.51 18.03
N GLY C 195 -3.84 -20.16 18.72
CA GLY C 195 -4.49 -21.25 19.45
C GLY C 195 -3.69 -21.73 20.64
N HIS C 196 -2.44 -21.25 20.77
CA HIS C 196 -1.62 -21.59 21.92
C HIS C 196 -1.40 -20.41 22.86
N LEU C 197 -2.15 -19.34 22.66
CA LEU C 197 -2.29 -18.26 23.63
C LEU C 197 -3.54 -18.51 24.46
N GLY C 198 -3.63 -17.83 25.61
CA GLY C 198 -4.83 -17.82 26.41
C GLY C 198 -5.85 -16.80 25.89
N GLY C 199 -6.94 -16.67 26.65
CA GLY C 199 -7.95 -15.67 26.32
C GLY C 199 -8.74 -15.92 25.06
N LYS C 200 -8.97 -17.19 24.70
CA LYS C 200 -9.71 -17.51 23.48
C LYS C 200 -11.21 -17.51 23.74
N VAL C 201 -11.97 -17.02 22.76
CA VAL C 201 -13.43 -16.98 22.82
C VAL C 201 -13.99 -17.67 21.57
N LEU C 202 -14.77 -18.72 21.78
CA LEU C 202 -15.39 -19.41 20.66
C LEU C 202 -16.65 -18.67 20.22
N ILE C 203 -17.04 -18.91 18.97
CA ILE C 203 -18.33 -18.46 18.47
C ILE C 203 -19.24 -19.67 18.34
N PRO C 204 -20.55 -19.49 18.25
CA PRO C 204 -21.44 -20.66 18.19
C PRO C 204 -21.15 -21.53 16.97
N THR C 205 -21.44 -22.83 17.10
CA THR C 205 -21.18 -23.78 16.01
C THR C 205 -21.79 -23.29 14.69
N GLN C 206 -23.05 -22.84 14.72
CA GLN C 206 -23.71 -22.38 13.49
C GLN C 206 -23.05 -21.14 12.91
N GLN C 207 -22.54 -20.25 13.76
CA GLN C 207 -21.82 -19.10 13.23
C GLN C 207 -20.57 -19.53 12.49
N HIS C 208 -19.91 -20.60 12.94
CA HIS C 208 -18.76 -20.99 12.15
C HIS C 208 -19.16 -21.74 10.88
N ILE C 209 -20.29 -22.44 10.89
CA ILE C 209 -20.81 -22.98 9.65
C ILE C 209 -21.10 -21.86 8.66
N ARG C 210 -21.61 -20.73 9.17
CA ARG C 210 -21.82 -19.56 8.31
CA ARG C 210 -21.82 -19.55 8.31
C ARG C 210 -20.52 -19.10 7.67
N THR C 211 -19.43 -19.06 8.46
CA THR C 211 -18.13 -18.65 7.94
C THR C 211 -17.67 -19.57 6.82
N LEU C 212 -17.76 -20.88 7.05
CA LEU C 212 -17.32 -21.86 6.06
C LEU C 212 -18.15 -21.78 4.79
N THR C 213 -19.46 -21.56 4.95
CA THR C 213 -20.36 -21.38 3.81
C THR C 213 -19.99 -20.14 3.04
N SER C 214 -19.66 -19.05 3.74
CA SER C 214 -19.27 -17.82 3.07
C SER C 214 -17.95 -17.98 2.31
N ALA C 215 -16.99 -18.72 2.88
CA ALA C 215 -15.72 -18.97 2.19
C ALA C 215 -15.94 -19.81 0.93
N ARG C 216 -16.84 -20.80 1.00
CA ARG C 216 -17.15 -21.61 -0.17
C ARG C 216 -17.87 -20.79 -1.22
N LEU C 217 -18.85 -19.97 -0.81
CA LEU C 217 -19.55 -19.11 -1.75
C LEU C 217 -18.58 -18.19 -2.49
N ALA C 218 -17.67 -17.56 -1.74
CA ALA C 218 -16.70 -16.67 -2.39
C ALA C 218 -15.85 -17.41 -3.41
N ALA C 219 -15.49 -18.67 -3.11
CA ALA C 219 -14.75 -19.46 -4.10
C ALA C 219 -15.64 -19.81 -5.29
N ASP C 220 -16.91 -20.14 -5.03
CA ASP C 220 -17.80 -20.48 -6.13
C ASP C 220 -18.04 -19.27 -7.04
N VAL C 221 -18.24 -18.10 -6.46
CA VAL C 221 -18.50 -16.90 -7.27
C VAL C 221 -17.27 -16.55 -8.09
N ALA C 222 -16.08 -16.77 -7.52
CA ALA C 222 -14.81 -16.64 -8.20
C ALA C 222 -14.52 -17.81 -9.14
N ASP C 223 -15.40 -18.83 -9.16
CA ASP C 223 -15.30 -19.97 -10.09
C ASP C 223 -13.96 -20.71 -9.95
N VAL C 224 -13.57 -21.02 -8.71
CA VAL C 224 -12.37 -21.84 -8.50
C VAL C 224 -12.60 -22.77 -7.32
N PRO C 225 -11.98 -23.99 -7.39
CA PRO C 225 -12.24 -25.04 -6.40
C PRO C 225 -11.34 -24.97 -5.16
N THR C 226 -11.28 -23.80 -4.54
CA THR C 226 -10.41 -23.56 -3.39
C THR C 226 -10.65 -24.57 -2.28
N VAL C 227 -9.55 -25.12 -1.75
CA VAL C 227 -9.63 -26.03 -0.62
C VAL C 227 -10.01 -25.25 0.63
N VAL C 228 -11.09 -25.66 1.31
CA VAL C 228 -11.56 -24.94 2.49
C VAL C 228 -11.28 -25.78 3.75
N ILE C 229 -10.56 -25.19 4.70
CA ILE C 229 -10.10 -25.86 5.91
C ILE C 229 -10.84 -25.27 7.10
N ALA C 230 -11.47 -26.13 7.90
CA ALA C 230 -12.14 -25.69 9.11
C ALA C 230 -11.28 -26.01 10.32
N ARG C 231 -11.05 -25.00 11.16
CA ARG C 231 -10.26 -25.13 12.37
C ARG C 231 -11.13 -24.91 13.59
N THR C 232 -11.02 -25.79 14.58
CA THR C 232 -11.69 -25.57 15.86
C THR C 232 -10.66 -25.29 16.94
N ASP C 233 -10.98 -24.32 17.79
CA ASP C 233 -10.15 -23.94 18.92
C ASP C 233 -10.71 -24.42 20.24
N ALA C 234 -11.61 -25.39 20.22
CA ALA C 234 -12.35 -25.76 21.42
C ALA C 234 -11.53 -26.60 22.40
N GLU C 235 -10.34 -27.07 22.02
CA GLU C 235 -9.57 -27.89 22.96
C GLU C 235 -9.19 -27.11 24.21
N ALA C 236 -8.84 -25.82 24.06
CA ALA C 236 -8.39 -25.01 25.19
C ALA C 236 -9.31 -23.84 25.53
N ALA C 237 -10.14 -23.38 24.59
CA ALA C 237 -11.00 -22.24 24.88
C ALA C 237 -11.98 -22.57 25.99
N THR C 238 -12.11 -21.67 26.96
CA THR C 238 -13.12 -21.84 27.99
C THR C 238 -14.15 -20.72 27.94
N LEU C 239 -14.23 -19.99 26.83
CA LEU C 239 -15.24 -18.96 26.66
C LEU C 239 -15.93 -19.15 25.33
N ILE C 240 -17.21 -18.77 25.28
CA ILE C 240 -18.00 -18.72 24.07
C ILE C 240 -18.89 -17.48 24.13
N THR C 241 -19.20 -16.91 22.97
CA THR C 241 -19.97 -15.67 22.95
C THR C 241 -21.42 -15.87 23.39
N SER C 242 -22.01 -17.03 23.12
CA SER C 242 -23.46 -17.18 23.23
C SER C 242 -23.81 -18.63 23.48
N ASP C 243 -24.97 -18.86 24.10
CA ASP C 243 -25.51 -20.21 24.25
C ASP C 243 -26.64 -20.49 23.28
N VAL C 244 -26.77 -19.69 22.22
CA VAL C 244 -27.90 -19.82 21.30
C VAL C 244 -27.97 -21.21 20.65
N ASP C 245 -26.82 -21.83 20.37
CA ASP C 245 -26.78 -23.05 19.56
C ASP C 245 -26.91 -24.28 20.46
N GLU C 246 -27.94 -25.11 20.21
CA GLU C 246 -28.17 -26.30 21.03
C GLU C 246 -26.98 -27.25 21.00
N ARG C 247 -26.23 -27.28 19.90
CA ARG C 247 -25.05 -28.15 19.85
C ARG C 247 -23.97 -27.71 20.82
N ASP C 248 -23.97 -26.45 21.23
CA ASP C 248 -22.97 -25.94 22.16
C ASP C 248 -23.41 -26.06 23.60
N GLN C 249 -24.73 -26.01 23.83
CA GLN C 249 -25.26 -25.98 25.19
C GLN C 249 -24.75 -27.09 26.12
N PRO C 250 -24.51 -28.33 25.67
CA PRO C 250 -24.00 -29.34 26.63
C PRO C 250 -22.73 -28.92 27.35
N PHE C 251 -21.89 -28.10 26.71
CA PHE C 251 -20.65 -27.71 27.36
C PHE C 251 -20.76 -26.39 28.10
N ILE C 252 -21.87 -25.65 27.95
CA ILE C 252 -22.05 -24.39 28.67
C ILE C 252 -22.29 -24.67 30.14
N THR C 253 -21.54 -23.97 31.01
CA THR C 253 -21.68 -24.21 32.44
C THR C 253 -22.70 -23.29 33.10
N GLY C 254 -23.04 -22.16 32.48
CA GLY C 254 -23.91 -21.18 33.08
C GLY C 254 -23.18 -20.05 33.76
N GLU C 255 -21.90 -20.25 34.08
CA GLU C 255 -21.10 -19.13 34.56
C GLU C 255 -20.85 -18.12 33.44
N ARG C 256 -20.97 -16.84 33.75
CA ARG C 256 -20.70 -15.76 32.83
C ARG C 256 -19.47 -14.99 33.32
N THR C 257 -18.80 -14.30 32.40
CA THR C 257 -17.79 -13.32 32.78
C THR C 257 -18.41 -11.92 32.72
N ARG C 258 -17.61 -10.93 33.12
CA ARG C 258 -18.17 -9.59 33.23
C ARG C 258 -18.44 -8.99 31.86
N GLU C 259 -17.71 -9.42 30.82
CA GLU C 259 -18.02 -8.96 29.47
C GLU C 259 -19.28 -9.61 28.92
N GLY C 260 -19.84 -10.62 29.59
CA GLY C 260 -20.99 -11.33 29.09
C GLY C 260 -20.68 -12.61 28.35
N PHE C 261 -19.42 -13.05 28.33
CA PHE C 261 -19.07 -14.32 27.73
C PHE C 261 -19.61 -15.45 28.60
N TYR C 262 -19.74 -16.63 28.02
CA TYR C 262 -20.18 -17.82 28.75
C TYR C 262 -18.99 -18.76 28.96
N ARG C 263 -18.81 -19.23 30.19
CA ARG C 263 -17.81 -20.28 30.42
C ARG C 263 -18.29 -21.59 29.81
N THR C 264 -17.34 -22.36 29.27
CA THR C 264 -17.65 -23.55 28.53
C THR C 264 -16.57 -24.58 28.79
N LYS C 265 -16.95 -25.84 28.91
CA LYS C 265 -16.03 -26.92 29.24
C LYS C 265 -15.23 -27.29 28.01
N ASN C 266 -13.92 -27.09 28.08
CA ASN C 266 -13.00 -27.30 26.97
C ASN C 266 -12.59 -28.77 26.87
N GLY C 267 -11.91 -29.10 25.76
CA GLY C 267 -11.30 -30.40 25.64
C GLY C 267 -11.63 -31.06 24.33
N ILE C 268 -11.25 -32.33 24.21
CA ILE C 268 -11.43 -33.04 22.93
C ILE C 268 -12.91 -33.28 22.64
N GLU C 269 -13.74 -33.44 23.67
CA GLU C 269 -15.16 -33.71 23.40
C GLU C 269 -15.80 -32.58 22.59
N PRO C 270 -15.69 -31.30 22.97
CA PRO C 270 -16.23 -30.24 22.09
C PRO C 270 -15.56 -30.20 20.72
N CYS C 271 -14.28 -30.52 20.62
CA CYS C 271 -13.64 -30.50 19.29
C CYS C 271 -14.23 -31.57 18.39
N ILE C 272 -14.56 -32.73 18.95
CA ILE C 272 -15.12 -33.81 18.16
C ILE C 272 -16.52 -33.44 17.66
N ALA C 273 -17.34 -32.84 18.54
CA ALA C 273 -18.68 -32.41 18.15
C ALA C 273 -18.63 -31.31 17.09
N ARG C 274 -17.77 -30.30 17.28
CA ARG C 274 -17.67 -29.24 16.28
C ARG C 274 -17.10 -29.77 14.97
N ALA C 275 -16.11 -30.67 15.05
CA ALA C 275 -15.56 -31.28 13.84
C ALA C 275 -16.64 -31.98 13.04
N LYS C 276 -17.48 -32.77 13.71
CA LYS C 276 -18.55 -33.46 13.01
C LYS C 276 -19.53 -32.47 12.38
N ALA C 277 -19.84 -31.38 13.09
CA ALA C 277 -20.73 -30.38 12.53
C ALA C 277 -20.10 -29.66 11.34
N TYR C 278 -18.78 -29.43 11.36
CA TYR C 278 -18.14 -28.70 10.26
C TYR C 278 -17.85 -29.57 9.04
N ALA C 279 -17.78 -30.90 9.23
CA ALA C 279 -17.28 -31.78 8.17
C ALA C 279 -18.03 -31.66 6.84
N PRO C 280 -19.36 -31.50 6.79
CA PRO C 280 -19.99 -31.33 5.47
C PRO C 280 -19.59 -30.05 4.75
N PHE C 281 -18.99 -29.09 5.48
CA PHE C 281 -18.64 -27.78 4.94
C PHE C 281 -17.13 -27.57 4.80
N ALA C 282 -16.32 -28.59 5.07
CA ALA C 282 -14.87 -28.43 5.18
C ALA C 282 -14.14 -29.53 4.42
N ASP C 283 -13.21 -29.13 3.54
CA ASP C 283 -12.34 -30.07 2.84
C ASP C 283 -11.37 -30.76 3.79
N LEU C 284 -10.83 -30.04 4.78
CA LEU C 284 -10.00 -30.63 5.81
C LEU C 284 -10.41 -30.05 7.16
N ILE C 285 -10.15 -30.79 8.24
CA ILE C 285 -10.53 -30.36 9.58
C ILE C 285 -9.31 -30.37 10.48
N TRP C 286 -9.16 -29.29 11.26
CA TRP C 286 -7.96 -29.00 12.03
C TRP C 286 -8.37 -28.73 13.47
N MET C 287 -7.83 -29.50 14.40
CA MET C 287 -8.04 -29.28 15.81
C MET C 287 -6.74 -28.79 16.45
N GLU C 288 -6.78 -27.60 17.04
CA GLU C 288 -5.62 -27.11 17.78
C GLU C 288 -5.50 -27.90 19.08
N THR C 289 -4.25 -28.25 19.44
CA THR C 289 -3.99 -28.97 20.68
C THR C 289 -2.90 -28.24 21.46
N GLY C 290 -2.79 -28.59 22.75
CA GLY C 290 -1.83 -27.93 23.61
C GLY C 290 -0.48 -28.59 23.72
N THR C 291 -0.35 -29.80 23.21
CA THR C 291 0.91 -30.55 23.21
C THR C 291 0.95 -31.38 21.96
N PRO C 292 2.13 -31.77 21.51
CA PRO C 292 2.21 -32.72 20.38
C PRO C 292 2.00 -34.15 20.86
N ASP C 293 0.79 -34.69 20.71
CA ASP C 293 0.41 -35.95 21.36
C ASP C 293 -0.24 -36.87 20.34
N LEU C 294 0.48 -37.92 19.95
CA LEU C 294 -0.01 -38.82 18.91
C LEU C 294 -1.25 -39.58 19.35
N GLU C 295 -1.41 -39.83 20.66
CA GLU C 295 -2.56 -40.59 21.11
C GLU C 295 -3.81 -39.74 21.07
N ALA C 296 -3.71 -38.47 21.49
CA ALA C 296 -4.84 -37.56 21.39
C ALA C 296 -5.23 -37.35 19.93
N ALA C 297 -4.24 -37.18 19.05
CA ALA C 297 -4.52 -37.08 17.62
C ALA C 297 -5.29 -38.29 17.12
N ARG C 298 -4.92 -39.49 17.60
CA ARG C 298 -5.63 -40.69 17.14
C ARG C 298 -7.08 -40.68 17.65
N GLN C 299 -7.26 -40.30 18.91
CA GLN C 299 -8.61 -40.24 19.47
C GLN C 299 -9.49 -39.27 18.70
N PHE C 300 -8.97 -38.07 18.41
CA PHE C 300 -9.74 -37.12 17.59
C PHE C 300 -10.05 -37.72 16.22
N SER C 301 -9.04 -38.31 15.59
CA SER C 301 -9.19 -38.81 14.22
C SER C 301 -10.21 -39.94 14.14
N GLU C 302 -10.12 -40.93 15.04
CA GLU C 302 -11.05 -42.05 14.98
C GLU C 302 -12.48 -41.60 15.25
N ALA C 303 -12.67 -40.69 16.21
CA ALA C 303 -14.01 -40.15 16.48
C ALA C 303 -14.62 -39.47 15.26
N VAL C 304 -13.83 -38.68 14.52
CA VAL C 304 -14.39 -37.99 13.36
C VAL C 304 -14.65 -38.97 12.22
N LYS C 305 -13.74 -39.91 12.03
CA LYS C 305 -13.86 -40.83 10.91
C LYS C 305 -14.90 -41.92 11.15
N ALA C 306 -15.26 -42.17 12.41
CA ALA C 306 -16.39 -43.06 12.68
C ALA C 306 -17.63 -42.58 11.93
N GLU C 307 -17.83 -41.26 11.84
CA GLU C 307 -18.97 -40.68 11.15
C GLU C 307 -18.66 -40.32 9.70
N TYR C 308 -17.44 -39.84 9.46
CA TYR C 308 -17.03 -39.33 8.15
C TYR C 308 -15.73 -40.03 7.78
N PRO C 309 -15.83 -41.26 7.26
CA PRO C 309 -14.62 -42.06 7.08
C PRO C 309 -13.61 -41.44 6.11
N ASP C 310 -14.06 -40.70 5.11
CA ASP C 310 -13.18 -40.11 4.11
C ASP C 310 -12.73 -38.70 4.47
N GLN C 311 -13.02 -38.24 5.68
CA GLN C 311 -12.75 -36.85 6.06
C GLN C 311 -11.24 -36.68 6.29
N MET C 312 -10.62 -35.78 5.53
CA MET C 312 -9.21 -35.51 5.70
C MET C 312 -9.00 -34.50 6.82
N LEU C 313 -7.88 -34.64 7.53
CA LEU C 313 -7.58 -33.76 8.64
C LEU C 313 -6.28 -33.03 8.38
N ALA C 314 -6.03 -31.99 9.18
CA ALA C 314 -4.81 -31.22 9.10
C ALA C 314 -4.25 -31.04 10.50
N TYR C 315 -2.92 -30.98 10.63
CA TYR C 315 -2.32 -30.92 11.95
C TYR C 315 -1.24 -29.85 12.02
N ASN C 316 -1.25 -29.09 13.12
CA ASN C 316 -0.31 -28.00 13.35
C ASN C 316 0.85 -28.55 14.17
N CYS C 317 1.98 -28.83 13.51
CA CYS C 317 3.22 -29.16 14.23
C CYS C 317 3.83 -27.87 14.73
N SER C 318 3.31 -27.40 15.85
CA SER C 318 3.48 -26.00 16.23
C SER C 318 4.81 -25.75 16.92
N PRO C 319 5.58 -24.73 16.49
CA PRO C 319 6.72 -24.29 17.30
C PRO C 319 6.35 -23.78 18.66
N SER C 320 5.06 -23.62 18.96
CA SER C 320 4.64 -23.23 20.30
C SER C 320 4.72 -24.38 21.29
N PHE C 321 5.00 -25.60 20.82
CA PHE C 321 5.34 -26.72 21.69
C PHE C 321 6.84 -26.75 21.94
N ASN C 322 7.22 -27.01 23.21
CA ASN C 322 8.58 -27.37 23.55
C ASN C 322 8.74 -28.86 23.23
N TRP C 323 9.28 -29.17 22.04
CA TRP C 323 9.09 -30.49 21.44
C TRP C 323 9.82 -31.59 22.21
N LYS C 324 11.06 -31.33 22.64
CA LYS C 324 11.81 -32.38 23.31
C LYS C 324 11.40 -32.53 24.77
N LYS C 325 10.86 -31.47 25.39
CA LYS C 325 10.28 -31.60 26.71
C LYS C 325 9.11 -32.59 26.74
N HIS C 326 8.48 -32.85 25.59
CA HIS C 326 7.32 -33.74 25.51
C HIS C 326 7.60 -35.07 24.85
N LEU C 327 8.45 -35.12 23.82
CA LEU C 327 8.65 -36.33 23.05
C LEU C 327 10.13 -36.67 23.01
N ASP C 328 10.42 -37.94 22.75
CA ASP C 328 11.80 -38.36 22.54
C ASP C 328 12.13 -38.28 21.06
N ASP C 329 13.43 -38.30 20.74
CA ASP C 329 13.85 -38.16 19.35
C ASP C 329 13.22 -39.24 18.47
N ALA C 330 12.94 -40.42 19.04
CA ALA C 330 12.38 -41.51 18.24
C ALA C 330 10.97 -41.18 17.78
N THR C 331 10.14 -40.64 18.69
CA THR C 331 8.77 -40.29 18.34
C THR C 331 8.75 -39.06 17.43
N ILE C 332 9.53 -38.03 17.77
CA ILE C 332 9.68 -36.84 16.92
C ILE C 332 9.97 -37.25 15.48
N ALA C 333 10.87 -38.21 15.30
CA ALA C 333 11.26 -38.62 13.96
C ALA C 333 10.10 -39.25 13.20
N LYS C 334 9.22 -39.95 13.91
CA LYS C 334 8.11 -40.64 13.28
C LYS C 334 6.80 -39.84 13.33
N PHE C 335 6.80 -38.67 13.99
CA PHE C 335 5.58 -37.91 14.25
C PHE C 335 4.70 -37.74 13.00
N GLN C 336 5.24 -37.09 11.96
CA GLN C 336 4.39 -36.78 10.82
C GLN C 336 3.94 -38.06 10.12
N LYS C 337 4.82 -39.05 10.02
CA LYS C 337 4.43 -40.31 9.38
C LYS C 337 3.28 -40.96 10.12
N GLU C 338 3.33 -40.99 11.45
CA GLU C 338 2.24 -41.58 12.21
C GLU C 338 0.94 -40.80 12.01
N LEU C 339 1.03 -39.47 12.11
CA LEU C 339 -0.16 -38.66 11.91
C LEU C 339 -0.80 -38.93 10.55
N ALA C 340 0.03 -39.06 9.51
CA ALA C 340 -0.51 -39.24 8.16
C ALA C 340 -1.34 -40.51 8.06
N ALA C 341 -0.91 -41.59 8.74
CA ALA C 341 -1.69 -42.83 8.72
C ALA C 341 -3.07 -42.66 9.37
N MET C 342 -3.20 -41.74 10.33
CA MET C 342 -4.49 -41.44 10.93
C MET C 342 -5.35 -40.51 10.10
N GLY C 343 -4.88 -40.06 8.94
CA GLY C 343 -5.67 -39.20 8.10
C GLY C 343 -5.32 -37.73 8.18
N PHE C 344 -4.25 -37.36 8.88
CA PHE C 344 -3.76 -35.98 8.89
C PHE C 344 -2.92 -35.76 7.63
N LYS C 345 -3.61 -35.43 6.53
CA LYS C 345 -2.98 -35.35 5.20
C LYS C 345 -2.32 -34.01 4.91
N PHE C 346 -2.57 -32.96 5.69
CA PHE C 346 -1.83 -31.70 5.54
C PHE C 346 -1.24 -31.34 6.90
N GLN C 347 0.08 -31.28 6.96
CA GLN C 347 0.77 -30.98 8.21
C GLN C 347 1.76 -29.85 7.95
N PHE C 348 1.96 -29.00 8.95
CA PHE C 348 2.70 -27.78 8.70
C PHE C 348 3.32 -27.27 9.98
N ILE C 349 4.50 -26.67 9.84
CA ILE C 349 5.15 -25.97 10.95
C ILE C 349 4.90 -24.48 10.74
N THR C 350 4.04 -23.93 11.60
CA THR C 350 3.45 -22.60 11.36
C THR C 350 4.51 -21.51 11.36
N LEU C 351 5.34 -21.46 12.40
CA LEU C 351 6.29 -20.38 12.62
C LEU C 351 7.71 -20.75 12.19
N ALA C 352 7.84 -21.71 11.28
CA ALA C 352 9.16 -22.08 10.77
C ALA C 352 9.91 -20.88 10.23
N GLY C 353 9.21 -20.02 9.47
CA GLY C 353 9.88 -18.86 8.88
C GLY C 353 10.37 -17.87 9.91
N PHE C 354 9.51 -17.54 10.87
CA PHE C 354 9.91 -16.66 11.98
C PHE C 354 11.18 -17.15 12.64
N HIS C 355 11.22 -18.43 13.03
CA HIS C 355 12.35 -18.91 13.82
C HIS C 355 13.60 -19.03 12.96
N ALA C 356 13.47 -19.48 11.71
CA ALA C 356 14.63 -19.55 10.84
C ALA C 356 15.21 -18.17 10.56
N LEU C 357 14.35 -17.17 10.34
CA LEU C 357 14.82 -15.81 10.08
C LEU C 357 15.42 -15.17 11.33
N ASN C 358 14.72 -15.27 12.47
CA ASN C 358 15.21 -14.61 13.68
C ASN C 358 16.48 -15.29 14.20
N TYR C 359 16.50 -16.62 14.22
CA TYR C 359 17.71 -17.30 14.69
C TYR C 359 18.90 -17.03 13.78
N SER C 360 18.72 -17.22 12.47
CA SER C 360 19.86 -17.09 11.57
C SER C 360 20.44 -15.68 11.60
N MET C 361 19.57 -14.66 11.75
CA MET C 361 20.13 -13.31 11.81
C MET C 361 20.79 -13.05 13.15
N PHE C 362 20.20 -13.54 14.26
CA PHE C 362 20.89 -13.37 15.54
C PHE C 362 22.25 -14.07 15.52
N ASP C 363 22.31 -15.27 14.96
CA ASP C 363 23.57 -16.01 14.91
C ASP C 363 24.61 -15.23 14.11
N LEU C 364 24.28 -14.84 12.88
CA LEU C 364 25.22 -14.08 12.07
C LEU C 364 25.63 -12.79 12.78
N ALA C 365 24.65 -12.04 13.28
CA ALA C 365 24.96 -10.75 13.88
C ALA C 365 25.84 -10.90 15.10
N TYR C 366 25.60 -11.94 15.91
CA TYR C 366 26.39 -12.12 17.12
C TYR C 366 27.85 -12.37 16.79
N GLY C 367 28.13 -13.23 15.81
CA GLY C 367 29.50 -13.44 15.38
C GLY C 367 30.09 -12.18 14.78
N TYR C 368 29.34 -11.49 13.92
CA TYR C 368 29.80 -10.25 13.32
C TYR C 368 30.22 -9.24 14.38
N ALA C 369 29.41 -9.09 15.43
CA ALA C 369 29.74 -8.18 16.52
C ALA C 369 31.09 -8.50 17.15
N GLN C 370 31.47 -9.78 17.19
CA GLN C 370 32.73 -10.16 17.83
C GLN C 370 33.86 -10.40 16.84
N ASN C 371 33.56 -10.86 15.61
CA ASN C 371 34.62 -11.25 14.70
C ASN C 371 34.47 -10.69 13.28
N GLN C 372 33.52 -9.76 13.07
CA GLN C 372 33.32 -9.10 11.78
C GLN C 372 33.36 -10.07 10.61
N MET C 373 34.26 -9.85 9.64
CA MET C 373 34.12 -10.55 8.36
C MET C 373 34.22 -12.06 8.50
N SER C 374 34.95 -12.54 9.52
CA SER C 374 35.10 -13.98 9.70
C SER C 374 33.75 -14.66 9.89
N ALA C 375 32.84 -14.01 10.64
CA ALA C 375 31.52 -14.60 10.84
C ALA C 375 30.74 -14.67 9.54
N TYR C 376 30.88 -13.68 8.65
CA TYR C 376 30.12 -13.74 7.40
C TYR C 376 30.68 -14.76 6.43
N VAL C 377 32.01 -14.80 6.29
CA VAL C 377 32.65 -15.78 5.40
C VAL C 377 32.23 -17.20 5.76
N GLU C 378 32.02 -17.47 7.05
CA GLU C 378 31.49 -18.76 7.47
C GLU C 378 30.16 -19.06 6.78
N LEU C 379 29.25 -18.08 6.77
CA LEU C 379 27.96 -18.30 6.13
C LEU C 379 28.14 -18.53 4.64
N GLN C 380 28.95 -17.70 3.97
CA GLN C 380 29.14 -17.85 2.53
C GLN C 380 29.70 -19.22 2.20
N GLU C 381 30.63 -19.72 3.04
CA GLU C 381 31.20 -21.05 2.78
C GLU C 381 30.16 -22.15 3.01
N ARG C 382 29.32 -22.00 4.04
CA ARG C 382 28.17 -22.90 4.17
C ARG C 382 27.31 -22.89 2.91
N GLU C 383 27.13 -21.72 2.29
CA GLU C 383 26.30 -21.65 1.09
C GLU C 383 26.95 -22.37 -0.07
N PHE C 384 28.25 -22.18 -0.26
CA PHE C 384 28.98 -22.91 -1.30
C PHE C 384 28.82 -24.42 -1.09
N ALA C 385 28.97 -24.88 0.15
CA ALA C 385 28.81 -26.30 0.44
C ALA C 385 27.41 -26.79 0.05
N ALA C 386 26.37 -26.04 0.44
CA ALA C 386 25.01 -26.49 0.18
C ALA C 386 24.68 -26.55 -1.30
N GLU C 387 25.57 -26.08 -2.18
CA GLU C 387 25.29 -26.20 -3.61
C GLU C 387 25.21 -27.66 -4.03
N GLU C 388 25.94 -28.55 -3.32
CA GLU C 388 25.84 -29.98 -3.60
C GLU C 388 24.41 -30.50 -3.43
N ARG C 389 23.60 -29.87 -2.58
CA ARG C 389 22.24 -30.31 -2.34
C ARG C 389 21.21 -29.58 -3.19
N GLY C 390 21.64 -28.63 -4.03
CA GLY C 390 20.75 -27.94 -4.96
C GLY C 390 20.57 -26.46 -4.70
N TYR C 391 21.13 -25.94 -3.60
CA TYR C 391 21.10 -24.51 -3.30
C TYR C 391 21.68 -23.71 -4.47
N THR C 392 21.02 -22.60 -4.80
CA THR C 392 21.45 -21.74 -5.91
C THR C 392 21.65 -20.29 -5.52
N ALA C 393 21.32 -19.90 -4.28
CA ALA C 393 21.25 -18.49 -3.91
C ALA C 393 22.61 -17.85 -3.64
N THR C 394 23.70 -18.64 -3.58
CA THR C 394 25.03 -18.05 -3.47
C THR C 394 25.29 -17.11 -4.64
N LYS C 395 24.84 -17.48 -5.84
CA LYS C 395 24.82 -16.57 -6.98
C LYS C 395 23.54 -15.72 -6.90
N HIS C 396 23.61 -14.65 -6.10
CA HIS C 396 22.38 -13.92 -5.76
C HIS C 396 21.84 -13.11 -6.93
N GLN C 397 22.71 -12.68 -7.86
CA GLN C 397 22.23 -11.86 -8.98
C GLN C 397 21.29 -12.66 -9.87
N ARG C 398 21.74 -13.83 -10.32
CA ARG C 398 20.88 -14.69 -11.14
C ARG C 398 19.70 -15.22 -10.33
N GLU C 399 19.87 -15.35 -9.01
CA GLU C 399 18.79 -15.87 -8.17
C GLU C 399 17.58 -14.94 -8.20
N VAL C 400 17.80 -13.62 -8.22
CA VAL C 400 16.69 -12.66 -8.22
C VAL C 400 16.34 -12.19 -9.63
N GLY C 401 16.94 -12.78 -10.65
CA GLY C 401 16.52 -12.58 -12.03
C GLY C 401 17.35 -11.65 -12.90
N ALA C 402 18.62 -11.43 -12.57
CA ALA C 402 19.46 -10.59 -13.39
C ALA C 402 19.61 -11.16 -14.80
N GLY C 403 19.72 -12.49 -14.91
CA GLY C 403 19.77 -13.10 -16.23
C GLY C 403 18.44 -13.04 -16.95
N TYR C 404 17.34 -13.12 -16.20
CA TYR C 404 16.01 -13.04 -16.82
C TYR C 404 15.78 -11.64 -17.38
N PHE C 405 16.16 -10.61 -16.63
CA PHE C 405 15.97 -9.25 -17.14
C PHE C 405 16.97 -8.92 -18.24
N ASP C 406 18.20 -9.48 -18.19
CA ASP C 406 19.08 -9.39 -19.36
C ASP C 406 18.39 -9.93 -20.61
N ARG C 407 17.68 -11.06 -20.45
CA ARG C 407 17.00 -11.68 -21.59
CA ARG C 407 17.02 -11.66 -21.59
C ARG C 407 15.92 -10.77 -22.15
N ILE C 408 15.13 -10.14 -21.27
CA ILE C 408 14.17 -9.15 -21.74
C ILE C 408 14.91 -8.03 -22.47
N ALA C 409 16.00 -7.54 -21.87
CA ALA C 409 16.71 -6.39 -22.42
C ALA C 409 17.28 -6.71 -23.80
N THR C 410 17.87 -7.89 -23.98
CA THR C 410 18.40 -8.22 -25.30
C THR C 410 17.29 -8.66 -26.26
N THR C 411 16.11 -9.01 -25.74
CA THR C 411 14.96 -9.22 -26.61
C THR C 411 14.48 -7.91 -27.20
N VAL C 412 14.46 -6.85 -26.37
CA VAL C 412 14.07 -5.54 -26.88
C VAL C 412 15.16 -4.97 -27.78
N ASP C 413 16.41 -5.05 -27.32
CA ASP C 413 17.55 -4.49 -28.06
C ASP C 413 18.73 -5.44 -27.96
N PRO C 414 18.93 -6.30 -28.95
CA PRO C 414 20.04 -7.27 -28.86
C PRO C 414 21.40 -6.62 -28.68
N ASN C 415 21.58 -5.39 -29.13
CA ASN C 415 22.86 -4.68 -29.07
C ASN C 415 22.98 -3.78 -27.85
N SER C 416 22.12 -3.97 -26.85
CA SER C 416 22.16 -3.14 -25.66
C SER C 416 23.53 -3.23 -25.00
N SER C 417 24.09 -2.06 -24.69
CA SER C 417 25.36 -1.99 -23.99
C SER C 417 25.20 -2.08 -22.48
N THR C 418 23.97 -2.19 -21.96
CA THR C 418 23.77 -2.01 -20.53
C THR C 418 23.14 -3.23 -19.87
N THR C 419 23.47 -4.43 -20.32
CA THR C 419 23.03 -5.64 -19.63
C THR C 419 23.92 -5.90 -18.41
N ALA C 420 23.45 -6.79 -17.52
CA ALA C 420 23.96 -6.81 -16.15
C ALA C 420 24.93 -7.95 -15.86
N LEU C 421 24.68 -9.18 -16.32
CA LEU C 421 25.52 -10.28 -15.85
C LEU C 421 26.93 -10.23 -16.45
N THR C 422 27.07 -9.86 -17.72
CA THR C 422 28.40 -9.75 -18.34
C THR C 422 29.21 -8.66 -17.65
N GLY C 423 30.37 -9.02 -17.10
CA GLY C 423 31.18 -8.09 -16.34
C GLY C 423 30.90 -8.06 -14.85
N SER C 424 29.90 -8.81 -14.37
CA SER C 424 29.64 -8.89 -12.95
C SER C 424 30.77 -9.62 -12.23
N THR C 425 30.91 -9.33 -10.93
CA THR C 425 31.80 -10.14 -10.10
C THR C 425 31.26 -11.56 -9.91
N GLU C 426 29.96 -11.76 -10.12
CA GLU C 426 29.40 -13.11 -10.03
C GLU C 426 29.86 -13.95 -11.22
N GLU C 427 29.77 -13.40 -12.43
CA GLU C 427 30.30 -14.09 -13.60
C GLU C 427 31.80 -14.32 -13.43
N GLY C 428 32.48 -13.39 -12.77
CA GLY C 428 33.93 -13.48 -12.62
C GLY C 428 34.42 -14.34 -11.47
N GLN C 429 33.65 -14.41 -10.37
CA GLN C 429 34.17 -15.03 -9.15
C GLN C 429 33.35 -16.23 -8.63
N PHE C 430 32.34 -16.68 -9.34
CA PHE C 430 31.48 -17.73 -8.75
C PHE C 430 31.25 -18.96 -9.64
N MET D 4 -3.75 31.61 16.68
CA MET D 4 -3.99 30.18 16.48
C MET D 4 -3.01 29.38 17.33
N SER D 5 -2.27 28.47 16.69
CA SER D 5 -1.26 27.64 17.35
C SER D 5 0.11 28.01 16.83
N VAL D 6 1.12 27.82 17.69
CA VAL D 6 2.51 28.04 17.31
C VAL D 6 3.26 26.72 17.19
N VAL D 7 2.54 25.59 17.27
CA VAL D 7 3.17 24.29 17.17
C VAL D 7 3.86 24.15 15.82
N GLY D 8 5.12 23.70 15.85
CA GLY D 8 5.86 23.49 14.63
C GLY D 8 6.16 24.74 13.84
N THR D 9 6.25 25.89 14.48
CA THR D 9 6.65 27.10 13.75
C THR D 9 8.07 26.92 13.23
N PRO D 10 8.35 27.29 12.00
CA PRO D 10 9.72 27.13 11.48
C PRO D 10 10.63 28.21 12.03
N LYS D 11 11.91 27.85 12.18
CA LYS D 11 12.93 28.81 12.58
C LYS D 11 13.10 29.89 11.51
N SER D 12 13.69 31.00 11.91
CA SER D 12 14.02 32.05 10.96
C SER D 12 15.32 31.72 10.24
N ALA D 13 15.52 32.39 9.10
CA ALA D 13 16.74 32.15 8.34
C ALA D 13 17.98 32.42 9.19
N GLU D 14 17.94 33.48 10.00
CA GLU D 14 19.08 33.83 10.85
C GLU D 14 19.44 32.71 11.82
N GLN D 15 18.45 32.07 12.44
CA GLN D 15 18.73 30.97 13.34
C GLN D 15 19.33 29.78 12.61
N ILE D 16 18.82 29.49 11.41
CA ILE D 16 19.43 28.43 10.59
C ILE D 16 20.87 28.77 10.28
N GLN D 17 21.12 30.02 9.88
CA GLN D 17 22.46 30.47 9.52
C GLN D 17 23.43 30.34 10.69
N GLN D 18 23.01 30.77 11.88
CA GLN D 18 23.88 30.66 13.05
C GLN D 18 24.26 29.22 13.31
N GLU D 19 23.30 28.30 13.17
CA GLU D 19 23.58 26.89 13.34
C GLU D 19 24.63 26.42 12.35
N TRP D 20 24.44 26.72 11.06
CA TRP D 20 25.43 26.33 10.06
C TRP D 20 26.80 26.92 10.36
N ASP D 21 26.85 28.12 10.95
CA ASP D 21 28.14 28.79 11.19
C ASP D 21 28.86 28.25 12.41
N THR D 22 28.12 27.81 13.42
CA THR D 22 28.69 27.55 14.73
C THR D 22 28.68 26.08 15.13
N ASN D 23 27.72 25.31 14.66
CA ASN D 23 27.59 23.91 15.05
C ASN D 23 28.68 23.09 14.35
N PRO D 24 29.47 22.31 15.09
CA PRO D 24 30.53 21.52 14.45
C PRO D 24 30.02 20.50 13.46
N ARG D 25 28.75 20.11 13.56
CA ARG D 25 28.16 19.15 12.62
C ARG D 25 28.39 19.60 11.17
N TRP D 26 28.31 20.91 10.92
CA TRP D 26 28.42 21.44 9.56
C TRP D 26 29.82 21.99 9.23
N LYS D 27 30.87 21.45 9.86
CA LYS D 27 32.20 22.04 9.74
C LYS D 27 32.61 22.24 8.28
N ASP D 28 32.78 21.16 7.52
CA ASP D 28 33.22 21.35 6.15
C ASP D 28 32.12 20.93 5.18
N VAL D 29 30.90 21.39 5.45
CA VAL D 29 29.72 21.14 4.63
C VAL D 29 29.45 22.36 3.76
N THR D 30 29.49 22.19 2.44
CA THR D 30 29.15 23.25 1.50
C THR D 30 27.66 23.20 1.17
N ARG D 31 26.98 24.33 1.29
CA ARG D 31 25.61 24.49 0.81
C ARG D 31 25.63 25.65 -0.17
N THR D 32 25.36 25.38 -1.45
CA THR D 32 25.37 26.43 -2.44
C THR D 32 24.07 27.23 -2.48
N TYR D 33 23.05 26.82 -1.73
CA TYR D 33 21.85 27.60 -1.49
C TYR D 33 21.99 28.32 -0.15
N SER D 34 21.01 29.17 0.17
CA SER D 34 21.07 29.97 1.38
C SER D 34 20.05 29.51 2.41
N ALA D 35 20.23 30.01 3.63
CA ALA D 35 19.27 29.71 4.69
C ALA D 35 17.90 30.27 4.36
N GLU D 36 17.85 31.44 3.71
CA GLU D 36 16.55 31.98 3.34
C GLU D 36 15.87 31.10 2.30
N ASP D 37 16.66 30.49 1.40
CA ASP D 37 16.08 29.51 0.47
C ASP D 37 15.40 28.38 1.24
N VAL D 38 16.03 27.88 2.31
CA VAL D 38 15.45 26.79 3.09
C VAL D 38 14.12 27.23 3.70
N VAL D 39 14.09 28.41 4.32
CA VAL D 39 12.87 28.87 4.98
C VAL D 39 11.75 29.04 3.96
N ALA D 40 12.10 29.52 2.76
CA ALA D 40 11.11 29.76 1.73
C ALA D 40 10.36 28.48 1.33
N LEU D 41 10.95 27.32 1.53
CA LEU D 41 10.35 26.05 1.13
C LEU D 41 9.60 25.35 2.27
N GLN D 42 9.62 25.90 3.48
CA GLN D 42 9.11 25.18 4.64
C GLN D 42 7.65 25.43 4.94
N GLY D 43 6.96 26.24 4.15
CA GLY D 43 5.58 26.51 4.49
C GLY D 43 5.51 27.25 5.80
N SER D 44 4.39 27.11 6.51
CA SER D 44 4.24 27.74 7.82
C SER D 44 4.24 26.75 8.97
N VAL D 45 4.39 25.45 8.70
CA VAL D 45 4.52 24.42 9.73
C VAL D 45 5.60 23.44 9.30
N VAL D 46 6.47 23.09 10.24
CA VAL D 46 7.51 22.10 10.03
C VAL D 46 7.19 20.93 10.94
N GLU D 47 6.84 19.78 10.36
CA GLU D 47 6.64 18.57 11.15
C GLU D 47 7.94 18.15 11.83
N GLU D 48 7.85 17.80 13.11
CA GLU D 48 9.02 17.25 13.79
C GLU D 48 9.23 15.80 13.36
N HIS D 49 10.47 15.43 13.09
CA HIS D 49 10.83 14.09 12.64
C HIS D 49 11.73 13.45 13.70
N THR D 50 11.09 12.96 14.77
CA THR D 50 11.80 12.56 15.99
C THR D 50 12.86 11.49 15.72
N LEU D 51 12.47 10.39 15.09
CA LEU D 51 13.40 9.29 14.88
C LEU D 51 14.49 9.66 13.87
N ALA D 52 14.16 10.46 12.84
CA ALA D 52 15.20 10.93 11.92
C ALA D 52 16.21 11.83 12.64
N ARG D 53 15.74 12.72 13.50
CA ARG D 53 16.63 13.60 14.25
C ARG D 53 17.51 12.81 15.21
N ARG D 54 16.87 11.99 16.05
CA ARG D 54 17.61 11.21 17.03
CA ARG D 54 17.61 11.21 17.03
C ARG D 54 18.59 10.25 16.35
N GLY D 55 18.12 9.54 15.32
CA GLY D 55 19.00 8.62 14.63
C GLY D 55 20.22 9.32 14.02
N ALA D 56 19.98 10.42 13.30
CA ALA D 56 21.09 11.10 12.65
C ALA D 56 22.08 11.63 13.68
N GLU D 57 21.57 12.16 14.79
CA GLU D 57 22.46 12.63 15.87
C GLU D 57 23.29 11.48 16.42
N VAL D 58 22.63 10.39 16.81
CA VAL D 58 23.34 9.26 17.39
C VAL D 58 24.35 8.70 16.40
N LEU D 59 23.97 8.57 15.14
CA LEU D 59 24.90 8.05 14.13
C LEU D 59 26.15 8.92 14.05
N TRP D 60 25.98 10.24 14.11
CA TRP D 60 27.10 11.15 13.93
C TRP D 60 28.06 11.04 15.10
N GLU D 61 27.53 11.09 16.34
CA GLU D 61 28.35 10.85 17.53
C GLU D 61 29.07 9.50 17.45
N GLN D 62 28.33 8.43 17.12
CA GLN D 62 28.94 7.11 17.05
C GLN D 62 30.10 7.08 16.05
N LEU D 63 29.90 7.70 14.88
CA LEU D 63 30.94 7.74 13.87
C LEU D 63 32.21 8.41 14.38
N HIS D 64 32.12 9.22 15.43
CA HIS D 64 33.30 9.84 16.01
C HIS D 64 33.80 9.15 17.29
N ASP D 65 32.93 8.52 18.07
CA ASP D 65 33.30 7.91 19.35
C ASP D 65 33.74 6.46 19.24
N LEU D 66 33.30 5.74 18.21
CA LEU D 66 33.65 4.34 18.04
C LEU D 66 34.82 4.24 17.06
N GLU D 67 35.57 3.15 17.18
CA GLU D 67 36.67 2.89 16.26
C GLU D 67 36.15 2.79 14.84
N TRP D 68 35.02 2.11 14.65
CA TRP D 68 34.22 2.27 13.45
C TRP D 68 32.84 1.72 13.75
N VAL D 69 31.87 2.14 12.92
CA VAL D 69 30.49 1.69 13.01
C VAL D 69 30.27 0.66 11.90
N ASN D 70 29.86 -0.56 12.27
CA ASN D 70 29.59 -1.56 11.25
C ASN D 70 28.13 -2.01 11.34
N ALA D 71 27.67 -2.67 10.27
CA ALA D 71 26.26 -2.99 10.12
C ALA D 71 26.10 -4.13 9.13
N LEU D 72 24.92 -4.75 9.18
CA LEU D 72 24.49 -5.75 8.21
C LEU D 72 23.17 -5.30 7.57
N GLY D 73 22.98 -5.68 6.31
CA GLY D 73 21.74 -5.36 5.62
C GLY D 73 20.54 -6.04 6.26
N ALA D 74 19.48 -5.28 6.53
CA ALA D 74 18.26 -5.79 7.13
C ALA D 74 17.11 -5.48 6.17
N LEU D 75 16.29 -6.49 5.90
CA LEU D 75 15.13 -6.35 5.02
C LEU D 75 13.79 -6.66 5.68
N THR D 76 13.76 -7.11 6.94
CA THR D 76 12.54 -7.18 7.72
C THR D 76 12.75 -6.54 9.09
N GLY D 77 11.64 -6.17 9.73
CA GLY D 77 11.71 -5.64 11.08
C GLY D 77 12.40 -6.58 12.05
N ASN D 78 12.00 -7.86 12.06
CA ASN D 78 12.62 -8.82 12.98
C ASN D 78 14.12 -8.93 12.74
N MET D 79 14.57 -8.77 11.49
CA MET D 79 16.00 -8.82 11.21
C MET D 79 16.74 -7.72 11.95
N ALA D 80 16.19 -6.49 11.92
CA ALA D 80 16.84 -5.38 12.61
C ALA D 80 16.83 -5.60 14.12
N VAL D 81 15.75 -6.16 14.67
CA VAL D 81 15.69 -6.39 16.10
C VAL D 81 16.77 -7.37 16.52
N GLN D 82 16.98 -8.44 15.74
CA GLN D 82 18.01 -9.42 16.10
C GLN D 82 19.40 -8.84 15.92
N GLN D 83 19.59 -7.97 14.93
CA GLN D 83 20.88 -7.34 14.76
C GLN D 83 21.25 -6.52 15.98
N VAL D 84 20.27 -5.82 16.55
CA VAL D 84 20.55 -4.96 17.69
C VAL D 84 20.62 -5.78 18.97
N ARG D 85 19.74 -6.78 19.09
CA ARG D 85 19.84 -7.70 20.22
C ARG D 85 21.23 -8.32 20.29
N ALA D 86 21.80 -8.68 19.14
CA ALA D 86 23.13 -9.27 19.06
C ALA D 86 24.25 -8.27 19.28
N GLY D 87 23.94 -6.98 19.48
CA GLY D 87 24.92 -6.00 19.89
C GLY D 87 25.24 -4.93 18.87
N LEU D 88 24.79 -5.07 17.62
CA LEU D 88 25.17 -4.12 16.58
C LEU D 88 24.56 -2.75 16.87
N LYS D 89 25.22 -1.71 16.39
CA LYS D 89 24.89 -0.35 16.78
C LYS D 89 24.30 0.46 15.64
N ALA D 90 24.12 -0.14 14.46
CA ALA D 90 23.50 0.53 13.33
C ALA D 90 22.90 -0.53 12.41
N ILE D 91 21.95 -0.11 11.58
CA ILE D 91 21.28 -1.01 10.65
C ILE D 91 21.54 -0.50 9.25
N TYR D 92 21.77 -1.41 8.32
CA TYR D 92 21.96 -1.03 6.93
C TYR D 92 20.73 -1.49 6.16
N LEU D 93 20.15 -0.58 5.38
CA LEU D 93 18.96 -0.86 4.57
C LEU D 93 19.40 -0.94 3.11
N SER D 94 19.67 -2.17 2.66
CA SER D 94 20.12 -2.43 1.30
C SER D 94 18.97 -2.27 0.30
N GLY D 95 19.26 -1.55 -0.78
CA GLY D 95 18.28 -1.44 -1.85
C GLY D 95 18.22 -2.68 -2.71
N TRP D 96 19.37 -3.33 -2.90
CA TRP D 96 19.43 -4.64 -3.52
C TRP D 96 18.44 -5.60 -2.88
N GLN D 97 18.46 -5.69 -1.56
CA GLN D 97 17.62 -6.63 -0.83
C GLN D 97 16.14 -6.25 -0.95
N VAL D 98 15.85 -4.95 -0.92
CA VAL D 98 14.49 -4.50 -1.18
C VAL D 98 14.04 -4.93 -2.58
N ALA D 99 14.94 -4.83 -3.56
CA ALA D 99 14.64 -5.29 -4.92
C ALA D 99 14.32 -6.78 -4.94
N GLY D 100 15.12 -7.57 -4.23
CA GLY D 100 14.98 -9.02 -4.29
C GLY D 100 13.80 -9.58 -3.53
N ASP D 101 13.40 -8.95 -2.42
CA ASP D 101 12.47 -9.64 -1.53
C ASP D 101 11.64 -8.72 -0.63
N ALA D 102 11.68 -7.40 -0.87
CA ALA D 102 10.89 -6.56 0.03
C ALA D 102 10.50 -5.21 -0.59
N ASN D 103 9.94 -5.20 -1.80
CA ASN D 103 9.54 -3.95 -2.40
C ASN D 103 8.04 -3.94 -2.72
N LEU D 104 7.53 -2.74 -2.97
CA LEU D 104 6.08 -2.51 -2.99
C LEU D 104 5.42 -3.01 -4.26
N SER D 105 6.18 -3.44 -5.27
CA SER D 105 5.55 -4.08 -6.42
C SER D 105 5.12 -5.51 -6.13
N GLY D 106 5.63 -6.11 -5.05
CA GLY D 106 5.45 -7.51 -4.79
C GLY D 106 6.32 -8.45 -5.62
N HIS D 107 7.15 -7.94 -6.53
CA HIS D 107 7.89 -8.79 -7.46
C HIS D 107 9.33 -8.97 -7.00
N THR D 108 9.93 -10.08 -7.44
CA THR D 108 11.36 -10.27 -7.23
C THR D 108 12.13 -9.57 -8.36
N TYR D 109 13.09 -8.72 -8.00
CA TYR D 109 13.78 -7.93 -9.01
C TYR D 109 15.29 -8.01 -8.83
N PRO D 110 16.03 -7.96 -9.94
CA PRO D 110 17.46 -7.63 -9.84
C PRO D 110 17.64 -6.15 -9.49
N ASP D 111 18.88 -5.79 -9.17
CA ASP D 111 19.19 -4.52 -8.53
C ASP D 111 19.40 -3.46 -9.61
N GLN D 112 18.28 -2.96 -10.15
CA GLN D 112 18.33 -2.08 -11.30
C GLN D 112 17.29 -0.95 -11.20
N SER D 113 16.99 -0.49 -9.98
CA SER D 113 15.99 0.55 -9.72
C SER D 113 14.67 0.27 -10.43
N LEU D 114 14.22 -0.98 -10.37
CA LEU D 114 12.97 -1.38 -11.01
C LEU D 114 11.75 -1.18 -10.12
N TYR D 115 11.93 -1.17 -8.80
CA TYR D 115 10.83 -1.20 -7.84
C TYR D 115 10.31 0.20 -7.57
N PRO D 116 9.12 0.33 -6.96
CA PRO D 116 8.56 1.66 -6.69
C PRO D 116 9.40 2.47 -5.72
N ALA D 117 9.58 3.76 -6.06
CA ALA D 117 10.53 4.63 -5.39
C ALA D 117 10.26 4.81 -3.90
N ASN D 118 9.04 4.55 -3.42
CA ASN D 118 8.81 4.67 -2.00
C ASN D 118 9.04 3.35 -1.26
N SER D 119 9.72 2.38 -1.86
CA SER D 119 9.86 1.08 -1.21
C SER D 119 10.84 1.12 -0.03
N VAL D 120 12.02 1.72 -0.23
CA VAL D 120 12.99 1.80 0.87
C VAL D 120 12.41 2.61 2.04
N PRO D 121 11.78 3.78 1.83
CA PRO D 121 11.12 4.46 2.97
C PRO D 121 10.19 3.55 3.76
N GLN D 122 9.37 2.75 3.10
CA GLN D 122 8.47 1.85 3.84
C GLN D 122 9.25 0.91 4.74
N VAL D 123 10.38 0.38 4.26
CA VAL D 123 11.14 -0.54 5.08
C VAL D 123 11.82 0.20 6.23
N VAL D 124 12.26 1.44 6.01
CA VAL D 124 12.78 2.28 7.10
C VAL D 124 11.73 2.42 8.20
N ARG D 125 10.50 2.75 7.82
CA ARG D 125 9.42 2.85 8.80
C ARG D 125 9.19 1.51 9.51
N ARG D 126 9.20 0.41 8.76
CA ARG D 126 9.01 -0.91 9.35
C ARG D 126 10.09 -1.21 10.39
N ILE D 127 11.35 -0.96 10.03
CA ILE D 127 12.46 -1.26 10.95
C ILE D 127 12.33 -0.41 12.21
N ASN D 128 12.01 0.88 12.05
CA ASN D 128 11.80 1.71 13.23
C ASN D 128 10.66 1.18 14.10
N ASN D 129 9.54 0.83 13.47
CA ASN D 129 8.42 0.24 14.21
C ASN D 129 8.85 -1.03 14.96
N ALA D 130 9.64 -1.89 14.32
CA ALA D 130 10.07 -3.13 14.99
C ALA D 130 10.99 -2.83 16.16
N LEU D 131 11.96 -1.92 15.97
CA LEU D 131 12.84 -1.53 17.07
C LEU D 131 12.05 -0.90 18.21
N GLN D 132 11.07 -0.05 17.87
CA GLN D 132 10.23 0.57 18.89
C GLN D 132 9.46 -0.48 19.70
N ARG D 133 9.02 -1.55 19.03
CA ARG D 133 8.31 -2.61 19.74
C ARG D 133 9.25 -3.36 20.70
N ALA D 134 10.46 -3.68 20.24
CA ALA D 134 11.42 -4.31 21.16
C ALA D 134 11.73 -3.40 22.34
N ASP D 135 11.88 -2.10 22.06
CA ASP D 135 12.10 -1.13 23.12
C ASP D 135 10.94 -1.10 24.11
N GLN D 136 9.70 -1.14 23.60
CA GLN D 136 8.53 -1.17 24.49
C GLN D 136 8.49 -2.45 25.31
N ILE D 137 8.79 -3.59 24.67
CA ILE D 137 8.80 -4.88 25.36
C ILE D 137 9.90 -4.92 26.41
N ALA D 138 11.09 -4.38 26.08
CA ALA D 138 12.17 -4.38 27.05
C ALA D 138 11.82 -3.53 28.27
N LYS D 139 11.06 -2.46 28.08
CA LYS D 139 10.71 -1.60 29.21
C LYS D 139 9.79 -2.31 30.20
N ILE D 140 8.75 -2.99 29.71
CA ILE D 140 7.84 -3.64 30.65
C ILE D 140 8.46 -4.86 31.28
N GLU D 141 9.44 -5.46 30.61
CA GLU D 141 10.16 -6.61 31.15
C GLU D 141 11.34 -6.21 32.02
N GLY D 142 11.64 -4.92 32.12
CA GLY D 142 12.84 -4.50 32.84
C GLY D 142 14.15 -4.99 32.23
N ASP D 143 14.15 -5.27 30.94
CA ASP D 143 15.34 -5.75 30.24
C ASP D 143 16.16 -4.55 29.79
N THR D 144 17.32 -4.36 30.43
CA THR D 144 18.22 -3.26 30.08
C THR D 144 19.49 -3.73 29.42
N SER D 145 19.52 -4.97 28.92
CA SER D 145 20.74 -5.46 28.29
C SER D 145 21.09 -4.68 27.02
N VAL D 146 20.10 -4.09 26.35
CA VAL D 146 20.35 -3.30 25.14
C VAL D 146 20.26 -1.83 25.50
N GLU D 147 21.35 -1.09 25.27
CA GLU D 147 21.37 0.32 25.67
C GLU D 147 20.49 1.17 24.79
N ASN D 148 20.53 0.96 23.48
CA ASN D 148 19.77 1.79 22.53
C ASN D 148 19.11 0.86 21.53
N TRP D 149 17.81 0.62 21.71
CA TRP D 149 17.09 -0.19 20.72
C TRP D 149 16.96 0.55 19.39
N LEU D 150 16.81 1.87 19.43
CA LEU D 150 16.62 2.68 18.23
C LEU D 150 17.97 3.01 17.59
N ALA D 151 18.61 1.98 17.06
CA ALA D 151 19.87 2.15 16.35
C ALA D 151 19.66 2.98 15.09
N PRO D 152 20.61 3.84 14.73
CA PRO D 152 20.46 4.62 13.50
C PRO D 152 20.38 3.71 12.27
N ILE D 153 19.57 4.12 11.30
CA ILE D 153 19.37 3.37 10.06
C ILE D 153 20.02 4.14 8.92
N VAL D 154 20.88 3.47 8.16
CA VAL D 154 21.48 4.04 6.96
C VAL D 154 20.85 3.31 5.76
N ALA D 155 20.21 4.07 4.87
CA ALA D 155 19.37 3.47 3.85
C ALA D 155 19.81 3.90 2.45
N ASP D 156 19.41 3.09 1.48
CA ASP D 156 19.90 3.18 0.11
C ASP D 156 18.97 4.08 -0.71
N GLY D 157 19.49 5.20 -1.22
CA GLY D 157 18.79 6.06 -2.14
C GLY D 157 19.08 5.79 -3.59
N GLU D 158 19.92 4.81 -3.86
CA GLU D 158 20.28 4.33 -5.22
C GLU D 158 20.70 5.53 -6.05
N ALA D 159 20.20 5.66 -7.29
CA ALA D 159 20.50 6.79 -8.14
C ALA D 159 19.38 7.83 -8.13
N GLY D 160 18.55 7.81 -7.09
CA GLY D 160 17.53 8.82 -6.90
C GLY D 160 16.26 8.65 -7.70
N PHE D 161 16.17 7.59 -8.54
CA PHE D 161 14.95 7.29 -9.32
C PHE D 161 14.54 8.45 -10.24
N GLY D 162 15.52 9.12 -10.81
CA GLY D 162 15.22 10.21 -11.71
C GLY D 162 16.11 11.41 -11.54
N GLY D 163 15.54 12.62 -11.55
CA GLY D 163 16.30 13.85 -11.45
C GLY D 163 16.42 14.34 -10.02
N ALA D 164 16.88 15.59 -9.88
CA ALA D 164 17.09 16.18 -8.55
C ALA D 164 15.80 16.21 -7.73
N LEU D 165 14.64 16.38 -8.37
CA LEU D 165 13.38 16.39 -7.62
C LEU D 165 12.99 14.99 -7.13
N ASN D 166 13.28 13.93 -7.90
CA ASN D 166 13.04 12.58 -7.38
C ASN D 166 13.98 12.28 -6.20
N VAL D 167 15.26 12.73 -6.30
CA VAL D 167 16.17 12.64 -5.16
C VAL D 167 15.57 13.32 -3.95
N TYR D 168 15.09 14.56 -4.15
CA TYR D 168 14.52 15.33 -3.07
C TYR D 168 13.41 14.55 -2.38
N GLU D 169 12.44 14.07 -3.16
CA GLU D 169 11.30 13.37 -2.57
C GLU D 169 11.71 12.06 -1.90
N LEU D 170 12.67 11.33 -2.46
CA LEU D 170 13.14 10.12 -1.80
C LEU D 170 13.73 10.44 -0.42
N GLN D 171 14.62 11.44 -0.37
CA GLN D 171 15.22 11.82 0.91
C GLN D 171 14.16 12.28 1.90
N LYS D 172 13.20 13.07 1.42
CA LYS D 172 12.13 13.54 2.30
C LYS D 172 11.33 12.36 2.85
N ALA D 173 11.02 11.38 2.01
CA ALA D 173 10.30 10.19 2.47
C ALA D 173 11.14 9.38 3.45
N LEU D 174 12.43 9.22 3.16
CA LEU D 174 13.34 8.49 4.05
C LEU D 174 13.35 9.13 5.43
N ILE D 175 13.36 10.46 5.48
CA ILE D 175 13.36 11.21 6.73
C ILE D 175 12.03 11.06 7.45
N ALA D 176 10.92 11.18 6.71
CA ALA D 176 9.61 10.93 7.31
C ALA D 176 9.55 9.55 7.96
N ALA D 177 10.17 8.55 7.32
CA ALA D 177 10.19 7.19 7.89
C ALA D 177 11.14 7.04 9.07
N GLY D 178 12.02 8.01 9.31
CA GLY D 178 12.91 7.98 10.44
C GLY D 178 14.33 7.55 10.15
N VAL D 179 14.84 7.80 8.95
CA VAL D 179 16.20 7.39 8.59
C VAL D 179 17.23 8.28 9.30
N ALA D 180 18.39 7.70 9.55
CA ALA D 180 19.52 8.45 10.08
C ALA D 180 20.50 8.90 8.99
N GLY D 181 20.61 8.14 7.90
CA GLY D 181 21.54 8.49 6.85
C GLY D 181 21.13 7.87 5.54
N SER D 182 21.64 8.42 4.46
CA SER D 182 21.25 7.93 3.14
C SER D 182 22.41 8.07 2.18
N HIS D 183 22.49 7.14 1.23
CA HIS D 183 23.58 7.20 0.26
C HIS D 183 23.05 7.28 -1.18
N TRP D 184 23.85 7.93 -2.02
CA TRP D 184 23.46 8.36 -3.35
C TRP D 184 24.65 8.14 -4.27
N GLU D 185 24.42 7.46 -5.38
CA GLU D 185 25.50 7.00 -6.25
C GLU D 185 25.43 7.71 -7.58
N ASP D 186 26.58 7.86 -8.23
CA ASP D 186 26.68 8.67 -9.45
C ASP D 186 26.42 7.86 -10.71
N GLN D 187 25.35 7.07 -10.70
CA GLN D 187 24.92 6.32 -11.86
C GLN D 187 23.69 6.96 -12.49
N LEU D 188 23.49 6.66 -13.76
CA LEU D 188 22.26 7.00 -14.44
C LEU D 188 21.11 6.17 -13.84
N ALA D 189 20.06 6.83 -13.39
CA ALA D 189 18.98 6.10 -12.71
C ALA D 189 18.33 5.08 -13.64
N SER D 190 18.09 5.47 -14.90
CA SER D 190 17.38 4.60 -15.82
C SER D 190 18.20 3.37 -16.21
N GLU D 191 19.49 3.32 -15.88
CA GLU D 191 20.29 2.13 -16.14
C GLU D 191 21.00 1.66 -14.88
N LYS D 192 20.47 2.02 -13.71
CA LYS D 192 21.12 1.69 -12.45
C LYS D 192 21.38 0.19 -12.34
N LYS D 193 22.51 -0.15 -11.72
CA LYS D 193 22.96 -1.53 -11.48
C LYS D 193 23.52 -1.59 -10.08
N QVA D 194 23.49 -2.79 -9.50
CA QVA D 194 24.38 -3.12 -8.40
C QVA D 194 25.80 -2.75 -8.85
O QVA D 194 26.16 -2.96 -9.97
CB QVA D 194 24.25 -4.62 -8.07
SG QVA D 194 25.44 -5.18 -6.81
C02 QVA D 194 26.10 -3.16 -5.09
C04 QVA D 194 25.10 -4.31 -5.22
C05 QVA D 194 25.11 -5.26 -3.98
C07 QVA D 194 26.49 -5.86 -3.71
O01 QVA D 194 25.47 -1.97 -5.47
O03 QVA D 194 26.70 -3.05 -3.83
O06 QVA D 194 24.71 -4.59 -2.82
O08 QVA D 194 27.11 -6.42 -4.63
O09 QVA D 194 27.00 -5.74 -2.57
N GLY D 195 26.58 -2.18 -7.95
CA GLY D 195 27.95 -1.84 -8.27
C GLY D 195 28.82 -3.00 -8.74
N HIS D 196 28.39 -4.24 -8.45
CA HIS D 196 29.09 -5.44 -8.87
C HIS D 196 28.41 -6.15 -10.03
N LEU D 197 27.41 -5.53 -10.63
CA LEU D 197 26.99 -5.95 -11.96
C LEU D 197 27.72 -5.10 -13.00
N GLY D 198 27.65 -5.55 -14.25
CA GLY D 198 28.12 -4.77 -15.36
C GLY D 198 27.02 -3.93 -15.96
N GLY D 199 27.32 -3.34 -17.11
CA GLY D 199 26.39 -2.43 -17.74
C GLY D 199 26.15 -1.15 -16.97
N LYS D 200 27.15 -0.67 -16.23
CA LYS D 200 26.98 0.53 -15.40
C LYS D 200 27.28 1.77 -16.24
N VAL D 201 26.49 2.82 -16.02
CA VAL D 201 26.63 4.08 -16.74
C VAL D 201 26.72 5.20 -15.71
N LEU D 202 27.81 5.95 -15.74
CA LEU D 202 27.96 7.09 -14.86
C LEU D 202 27.22 8.30 -15.40
N ILE D 203 26.97 9.26 -14.51
CA ILE D 203 26.50 10.59 -14.89
C ILE D 203 27.64 11.57 -14.65
N PRO D 204 27.59 12.78 -15.22
CA PRO D 204 28.70 13.72 -15.04
C PRO D 204 28.89 14.08 -13.58
N THR D 205 30.14 14.44 -13.24
CA THR D 205 30.47 14.80 -11.86
C THR D 205 29.52 15.85 -11.30
N GLN D 206 29.24 16.91 -12.07
CA GLN D 206 28.40 17.99 -11.55
C GLN D 206 26.96 17.53 -11.33
N GLN D 207 26.49 16.60 -12.15
CA GLN D 207 25.13 16.11 -11.94
C GLN D 207 25.01 15.41 -10.59
N HIS D 208 26.01 14.63 -10.20
CA HIS D 208 25.93 14.00 -8.90
C HIS D 208 26.06 15.02 -7.78
N ILE D 209 26.78 16.12 -8.01
CA ILE D 209 26.83 17.18 -7.00
C ILE D 209 25.45 17.80 -6.83
N ARG D 210 24.69 17.92 -7.93
CA ARG D 210 23.30 18.36 -7.83
C ARG D 210 22.48 17.41 -6.97
N THR D 211 22.70 16.11 -7.13
CA THR D 211 21.97 15.09 -6.37
C THR D 211 22.26 15.23 -4.87
N LEU D 212 23.55 15.38 -4.52
CA LEU D 212 23.94 15.52 -3.12
C LEU D 212 23.46 16.84 -2.55
N THR D 213 23.51 17.90 -3.36
CA THR D 213 22.91 19.17 -2.93
C THR D 213 21.41 19.00 -2.68
N SER D 214 20.72 18.29 -3.57
CA SER D 214 19.29 18.07 -3.38
C SER D 214 19.03 17.24 -2.13
N ALA D 215 19.86 16.23 -1.88
CA ALA D 215 19.68 15.41 -0.68
C ALA D 215 19.89 16.23 0.58
N ARG D 216 20.87 17.14 0.57
CA ARG D 216 21.07 17.98 1.74
C ARG D 216 19.94 19.00 1.89
N LEU D 217 19.45 19.55 0.77
CA LEU D 217 18.34 20.50 0.84
C LEU D 217 17.11 19.86 1.48
N ALA D 218 16.78 18.63 1.08
CA ALA D 218 15.57 17.99 1.62
C ALA D 218 15.71 17.79 3.13
N ALA D 219 16.92 17.47 3.59
CA ALA D 219 17.11 17.29 5.02
C ALA D 219 17.05 18.62 5.75
N ASP D 220 17.64 19.68 5.18
CA ASP D 220 17.52 21.01 5.76
C ASP D 220 16.06 21.47 5.81
N VAL D 221 15.34 21.32 4.70
CA VAL D 221 13.94 21.72 4.69
C VAL D 221 13.15 20.93 5.73
N ALA D 222 13.50 19.66 5.91
CA ALA D 222 12.89 18.85 6.96
C ALA D 222 13.51 19.11 8.32
N ASP D 223 14.53 19.96 8.40
CA ASP D 223 15.11 20.41 9.67
C ASP D 223 15.70 19.22 10.46
N VAL D 224 16.36 18.30 9.78
CA VAL D 224 17.07 17.22 10.48
C VAL D 224 18.47 17.08 9.90
N PRO D 225 19.47 16.74 10.75
CA PRO D 225 20.88 16.70 10.31
C PRO D 225 21.30 15.38 9.67
N THR D 226 20.50 14.90 8.72
CA THR D 226 20.69 13.59 8.14
C THR D 226 22.12 13.40 7.62
N VAL D 227 22.67 12.22 7.85
CA VAL D 227 23.97 11.87 7.31
C VAL D 227 23.83 11.54 5.82
N VAL D 228 24.60 12.23 4.99
CA VAL D 228 24.55 12.11 3.53
C VAL D 228 25.83 11.45 3.07
N ILE D 229 25.70 10.36 2.32
CA ILE D 229 26.83 9.56 1.85
C ILE D 229 26.87 9.63 0.33
N ALA D 230 28.03 9.96 -0.23
CA ALA D 230 28.20 9.95 -1.67
C ALA D 230 28.93 8.67 -2.06
N ARG D 231 28.40 7.96 -3.05
CA ARG D 231 29.02 6.76 -3.60
C ARG D 231 29.40 6.98 -5.05
N THR D 232 30.60 6.55 -5.42
CA THR D 232 30.98 6.55 -6.82
C THR D 232 31.11 5.11 -7.32
N ASP D 233 30.61 4.89 -8.53
CA ASP D 233 30.76 3.62 -9.22
C ASP D 233 31.78 3.70 -10.35
N ALA D 234 32.72 4.64 -10.27
CA ALA D 234 33.64 4.89 -11.38
C ALA D 234 34.76 3.85 -11.48
N GLU D 235 34.91 2.97 -10.48
CA GLU D 235 35.99 1.98 -10.55
C GLU D 235 35.76 0.99 -11.67
N ALA D 236 34.50 0.59 -11.93
CA ALA D 236 34.22 -0.42 -12.94
C ALA D 236 33.40 0.07 -14.13
N ALA D 237 32.61 1.13 -13.98
CA ALA D 237 31.81 1.63 -15.08
C ALA D 237 32.69 2.12 -16.23
N THR D 238 32.41 1.64 -17.44
CA THR D 238 33.11 2.07 -18.64
C THR D 238 32.23 2.93 -19.54
N LEU D 239 31.08 3.39 -19.04
CA LEU D 239 30.19 4.28 -19.78
C LEU D 239 29.83 5.48 -18.91
N ILE D 240 29.54 6.59 -19.58
CA ILE D 240 29.07 7.81 -18.93
C ILE D 240 28.13 8.49 -19.91
N THR D 241 27.11 9.18 -19.37
CA THR D 241 26.07 9.74 -20.22
C THR D 241 26.60 10.85 -21.13
N SER D 242 27.55 11.63 -20.64
CA SER D 242 27.95 12.84 -21.34
C SER D 242 29.40 13.15 -20.99
N ASP D 243 30.04 13.94 -21.86
CA ASP D 243 31.37 14.48 -21.60
C ASP D 243 31.33 15.96 -21.25
N VAL D 244 30.15 16.46 -20.88
CA VAL D 244 29.98 17.91 -20.70
C VAL D 244 30.86 18.43 -19.56
N ASP D 245 31.15 17.61 -18.56
CA ASP D 245 31.87 18.07 -17.37
C ASP D 245 33.38 17.92 -17.60
N GLU D 246 34.09 19.05 -17.51
CA GLU D 246 35.53 19.06 -17.74
C GLU D 246 36.27 18.14 -16.80
N ARG D 247 35.76 17.92 -15.59
CA ARG D 247 36.46 17.00 -14.71
C ARG D 247 36.38 15.56 -15.20
N ASP D 248 35.41 15.23 -16.06
CA ASP D 248 35.26 13.87 -16.58
C ASP D 248 35.94 13.68 -17.93
N GLN D 249 36.19 14.77 -18.66
CA GLN D 249 36.78 14.67 -19.99
C GLN D 249 38.12 13.95 -20.04
N PRO D 250 39.02 14.04 -19.05
CA PRO D 250 40.28 13.29 -19.15
C PRO D 250 40.10 11.79 -19.36
N PHE D 251 38.96 11.23 -18.96
CA PHE D 251 38.76 9.79 -19.05
C PHE D 251 37.96 9.36 -20.27
N ILE D 252 37.36 10.32 -20.99
CA ILE D 252 36.63 10.00 -22.22
C ILE D 252 37.59 9.46 -23.27
N THR D 253 37.18 8.39 -23.96
CA THR D 253 38.04 7.74 -24.95
C THR D 253 37.69 8.07 -26.40
N GLY D 254 36.51 8.65 -26.64
CA GLY D 254 36.06 8.96 -27.98
C GLY D 254 35.12 7.93 -28.57
N GLU D 255 35.24 6.68 -28.18
CA GLU D 255 34.29 5.67 -28.63
C GLU D 255 32.89 5.97 -28.06
N ARG D 256 31.88 5.60 -28.83
CA ARG D 256 30.48 5.81 -28.45
C ARG D 256 29.69 4.53 -28.69
N THR D 257 28.56 4.41 -28.01
CA THR D 257 27.66 3.29 -28.20
C THR D 257 26.47 3.72 -29.04
N ARG D 258 25.73 2.71 -29.54
CA ARG D 258 24.52 2.96 -30.31
C ARG D 258 23.51 3.80 -29.54
N GLU D 259 23.47 3.68 -28.22
CA GLU D 259 22.56 4.48 -27.41
C GLU D 259 23.02 5.92 -27.26
N GLY D 260 24.24 6.23 -27.69
CA GLY D 260 24.83 7.54 -27.51
C GLY D 260 25.68 7.69 -26.27
N PHE D 261 25.90 6.64 -25.50
CA PHE D 261 26.74 6.77 -24.31
C PHE D 261 28.19 7.01 -24.73
N TYR D 262 28.98 7.54 -23.79
CA TYR D 262 30.40 7.77 -24.00
C TYR D 262 31.20 6.71 -23.25
N ARG D 263 32.15 6.09 -23.94
CA ARG D 263 33.08 5.21 -23.27
C ARG D 263 34.07 6.01 -22.44
N THR D 264 34.45 5.46 -21.29
CA THR D 264 35.29 6.19 -20.36
C THR D 264 36.22 5.19 -19.70
N LYS D 265 37.38 5.69 -19.26
CA LYS D 265 38.42 4.84 -18.67
C LYS D 265 38.13 4.70 -17.19
N ASN D 266 37.84 3.48 -16.76
CA ASN D 266 37.46 3.16 -15.38
C ASN D 266 38.70 2.93 -14.51
N GLY D 267 38.49 2.95 -13.20
CA GLY D 267 39.54 2.56 -12.29
C GLY D 267 39.57 3.45 -11.09
N ILE D 268 40.66 3.35 -10.32
CA ILE D 268 40.75 4.12 -9.08
C ILE D 268 40.93 5.60 -9.37
N GLU D 269 41.50 5.95 -10.53
CA GLU D 269 41.75 7.36 -10.82
C GLU D 269 40.48 8.18 -10.96
N PRO D 270 39.48 7.83 -11.79
CA PRO D 270 38.21 8.57 -11.73
C PRO D 270 37.59 8.59 -10.34
N CYS D 271 37.78 7.51 -9.56
CA CYS D 271 37.18 7.42 -8.25
C CYS D 271 37.74 8.46 -7.29
N ILE D 272 39.07 8.60 -7.27
CA ILE D 272 39.71 9.59 -6.40
C ILE D 272 39.27 11.02 -6.76
N ALA D 273 39.25 11.33 -8.05
CA ALA D 273 38.84 12.66 -8.49
C ALA D 273 37.37 12.95 -8.15
N ARG D 274 36.51 11.95 -8.28
CA ARG D 274 35.10 12.19 -7.97
C ARG D 274 34.90 12.30 -6.46
N ALA D 275 35.63 11.50 -5.70
CA ALA D 275 35.60 11.62 -4.25
C ALA D 275 35.96 13.03 -3.82
N LYS D 276 36.99 13.61 -4.45
CA LYS D 276 37.39 14.96 -4.07
C LYS D 276 36.35 15.99 -4.51
N ALA D 277 35.71 15.78 -5.65
CA ALA D 277 34.67 16.73 -6.05
C ALA D 277 33.45 16.62 -5.14
N TYR D 278 33.14 15.41 -4.67
CA TYR D 278 31.97 15.20 -3.82
C TYR D 278 32.22 15.57 -2.36
N ALA D 279 33.49 15.58 -1.93
CA ALA D 279 33.81 15.75 -0.51
C ALA D 279 33.12 16.93 0.16
N PRO D 280 33.09 18.14 -0.43
CA PRO D 280 32.39 19.24 0.25
C PRO D 280 30.89 19.01 0.38
N PHE D 281 30.33 18.01 -0.29
CA PHE D 281 28.90 17.76 -0.33
C PHE D 281 28.51 16.45 0.34
N ALA D 282 29.43 15.82 1.07
CA ALA D 282 29.25 14.45 1.53
C ALA D 282 29.79 14.28 2.95
N ASP D 283 28.94 13.75 3.84
CA ASP D 283 29.41 13.40 5.18
C ASP D 283 30.31 12.18 5.16
N LEU D 284 30.06 11.23 4.27
CA LEU D 284 30.95 10.09 4.08
C LEU D 284 31.04 9.82 2.59
N ILE D 285 32.15 9.19 2.20
CA ILE D 285 32.42 8.91 0.80
C ILE D 285 32.73 7.41 0.65
N TRP D 286 32.08 6.79 -0.33
CA TRP D 286 32.15 5.35 -0.55
C TRP D 286 32.51 5.11 -2.01
N MET D 287 33.55 4.32 -2.24
CA MET D 287 33.94 3.90 -3.58
C MET D 287 33.68 2.40 -3.71
N GLU D 288 32.91 2.01 -4.72
CA GLU D 288 32.68 0.60 -4.98
C GLU D 288 33.92 -0.03 -5.63
N THR D 289 34.29 -1.23 -5.16
CA THR D 289 35.47 -1.94 -5.64
C THR D 289 35.09 -3.31 -6.17
N GLY D 290 35.98 -3.86 -7.01
CA GLY D 290 35.76 -5.16 -7.62
C GLY D 290 36.17 -6.37 -6.80
N THR D 291 36.97 -6.17 -5.75
CA THR D 291 37.49 -7.23 -4.90
C THR D 291 37.65 -6.70 -3.49
N PRO D 292 37.76 -7.58 -2.48
CA PRO D 292 38.09 -7.09 -1.14
C PRO D 292 39.60 -6.97 -0.94
N ASP D 293 40.14 -5.75 -1.05
CA ASP D 293 41.59 -5.53 -1.19
C ASP D 293 42.00 -4.35 -0.29
N LEU D 294 42.68 -4.65 0.82
CA LEU D 294 43.08 -3.61 1.75
C LEU D 294 44.05 -2.61 1.11
N GLU D 295 44.78 -3.04 0.09
CA GLU D 295 45.79 -2.17 -0.50
C GLU D 295 45.15 -1.17 -1.46
N ALA D 296 44.22 -1.65 -2.29
CA ALA D 296 43.46 -0.71 -3.12
C ALA D 296 42.67 0.26 -2.26
N ALA D 297 42.17 -0.20 -1.11
CA ALA D 297 41.46 0.69 -0.19
C ALA D 297 42.39 1.71 0.44
N ARG D 298 43.62 1.31 0.79
CA ARG D 298 44.58 2.26 1.34
C ARG D 298 44.93 3.33 0.30
N GLN D 299 45.08 2.90 -0.95
CA GLN D 299 45.42 3.82 -2.02
C GLN D 299 44.35 4.90 -2.21
N PHE D 300 43.07 4.48 -2.22
CA PHE D 300 41.96 5.43 -2.31
C PHE D 300 41.90 6.34 -1.09
N SER D 301 41.94 5.74 0.10
CA SER D 301 41.87 6.48 1.36
C SER D 301 42.92 7.59 1.41
N GLU D 302 44.19 7.22 1.29
CA GLU D 302 45.28 8.19 1.44
C GLU D 302 45.13 9.37 0.48
N ALA D 303 44.81 9.09 -0.79
CA ALA D 303 44.64 10.17 -1.75
C ALA D 303 43.59 11.17 -1.28
N VAL D 304 42.45 10.69 -0.77
CA VAL D 304 41.34 11.60 -0.43
C VAL D 304 41.70 12.45 0.79
N LYS D 305 42.23 11.81 1.84
CA LYS D 305 42.63 12.56 3.03
C LYS D 305 43.81 13.50 2.76
N ALA D 306 44.56 13.26 1.67
CA ALA D 306 45.60 14.19 1.26
C ALA D 306 45.04 15.59 1.03
N GLU D 307 43.83 15.68 0.48
CA GLU D 307 43.16 16.97 0.34
C GLU D 307 42.15 17.25 1.45
N TYR D 308 41.41 16.24 1.92
CA TYR D 308 40.43 16.40 3.00
C TYR D 308 40.77 15.43 4.13
N PRO D 309 41.65 15.83 5.06
CA PRO D 309 42.12 14.87 6.08
C PRO D 309 41.03 14.39 7.03
N ASP D 310 40.00 15.19 7.29
CA ASP D 310 38.92 14.80 8.19
C ASP D 310 37.82 14.00 7.50
N GLN D 311 37.94 13.72 6.20
CA GLN D 311 36.85 13.13 5.44
C GLN D 311 36.67 11.66 5.83
N MET D 312 35.50 11.35 6.39
CA MET D 312 35.20 9.97 6.73
C MET D 312 34.79 9.19 5.49
N LEU D 313 35.10 7.90 5.49
CA LEU D 313 34.85 7.05 4.35
C LEU D 313 33.95 5.89 4.78
N ALA D 314 33.40 5.18 3.79
CA ALA D 314 32.50 4.05 4.02
C ALA D 314 32.85 2.93 3.06
N TYR D 315 32.68 1.68 3.51
CA TYR D 315 33.17 0.54 2.72
C TYR D 315 32.14 -0.57 2.67
N ASN D 316 31.86 -1.05 1.45
CA ASN D 316 30.92 -2.16 1.25
C ASN D 316 31.68 -3.48 1.31
N CYS D 317 31.55 -4.20 2.44
CA CYS D 317 32.06 -5.56 2.55
C CYS D 317 31.05 -6.50 1.87
N SER D 318 31.18 -6.60 0.55
CA SER D 318 30.06 -7.09 -0.26
C SER D 318 30.04 -8.61 -0.36
N PRO D 319 28.89 -9.25 -0.12
CA PRO D 319 28.74 -10.68 -0.47
C PRO D 319 28.88 -10.96 -1.94
N SER D 320 28.91 -9.93 -2.80
CA SER D 320 29.20 -10.16 -4.21
C SER D 320 30.67 -10.49 -4.46
N PHE D 321 31.50 -10.43 -3.42
CA PHE D 321 32.88 -10.93 -3.48
C PHE D 321 32.90 -12.37 -2.99
N ASN D 322 33.59 -13.25 -3.73
CA ASN D 322 33.93 -14.57 -3.22
C ASN D 322 35.13 -14.39 -2.30
N TRP D 323 34.89 -14.34 -0.99
CA TRP D 323 35.89 -13.80 -0.08
C TRP D 323 37.13 -14.69 -0.02
N LYS D 324 36.96 -16.00 0.16
CA LYS D 324 38.12 -16.87 0.33
C LYS D 324 38.86 -17.14 -0.97
N LYS D 325 38.27 -16.84 -2.13
CA LYS D 325 39.05 -16.87 -3.37
C LYS D 325 40.09 -15.76 -3.41
N HIS D 326 39.94 -14.73 -2.59
CA HIS D 326 40.83 -13.56 -2.62
C HIS D 326 41.65 -13.38 -1.36
N LEU D 327 41.12 -13.67 -0.19
CA LEU D 327 41.85 -13.43 1.04
C LEU D 327 41.99 -14.73 1.81
N ASP D 328 42.98 -14.75 2.70
CA ASP D 328 43.13 -15.85 3.64
C ASP D 328 42.45 -15.47 4.95
N ASP D 329 42.38 -16.45 5.86
CA ASP D 329 41.59 -16.27 7.08
C ASP D 329 42.15 -15.14 7.93
N ALA D 330 43.48 -14.97 7.96
CA ALA D 330 44.06 -13.92 8.78
C ALA D 330 43.68 -12.54 8.29
N THR D 331 43.71 -12.35 6.97
CA THR D 331 43.34 -11.06 6.39
C THR D 331 41.86 -10.77 6.59
N ILE D 332 41.01 -11.77 6.36
CA ILE D 332 39.57 -11.63 6.60
C ILE D 332 39.31 -11.17 8.03
N ALA D 333 39.98 -11.80 9.01
CA ALA D 333 39.73 -11.50 10.42
C ALA D 333 40.14 -10.08 10.80
N LYS D 334 41.17 -9.53 10.14
CA LYS D 334 41.59 -8.17 10.45
C LYS D 334 40.94 -7.13 9.52
N PHE D 335 40.25 -7.58 8.48
CA PHE D 335 39.81 -6.71 7.39
C PHE D 335 39.17 -5.42 7.87
N GLN D 336 38.13 -5.53 8.71
CA GLN D 336 37.39 -4.34 9.12
C GLN D 336 38.24 -3.43 10.00
N LYS D 337 39.00 -4.02 10.94
CA LYS D 337 39.84 -3.21 11.80
C LYS D 337 40.86 -2.41 10.99
N GLU D 338 41.46 -3.03 9.98
CA GLU D 338 42.43 -2.34 9.13
C GLU D 338 41.78 -1.20 8.37
N LEU D 339 40.62 -1.47 7.76
CA LEU D 339 39.88 -0.42 7.06
C LEU D 339 39.56 0.74 7.99
N ALA D 340 39.19 0.43 9.23
CA ALA D 340 38.84 1.48 10.18
C ALA D 340 40.02 2.41 10.43
N ALA D 341 41.23 1.85 10.51
CA ALA D 341 42.42 2.67 10.70
C ALA D 341 42.65 3.61 9.53
N MET D 342 42.27 3.19 8.32
CA MET D 342 42.39 4.03 7.13
C MET D 342 41.29 5.08 7.01
N GLY D 343 40.32 5.10 7.92
CA GLY D 343 39.27 6.11 7.89
C GLY D 343 37.92 5.64 7.37
N PHE D 344 37.76 4.34 7.10
CA PHE D 344 36.47 3.76 6.77
C PHE D 344 35.71 3.55 8.08
N LYS D 345 34.95 4.57 8.47
CA LYS D 345 34.25 4.59 9.75
C LYS D 345 32.86 3.96 9.68
N PHE D 346 32.33 3.70 8.48
CA PHE D 346 31.08 2.96 8.31
C PHE D 346 31.30 1.80 7.36
N GLN D 347 31.15 0.58 7.86
CA GLN D 347 31.38 -0.64 7.07
C GLN D 347 30.19 -1.57 7.19
N PHE D 348 29.81 -2.22 6.09
CA PHE D 348 28.52 -2.90 6.06
C PHE D 348 28.52 -4.05 5.08
N ILE D 349 27.83 -5.13 5.45
CA ILE D 349 27.61 -6.27 4.57
C ILE D 349 26.22 -6.11 3.97
N THR D 350 26.18 -5.59 2.73
CA THR D 350 24.94 -5.19 2.08
C THR D 350 23.88 -6.30 2.10
N LEU D 351 24.25 -7.48 1.63
CA LEU D 351 23.30 -8.54 1.36
C LEU D 351 23.25 -9.60 2.45
N ALA D 352 23.66 -9.23 3.67
CA ALA D 352 23.68 -10.19 4.77
C ALA D 352 22.30 -10.78 5.04
N GLY D 353 21.25 -9.96 4.92
CA GLY D 353 19.91 -10.47 5.18
C GLY D 353 19.47 -11.46 4.12
N PHE D 354 19.68 -11.11 2.85
CA PHE D 354 19.33 -12.02 1.78
C PHE D 354 19.97 -13.39 1.99
N HIS D 355 21.28 -13.42 2.27
CA HIS D 355 21.95 -14.72 2.39
C HIS D 355 21.55 -15.44 3.66
N ALA D 356 21.53 -14.73 4.79
CA ALA D 356 21.05 -15.36 6.04
C ALA D 356 19.65 -15.96 5.89
N LEU D 357 18.73 -15.23 5.26
CA LEU D 357 17.35 -15.71 5.10
C LEU D 357 17.30 -16.89 4.13
N ASN D 358 17.91 -16.73 2.96
CA ASN D 358 17.79 -17.75 1.92
C ASN D 358 18.48 -19.05 2.32
N TYR D 359 19.67 -18.95 2.92
CA TYR D 359 20.40 -20.15 3.32
C TYR D 359 19.66 -20.91 4.43
N SER D 360 19.28 -20.19 5.50
CA SER D 360 18.65 -20.85 6.63
C SER D 360 17.33 -21.51 6.24
N MET D 361 16.58 -20.90 5.32
CA MET D 361 15.33 -21.56 4.94
C MET D 361 15.59 -22.73 4.01
N PHE D 362 16.60 -22.63 3.14
CA PHE D 362 16.95 -23.82 2.36
C PHE D 362 17.41 -24.94 3.27
N ASP D 363 18.23 -24.62 4.28
CA ASP D 363 18.77 -25.66 5.16
C ASP D 363 17.63 -26.36 5.90
N LEU D 364 16.72 -25.57 6.48
CA LEU D 364 15.60 -26.14 7.22
C LEU D 364 14.68 -26.94 6.30
N ALA D 365 14.31 -26.37 5.15
CA ALA D 365 13.35 -27.03 4.26
C ALA D 365 13.90 -28.35 3.70
N TYR D 366 15.20 -28.40 3.40
CA TYR D 366 15.79 -29.62 2.86
C TYR D 366 15.87 -30.68 3.95
N GLY D 367 16.21 -30.29 5.17
CA GLY D 367 16.12 -31.23 6.28
C GLY D 367 14.70 -31.76 6.43
N TYR D 368 13.73 -30.85 6.47
CA TYR D 368 12.33 -31.19 6.68
C TYR D 368 11.82 -32.10 5.56
N ALA D 369 12.27 -31.86 4.32
CA ALA D 369 11.89 -32.72 3.22
C ALA D 369 12.34 -34.17 3.46
N GLN D 370 13.44 -34.37 4.19
CA GLN D 370 13.95 -35.70 4.47
C GLN D 370 13.48 -36.26 5.82
N ASN D 371 13.56 -35.45 6.87
CA ASN D 371 13.44 -35.92 8.26
C ASN D 371 12.22 -35.37 8.98
N GLN D 372 11.37 -34.58 8.32
CA GLN D 372 10.24 -33.89 8.94
C GLN D 372 10.56 -33.25 10.28
N MET D 373 9.91 -33.69 11.37
CA MET D 373 10.00 -32.94 12.62
C MET D 373 11.42 -32.91 13.18
N SER D 374 12.23 -33.94 12.92
CA SER D 374 13.60 -33.95 13.45
C SER D 374 14.38 -32.72 13.01
N ALA D 375 14.22 -32.33 11.74
CA ALA D 375 14.86 -31.10 11.24
C ALA D 375 14.46 -29.88 12.06
N TYR D 376 13.16 -29.70 12.34
CA TYR D 376 12.74 -28.48 13.03
C TYR D 376 13.24 -28.45 14.48
N VAL D 377 13.21 -29.60 15.15
CA VAL D 377 13.62 -29.64 16.56
C VAL D 377 15.10 -29.30 16.71
N GLU D 378 15.91 -29.67 15.73
CA GLU D 378 17.31 -29.24 15.74
C GLU D 378 17.41 -27.73 15.80
N LEU D 379 16.65 -27.04 14.95
CA LEU D 379 16.60 -25.58 15.01
C LEU D 379 16.14 -25.10 16.38
N GLN D 380 15.05 -25.67 16.89
CA GLN D 380 14.51 -25.22 18.18
C GLN D 380 15.53 -25.43 19.29
N GLU D 381 16.31 -26.51 19.22
CA GLU D 381 17.35 -26.75 20.21
C GLU D 381 18.51 -25.77 20.03
N ARG D 382 18.91 -25.49 18.79
CA ARG D 382 19.89 -24.44 18.58
C ARG D 382 19.40 -23.12 19.18
N GLU D 383 18.09 -22.86 19.07
CA GLU D 383 17.52 -21.63 19.63
C GLU D 383 17.60 -21.60 21.15
N PHE D 384 17.25 -22.71 21.81
CA PHE D 384 17.40 -22.79 23.27
C PHE D 384 18.86 -22.54 23.67
N ALA D 385 19.80 -23.18 22.97
CA ALA D 385 21.22 -23.01 23.29
C ALA D 385 21.66 -21.55 23.15
N ALA D 386 21.17 -20.84 22.12
CA ALA D 386 21.60 -19.46 21.91
C ALA D 386 21.13 -18.52 23.00
N GLU D 387 20.33 -18.99 23.95
CA GLU D 387 19.77 -18.07 24.94
C GLU D 387 20.81 -17.60 25.94
N GLU D 388 21.90 -18.33 26.13
CA GLU D 388 22.96 -17.80 26.98
C GLU D 388 23.70 -16.66 26.28
N ARG D 389 23.71 -16.66 24.94
CA ARG D 389 24.26 -15.55 24.16
C ARG D 389 23.35 -14.33 24.15
N GLY D 390 22.13 -14.44 24.67
CA GLY D 390 21.19 -13.33 24.70
C GLY D 390 19.98 -13.50 23.84
N TYR D 391 19.93 -14.54 23.01
CA TYR D 391 18.78 -14.77 22.15
C TYR D 391 17.50 -14.84 22.97
N THR D 392 16.42 -14.27 22.42
CA THR D 392 15.13 -14.26 23.11
C THR D 392 13.95 -14.74 22.26
N ALA D 393 14.11 -14.95 20.95
CA ALA D 393 12.96 -15.22 20.08
C ALA D 393 12.45 -16.65 20.19
N THR D 394 13.07 -17.53 20.98
CA THR D 394 12.48 -18.85 21.20
C THR D 394 11.10 -18.71 21.82
N LYS D 395 10.93 -17.74 22.71
CA LYS D 395 9.61 -17.36 23.21
C LYS D 395 9.01 -16.36 22.24
N HIS D 396 8.45 -16.87 21.15
CA HIS D 396 8.00 -15.98 20.08
C HIS D 396 6.85 -15.09 20.52
N GLN D 397 5.99 -15.53 21.45
CA GLN D 397 4.83 -14.72 21.81
C GLN D 397 5.25 -13.42 22.49
N ARG D 398 6.12 -13.50 23.51
CA ARG D 398 6.59 -12.27 24.13
C ARG D 398 7.46 -11.47 23.17
N GLU D 399 8.27 -12.15 22.35
CA GLU D 399 9.17 -11.50 21.40
C GLU D 399 8.42 -10.57 20.47
N VAL D 400 7.17 -10.87 20.22
CA VAL D 400 6.37 -10.19 19.22
CA VAL D 400 6.41 -10.17 19.21
C VAL D 400 5.41 -9.19 19.84
N GLY D 401 5.37 -9.09 21.16
CA GLY D 401 4.55 -8.12 21.86
C GLY D 401 3.34 -8.64 22.62
N ALA D 402 3.18 -9.95 22.78
CA ALA D 402 1.98 -10.46 23.46
C ALA D 402 1.87 -9.88 24.87
N GLY D 403 2.99 -9.83 25.59
CA GLY D 403 2.95 -9.26 26.93
C GLY D 403 2.75 -7.76 26.92
N TYR D 404 3.23 -7.09 25.88
CA TYR D 404 3.04 -5.66 25.79
C TYR D 404 1.57 -5.32 25.54
N PHE D 405 0.92 -6.06 24.64
CA PHE D 405 -0.49 -5.79 24.39
C PHE D 405 -1.39 -6.29 25.51
N ASP D 406 -0.95 -7.32 26.24
CA ASP D 406 -1.60 -7.65 27.50
C ASP D 406 -1.63 -6.45 28.43
N ARG D 407 -0.50 -5.76 28.56
CA ARG D 407 -0.44 -4.60 29.46
CA ARG D 407 -0.43 -4.61 29.45
C ARG D 407 -1.37 -3.50 29.00
N ILE D 408 -1.48 -3.27 27.69
CA ILE D 408 -2.46 -2.32 27.19
C ILE D 408 -3.87 -2.76 27.58
N ALA D 409 -4.19 -4.04 27.33
CA ALA D 409 -5.55 -4.50 27.59
C ALA D 409 -5.89 -4.41 29.07
N THR D 410 -4.95 -4.71 29.97
CA THR D 410 -5.26 -4.58 31.39
C THR D 410 -5.22 -3.14 31.87
N THR D 411 -4.50 -2.26 31.18
CA THR D 411 -4.60 -0.84 31.49
C THR D 411 -5.99 -0.32 31.15
N VAL D 412 -6.57 -0.81 30.04
CA VAL D 412 -7.92 -0.40 29.67
C VAL D 412 -8.96 -1.06 30.55
N ASP D 413 -8.80 -2.37 30.80
CA ASP D 413 -9.76 -3.13 31.59
C ASP D 413 -8.98 -4.12 32.43
N PRO D 414 -8.67 -3.76 33.68
CA PRO D 414 -7.87 -4.67 34.53
C PRO D 414 -8.53 -6.01 34.78
N ASN D 415 -9.84 -6.14 34.58
CA ASN D 415 -10.57 -7.39 34.79
C ASN D 415 -10.81 -8.16 33.50
N SER D 416 -10.08 -7.85 32.44
CA SER D 416 -10.30 -8.50 31.16
C SER D 416 -10.03 -10.00 31.27
N SER D 417 -10.98 -10.80 30.80
CA SER D 417 -10.77 -12.25 30.80
C SER D 417 -10.21 -12.75 29.49
N THR D 418 -9.81 -11.86 28.57
CA THR D 418 -9.30 -12.29 27.28
C THR D 418 -7.85 -11.85 27.04
N THR D 419 -7.04 -11.74 28.10
CA THR D 419 -5.62 -11.53 27.83
C THR D 419 -4.95 -12.82 27.35
N ALA D 420 -3.74 -12.68 26.80
CA ALA D 420 -3.13 -13.74 25.97
C ALA D 420 -2.08 -14.58 26.69
N LEU D 421 -1.16 -13.98 27.45
CA LEU D 421 -0.02 -14.76 27.93
C LEU D 421 -0.43 -15.75 29.02
N THR D 422 -1.38 -15.38 29.88
CA THR D 422 -1.87 -16.27 30.93
C THR D 422 -2.62 -17.45 30.30
N GLY D 423 -2.14 -18.66 30.55
CA GLY D 423 -2.71 -19.84 29.95
C GLY D 423 -2.10 -20.27 28.64
N SER D 424 -1.07 -19.56 28.16
CA SER D 424 -0.44 -19.92 26.89
C SER D 424 0.46 -21.13 27.06
N THR D 425 0.74 -21.81 25.96
CA THR D 425 1.75 -22.86 26.01
C THR D 425 3.15 -22.29 26.18
N GLU D 426 3.34 -21.02 25.84
CA GLU D 426 4.63 -20.38 26.11
C GLU D 426 4.86 -20.26 27.61
N GLU D 427 3.88 -19.72 28.34
CA GLU D 427 3.97 -19.69 29.79
C GLU D 427 4.12 -21.09 30.39
N GLY D 428 3.53 -22.11 29.75
CA GLY D 428 3.52 -23.45 30.32
C GLY D 428 4.65 -24.38 29.93
N GLN D 429 5.36 -24.10 28.83
CA GLN D 429 6.38 -24.99 28.34
C GLN D 429 7.74 -24.33 28.12
N PHE D 430 7.90 -23.03 28.42
CA PHE D 430 9.11 -22.29 28.06
C PHE D 430 9.77 -21.53 29.24
MG MG E . 0.65 12.16 -18.60
MG MG F . 0.72 1.86 -36.76
C1 OXD G . -1.68 13.00 -20.23
C1 OXD G . -1.68 13.00 -20.23
C2 OXD G . -2.09 13.08 -18.74
C2 OXD G . -2.09 13.08 -18.74
O3 OXD G . -1.96 14.21 -20.86
O4 OXD G . -3.25 13.38 -18.42
O4 OXD G . -3.25 13.38 -18.42
O5 OXD G . -0.36 12.57 -20.33
O5 OXD G . -0.36 12.57 -20.33
O6 OXD G . -1.23 12.81 -17.86
O6 OXD G . -1.23 12.81 -17.86
C ACY H . -19.69 9.87 -30.03
O ACY H . -20.11 10.27 -31.15
OXT ACY H . -20.19 10.31 -28.97
CH3 ACY H . -18.59 8.83 -29.94
C ACY I . -9.86 -5.71 -37.08
O ACY I . -8.70 -5.26 -37.31
OXT ACY I . -10.14 -6.18 -35.94
CH3 ACY I . -10.93 -5.71 -38.18
MG MG J . -18.91 6.00 9.51
C1 PEG K . -20.87 -10.75 19.99
C1 PEG K . -16.89 -7.62 19.58
O1 PEG K . -22.02 -11.55 20.16
O1 PEG K . -17.12 -8.57 18.59
C2 PEG K . -20.06 -10.62 21.29
C2 PEG K . -18.15 -7.43 20.42
O2 PEG K . -18.92 -9.86 21.03
O2 PEG K . -18.18 -8.18 21.58
C3 PEG K . -18.64 -8.75 21.85
C3 PEG K . -19.21 -9.06 21.66
C4 PEG K . -19.87 -7.85 21.92
C4 PEG K . -20.40 -8.16 22.00
O4 PEG K . -20.53 -8.05 23.14
O4 PEG K . -20.63 -8.06 23.32
C1 OXD L . -19.59 8.45 8.06
C2 OXD L . -20.06 8.74 9.49
O3 OXD L . -19.59 9.37 7.19
O4 OXD L . -21.37 9.18 9.48
O5 OXD L . -19.16 7.29 7.80
O6 OXD L . -19.79 7.64 10.30
C ACY M . -1.76 13.85 27.53
O ACY M . -0.93 13.36 28.35
OXT ACY M . -2.93 13.42 27.56
CH3 ACY M . -1.39 14.95 26.53
C ACY N . -15.35 -4.29 28.43
O ACY N . -14.47 -4.30 27.55
OXT ACY N . -16.55 -4.47 28.07
CH3 ACY N . -14.95 -4.07 29.90
C ACY O . -19.72 29.68 11.43
O ACY O . -19.92 29.92 10.20
OXT ACY O . -20.24 28.67 11.96
CH3 ACY O . -18.86 30.62 12.27
MG MG P . -3.26 -17.81 12.51
MG MG Q . -15.79 -32.67 4.45
C1 PEG R . 14.98 -20.82 -10.16
O1 PEG R . 14.98 -20.62 -11.55
C2 PEG R . 15.98 -19.83 -9.56
O2 PEG R . 16.59 -20.45 -8.46
C3 PEG R . 16.04 -20.05 -7.23
C4 PEG R . 15.88 -21.25 -6.29
O4 PEG R . 16.64 -21.13 -5.11
C1 OXD S . -1.97 -20.23 12.79
C1 OXD S . -1.97 -20.23 12.79
C2 OXD S . -0.88 -19.29 12.24
C2 OXD S . -0.87 -19.29 12.24
O3 OXD S . -1.60 -21.56 12.60
O4 OXD S . -1.09 -18.05 12.22
O4 OXD S . -1.09 -18.05 12.22
O5 OXD S . -3.19 -19.89 12.23
O5 OXD S . -3.19 -19.89 12.23
O6 OXD S . 0.22 -19.76 11.83
O6 OXD S . 0.22 -19.76 11.83
C ACY T . 5.97 -36.43 2.36
O ACY T . 7.06 -36.85 2.84
OXT ACY T . 5.07 -37.24 2.00
CH3 ACY T . 5.72 -34.94 2.19
MG MG U . 32.86 16.17 3.53
MG MG V . 21.83 -0.48 -3.65
C1 OXD W . 24.07 -1.34 -1.86
C1 OXD W . 24.07 -1.34 -1.86
C2 OXD W . 22.87 -2.29 -1.75
C2 OXD W . 22.87 -2.29 -1.75
O3 OXD W . 25.12 -2.01 -2.48
O4 OXD W . 21.92 -2.20 -2.56
O4 OXD W . 21.92 -2.20 -2.56
O5 OXD W . 23.65 -0.20 -2.56
O5 OXD W . 23.65 -0.20 -2.56
O6 OXD W . 22.84 -3.16 -0.83
O6 OXD W . 22.84 -3.16 -0.83
C ACY X . 19.62 21.99 10.09
O ACY X . 20.31 22.57 9.20
OXT ACY X . 18.82 22.69 10.78
CH3 ACY X . 19.71 20.49 10.34
C ACY Y . 13.36 25.31 10.46
O ACY Y . 13.15 26.50 10.07
OXT ACY Y . 14.39 24.68 10.06
CH3 ACY Y . 12.35 24.66 11.41
C ACY Z . 33.80 -2.01 16.90
O ACY Z . 32.88 -1.97 16.04
OXT ACY Z . 33.99 -3.04 17.59
CH3 ACY Z . 34.70 -0.79 17.09
#